data_6QGG
# 
_entry.id   6QGG 
# 
_audit_conform.dict_name       mmcif_pdbx.dic 
_audit_conform.dict_version    5.383 
_audit_conform.dict_location   http://mmcif.pdb.org/dictionaries/ascii/mmcif_pdbx.dic 
# 
loop_
_database_2.database_id 
_database_2.database_code 
_database_2.pdbx_database_accession 
_database_2.pdbx_DOI 
PDB   6QGG         pdb_00006qgg 10.2210/pdb6qgg/pdb 
WWPDB D_1292100118 ?            ?                   
# 
loop_
_pdbx_audit_revision_history.ordinal 
_pdbx_audit_revision_history.data_content_type 
_pdbx_audit_revision_history.major_revision 
_pdbx_audit_revision_history.minor_revision 
_pdbx_audit_revision_history.revision_date 
1 'Structure model' 1 0 2019-06-12 
2 'Structure model' 1 1 2019-09-11 
3 'Structure model' 1 2 2024-01-24 
# 
_pdbx_audit_revision_details.ordinal             1 
_pdbx_audit_revision_details.revision_ordinal    1 
_pdbx_audit_revision_details.data_content_type   'Structure model' 
_pdbx_audit_revision_details.provider            repository 
_pdbx_audit_revision_details.type                'Initial release' 
_pdbx_audit_revision_details.description         ? 
_pdbx_audit_revision_details.details             ? 
# 
loop_
_pdbx_audit_revision_group.ordinal 
_pdbx_audit_revision_group.revision_ordinal 
_pdbx_audit_revision_group.data_content_type 
_pdbx_audit_revision_group.group 
1 2 'Structure model' 'Data collection'        
2 2 'Structure model' 'Database references'    
3 3 'Structure model' 'Data collection'        
4 3 'Structure model' 'Database references'    
5 3 'Structure model' 'Refinement description' 
# 
loop_
_pdbx_audit_revision_category.ordinal 
_pdbx_audit_revision_category.revision_ordinal 
_pdbx_audit_revision_category.data_content_type 
_pdbx_audit_revision_category.category 
1 2 'Structure model' citation                      
2 2 'Structure model' citation_author               
3 3 'Structure model' chem_comp_atom                
4 3 'Structure model' chem_comp_bond                
5 3 'Structure model' database_2                    
6 3 'Structure model' pdbx_initial_refinement_model 
# 
loop_
_pdbx_audit_revision_item.ordinal 
_pdbx_audit_revision_item.revision_ordinal 
_pdbx_audit_revision_item.data_content_type 
_pdbx_audit_revision_item.item 
1 2 'Structure model' '_citation.journal_volume'            
2 2 'Structure model' '_citation.page_first'                
3 2 'Structure model' '_citation.page_last'                 
4 2 'Structure model' '_citation.pdbx_database_id_PubMed'   
5 2 'Structure model' '_citation.title'                     
6 2 'Structure model' '_citation_author.identifier_ORCID'   
7 2 'Structure model' '_citation_author.name'               
8 3 'Structure model' '_database_2.pdbx_DOI'                
9 3 'Structure model' '_database_2.pdbx_database_accession' 
# 
_pdbx_database_status.status_code                     REL 
_pdbx_database_status.status_code_sf                  REL 
_pdbx_database_status.status_code_mr                  ? 
_pdbx_database_status.entry_id                        6QGG 
_pdbx_database_status.recvd_initial_deposition_date   2019-01-11 
_pdbx_database_status.SG_entry                        N 
_pdbx_database_status.deposit_site                    PDBE 
_pdbx_database_status.process_site                    PDBE 
_pdbx_database_status.status_code_cs                  ? 
_pdbx_database_status.methods_development_category    ? 
_pdbx_database_status.pdb_format_compatible           Y 
_pdbx_database_status.status_code_nmr_data            ? 
# 
loop_
_pdbx_database_related.db_name 
_pdbx_database_related.details 
_pdbx_database_related.db_id 
_pdbx_database_related.content_type 
PDB 'Bcl-2 complex with PUMA peptide' 6qg8 unspecified 
PDB .                                 6QG8 unspecified 
PDB .                                 6QGK unspecified 
PDB .                                 6QGH unspecified 
PDB .                                 6QGJ unspecified 
# 
loop_
_audit_author.name 
_audit_author.pdbx_ordinal 
_audit_author.identifier_ORCID 
'Dokurno, P.'      1  0000-0002-7332-8889 
'Murray, J.'       2  0000-0003-1007-8218 
'Davidson, J.'     3  0000-0002-8301-1607 
'Chen, I.'         4  ?                   
'Davis, B.'        5  0000-0001-6759-7575 
'Graham, C.J.'     6  ?                   
'Harris, R.'       7  ?                   
'Jordan, A.M.'     8  0000-0003-3449-3993 
'Matassova, N.'    9  0000-0002-2432-4929 
'Pedder, C.'       10 ?                   
'Ray, S.'          11 0000-0003-4670-2086 
'Roughley, S.'     12 0000-0003-0683-5693 
'Smith, J.'        13 ?                   
'Walmsley, C.'     14 ?                   
'Wang, Y.'         15 ?                   
'Whitehead, N.'    16 ?                   
'Williamson, D.S.' 17 0000-0002-5094-5200 
'Casara, P.'       18 ?                   
'Le Diguarher, T.' 19 ?                   
'Hickman, J.'      20 ?                   
'Stark, J.'        21 ?                   
'Kotschy, A.'      22 0000-0002-7675-3864 
'Geneste, O.'      23 ?                   
'Hubbard, R.E.'    24 0000-0002-8233-7461 
# 
_citation.abstract                  ? 
_citation.abstract_id_CAS           ? 
_citation.book_id_ISBN              ? 
_citation.book_publisher            ? 
_citation.book_publisher_city       ? 
_citation.book_title                ? 
_citation.coordinate_linkage        ? 
_citation.country                   US 
_citation.database_id_Medline       ? 
_citation.details                   ? 
_citation.id                        primary 
_citation.journal_abbrev            'Acs Omega' 
_citation.journal_id_ASTM           ? 
_citation.journal_id_CSD            ? 
_citation.journal_id_ISSN           2470-1343 
_citation.journal_full              ? 
_citation.journal_issue             ? 
_citation.journal_volume            4 
_citation.language                  ? 
_citation.page_first                8892 
_citation.page_last                 8906 
_citation.title                     
'Establishing Drug Discovery and Identification of Hit Series for the Anti-apoptotic Proteins, Bcl-2 and Mcl-1.' 
_citation.year                      2019 
_citation.database_id_CSD           ? 
_citation.pdbx_database_id_DOI      10.1021/acsomega.9b00611 
_citation.pdbx_database_id_PubMed   31459977 
_citation.unpublished_flag          ? 
# 
loop_
_citation_author.citation_id 
_citation_author.name 
_citation_author.ordinal 
_citation_author.identifier_ORCID 
primary 'Murray, J.B.'     1  ? 
primary 'Davidson, J.'     2  ? 
primary 'Chen, I.'         3  ? 
primary 'Davis, B.'        4  ? 
primary 'Dokurno, P.'      5  ? 
primary 'Graham, C.J.'     6  ? 
primary 'Harris, R.'       7  ? 
primary 'Jordan, A.'       8  ? 
primary 'Matassova, N.'    9  ? 
primary 'Pedder, C.'       10 ? 
primary 'Ray, S.'          11 ? 
primary 'Roughley, S.D.'   12 ? 
primary 'Smith, J.'        13 ? 
primary 'Walmsley, C.'     14 ? 
primary 'Wang, Y.'         15 ? 
primary 'Whitehead, N.'    16 ? 
primary 'Williamson, D.S.' 17 ? 
primary 'Casara, P.'       18 ? 
primary 'Le Diguarher, T.' 19 ? 
primary 'Hickman, J.'      20 ? 
primary 'Stark, J.'        21 ? 
primary 'Kotschy, A.'      22 ? 
primary 'Geneste, O.'      23 ? 
primary 'Hubbard, R.E.'    24 ? 
# 
loop_
_entity.id 
_entity.type 
_entity.src_method 
_entity.pdbx_description 
_entity.formula_weight 
_entity.pdbx_number_of_molecules 
_entity.pdbx_ec 
_entity.pdbx_mutation 
_entity.pdbx_fragment 
_entity.details 
1 polymer     man 'Apoptosis regulator Bcl-2,Bcl-2-like protein 1,Apoptosis regulator Bcl-2,Bcl-2-like protein 1' 20442.461 1   ? 
'H20S, L95Q, R106L, F124G, R127Y, G128A, R129S, P168V, L175A, T178A, E179T, R183D' ? ? 
2 non-polymer syn 
;[(3~{R})-3-[[4-[[4-[4-[[2-(4-chlorophenyl)phenyl]methyl]piperazin-1-yl]phenyl]carbonylsulfamoyl]-2-nitro-phenyl]amino]-4-phenylsulfanyl-butyl]-(2-hydroxy-2-oxoethyl)-dimethyl-azanium
;
872.471   1   ? ?                                                                                  ? ? 
3 water       nat water 18.015    120 ? ?                                                                                  ? ? 
# 
_entity_name_com.entity_id   1 
_entity_name_com.name        'Bcl2-L-1,Apoptosis regulator Bcl-X,Bcl2-L-1,Apoptosis regulator Bcl-X' 
# 
_entity_poly.entity_id                      1 
_entity_poly.type                           'polypeptide(L)' 
_entity_poly.nstd_linkage                   no 
_entity_poly.nstd_monomer                   no 
_entity_poly.pdbx_seq_one_letter_code       
;MSQDNREIVMKYISYKLSQRGYEWDAGDVEENRTEAPEGTESEVVHQTLRQAGDDFSLRYRRDFAEMSSQLHLTPGTAYA
SFATVVEELFRDGVNWGRIVAFFEFGGVMCVESVNREMSVLVDNIAAWMATYLNDHLHTWIQDNGGWDAFVELYGNNAAA
ESRKGQERFLEHHHHHH
;
_entity_poly.pdbx_seq_one_letter_code_can   
;MSQDNREIVMKYISYKLSQRGYEWDAGDVEENRTEAPEGTESEVVHQTLRQAGDDFSLRYRRDFAEMSSQLHLTPGTAYA
SFATVVEELFRDGVNWGRIVAFFEFGGVMCVESVNREMSVLVDNIAAWMATYLNDHLHTWIQDNGGWDAFVELYGNNAAA
ESRKGQERFLEHHHHHH
;
_entity_poly.pdbx_strand_id                 A 
_entity_poly.pdbx_target_identifier         ? 
# 
loop_
_pdbx_entity_nonpoly.entity_id 
_pdbx_entity_nonpoly.name 
_pdbx_entity_nonpoly.comp_id 
2 
;[(3~{R})-3-[[4-[[4-[4-[[2-(4-chlorophenyl)phenyl]methyl]piperazin-1-yl]phenyl]carbonylsulfamoyl]-2-nitro-phenyl]amino]-4-phenylsulfanyl-butyl]-(2-hydroxy-2-oxoethyl)-dimethyl-azanium
;
J1H 
3 water HOH 
# 
loop_
_entity_poly_seq.entity_id 
_entity_poly_seq.num 
_entity_poly_seq.mon_id 
_entity_poly_seq.hetero 
1 1   MET n 
1 2   SER n 
1 3   GLN n 
1 4   ASP n 
1 5   ASN n 
1 6   ARG n 
1 7   GLU n 
1 8   ILE n 
1 9   VAL n 
1 10  MET n 
1 11  LYS n 
1 12  TYR n 
1 13  ILE n 
1 14  SER n 
1 15  TYR n 
1 16  LYS n 
1 17  LEU n 
1 18  SER n 
1 19  GLN n 
1 20  ARG n 
1 21  GLY n 
1 22  TYR n 
1 23  GLU n 
1 24  TRP n 
1 25  ASP n 
1 26  ALA n 
1 27  GLY n 
1 28  ASP n 
1 29  VAL n 
1 30  GLU n 
1 31  GLU n 
1 32  ASN n 
1 33  ARG n 
1 34  THR n 
1 35  GLU n 
1 36  ALA n 
1 37  PRO n 
1 38  GLU n 
1 39  GLY n 
1 40  THR n 
1 41  GLU n 
1 42  SER n 
1 43  GLU n 
1 44  VAL n 
1 45  VAL n 
1 46  HIS n 
1 47  GLN n 
1 48  THR n 
1 49  LEU n 
1 50  ARG n 
1 51  GLN n 
1 52  ALA n 
1 53  GLY n 
1 54  ASP n 
1 55  ASP n 
1 56  PHE n 
1 57  SER n 
1 58  LEU n 
1 59  ARG n 
1 60  TYR n 
1 61  ARG n 
1 62  ARG n 
1 63  ASP n 
1 64  PHE n 
1 65  ALA n 
1 66  GLU n 
1 67  MET n 
1 68  SER n 
1 69  SER n 
1 70  GLN n 
1 71  LEU n 
1 72  HIS n 
1 73  LEU n 
1 74  THR n 
1 75  PRO n 
1 76  GLY n 
1 77  THR n 
1 78  ALA n 
1 79  TYR n 
1 80  ALA n 
1 81  SER n 
1 82  PHE n 
1 83  ALA n 
1 84  THR n 
1 85  VAL n 
1 86  VAL n 
1 87  GLU n 
1 88  GLU n 
1 89  LEU n 
1 90  PHE n 
1 91  ARG n 
1 92  ASP n 
1 93  GLY n 
1 94  VAL n 
1 95  ASN n 
1 96  TRP n 
1 97  GLY n 
1 98  ARG n 
1 99  ILE n 
1 100 VAL n 
1 101 ALA n 
1 102 PHE n 
1 103 PHE n 
1 104 GLU n 
1 105 PHE n 
1 106 GLY n 
1 107 GLY n 
1 108 VAL n 
1 109 MET n 
1 110 CYS n 
1 111 VAL n 
1 112 GLU n 
1 113 SER n 
1 114 VAL n 
1 115 ASN n 
1 116 ARG n 
1 117 GLU n 
1 118 MET n 
1 119 SER n 
1 120 VAL n 
1 121 LEU n 
1 122 VAL n 
1 123 ASP n 
1 124 ASN n 
1 125 ILE n 
1 126 ALA n 
1 127 ALA n 
1 128 TRP n 
1 129 MET n 
1 130 ALA n 
1 131 THR n 
1 132 TYR n 
1 133 LEU n 
1 134 ASN n 
1 135 ASP n 
1 136 HIS n 
1 137 LEU n 
1 138 HIS n 
1 139 THR n 
1 140 TRP n 
1 141 ILE n 
1 142 GLN n 
1 143 ASP n 
1 144 ASN n 
1 145 GLY n 
1 146 GLY n 
1 147 TRP n 
1 148 ASP n 
1 149 ALA n 
1 150 PHE n 
1 151 VAL n 
1 152 GLU n 
1 153 LEU n 
1 154 TYR n 
1 155 GLY n 
1 156 ASN n 
1 157 ASN n 
1 158 ALA n 
1 159 ALA n 
1 160 ALA n 
1 161 GLU n 
1 162 SER n 
1 163 ARG n 
1 164 LYS n 
1 165 GLY n 
1 166 GLN n 
1 167 GLU n 
1 168 ARG n 
1 169 PHE n 
1 170 LEU n 
1 171 GLU n 
1 172 HIS n 
1 173 HIS n 
1 174 HIS n 
1 175 HIS n 
1 176 HIS n 
1 177 HIS n 
# 
loop_
_entity_src_gen.entity_id 
_entity_src_gen.pdbx_src_id 
_entity_src_gen.pdbx_alt_source_flag 
_entity_src_gen.pdbx_seq_type 
_entity_src_gen.pdbx_beg_seq_num 
_entity_src_gen.pdbx_end_seq_num 
_entity_src_gen.gene_src_common_name 
_entity_src_gen.gene_src_genus 
_entity_src_gen.pdbx_gene_src_gene 
_entity_src_gen.gene_src_species 
_entity_src_gen.gene_src_strain 
_entity_src_gen.gene_src_tissue 
_entity_src_gen.gene_src_tissue_fraction 
_entity_src_gen.gene_src_details 
_entity_src_gen.pdbx_gene_src_fragment 
_entity_src_gen.pdbx_gene_src_scientific_name 
_entity_src_gen.pdbx_gene_src_ncbi_taxonomy_id 
_entity_src_gen.pdbx_gene_src_variant 
_entity_src_gen.pdbx_gene_src_cell_line 
_entity_src_gen.pdbx_gene_src_atcc 
_entity_src_gen.pdbx_gene_src_organ 
_entity_src_gen.pdbx_gene_src_organelle 
_entity_src_gen.pdbx_gene_src_cell 
_entity_src_gen.pdbx_gene_src_cellular_location 
_entity_src_gen.host_org_common_name 
_entity_src_gen.pdbx_host_org_scientific_name 
_entity_src_gen.pdbx_host_org_ncbi_taxonomy_id 
_entity_src_gen.host_org_genus 
_entity_src_gen.pdbx_host_org_gene 
_entity_src_gen.pdbx_host_org_organ 
_entity_src_gen.host_org_species 
_entity_src_gen.pdbx_host_org_tissue 
_entity_src_gen.pdbx_host_org_tissue_fraction 
_entity_src_gen.pdbx_host_org_strain 
_entity_src_gen.pdbx_host_org_variant 
_entity_src_gen.pdbx_host_org_cell_line 
_entity_src_gen.pdbx_host_org_atcc 
_entity_src_gen.pdbx_host_org_culture_collection 
_entity_src_gen.pdbx_host_org_cell 
_entity_src_gen.pdbx_host_org_organelle 
_entity_src_gen.pdbx_host_org_cellular_location 
_entity_src_gen.pdbx_host_org_vector_type 
_entity_src_gen.pdbx_host_org_vector 
_entity_src_gen.host_org_details 
_entity_src_gen.expression_system_id 
_entity_src_gen.plasmid_name 
_entity_src_gen.plasmid_details 
_entity_src_gen.pdbx_description 
1 1 sample 'Biological sequence' 1   27  Human ? BCL2                  ? ? ? ? ? ? 'Homo sapiens' 9606 ? ? ? ? ? ? ? ? 
'Escherichia coli BL21' 511693 ? ? ? ? ? ? ? pLysS ? ? ? ? ? ? ? ? ? ? ? ? ? 
1 2 sample 'Biological sequence' 28  43  Human ? 'BCL2L1, BCL2L, BCLX' ? ? ? ? ? ? 'Homo sapiens' 9606 ? ? ? ? ? ? ? ? 
'Escherichia coli BL21' 511693 ? ? ? ? ? ? ? pLysS ? ? ? ? ? ? ? ? ? ? ? ? ? 
1 3 sample 'Biological sequence' 44  155 Human ? BCL2                  ? ? ? ? ? ? 'Homo sapiens' 9606 ? ? ? ? ? ? ? ? 
'Escherichia coli BL21' 511693 ? ? ? ? ? ? ? pLysS ? ? ? ? ? ? ? ? ? ? ? ? ? 
1 4 sample 'Biological sequence' 156 177 Human ? 'BCL2L1, BCL2L, BCLX' ? ? ? ? ? ? 'Homo sapiens' 9606 ? ? ? ? ? ? ? ? 
'Escherichia coli BL21' 511693 ? ? ? ? ? ? ? pLysS ? ? ? ? ? ? ? ? ? ? ? ? ? 
# 
loop_
_chem_comp.id 
_chem_comp.type 
_chem_comp.mon_nstd_flag 
_chem_comp.name 
_chem_comp.pdbx_synonyms 
_chem_comp.formula 
_chem_comp.formula_weight 
ALA 'L-peptide linking' y ALANINE ? 'C3 H7 N O2'            89.093  
ARG 'L-peptide linking' y ARGININE ? 'C6 H15 N4 O2 1'        175.209 
ASN 'L-peptide linking' y ASPARAGINE ? 'C4 H8 N2 O3'           132.118 
ASP 'L-peptide linking' y 'ASPARTIC ACID' ? 'C4 H7 N O4'            133.103 
CYS 'L-peptide linking' y CYSTEINE ? 'C3 H7 N O2 S'          121.158 
GLN 'L-peptide linking' y GLUTAMINE ? 'C5 H10 N2 O3'          146.144 
GLU 'L-peptide linking' y 'GLUTAMIC ACID' ? 'C5 H9 N O4'            147.129 
GLY 'peptide linking'   y GLYCINE ? 'C2 H5 N O2'            75.067  
HIS 'L-peptide linking' y HISTIDINE ? 'C6 H10 N3 O2 1'        156.162 
HOH non-polymer         . WATER ? 'H2 O'                  18.015  
ILE 'L-peptide linking' y ISOLEUCINE ? 'C6 H13 N O2'           131.173 
J1H non-polymer         . 
;[(3~{R})-3-[[4-[[4-[4-[[2-(4-chlorophenyl)phenyl]methyl]piperazin-1-yl]phenyl]carbonylsulfamoyl]-2-nitro-phenyl]amino]-4-phenylsulfanyl-butyl]-(2-hydroxy-2-oxoethyl)-dimethyl-azanium
;
? 'C44 H48 Cl N6 O7 S2 1' 872.471 
LEU 'L-peptide linking' y LEUCINE ? 'C6 H13 N O2'           131.173 
LYS 'L-peptide linking' y LYSINE ? 'C6 H15 N2 O2 1'        147.195 
MET 'L-peptide linking' y METHIONINE ? 'C5 H11 N O2 S'         149.211 
PHE 'L-peptide linking' y PHENYLALANINE ? 'C9 H11 N O2'           165.189 
PRO 'L-peptide linking' y PROLINE ? 'C5 H9 N O2'            115.130 
SER 'L-peptide linking' y SERINE ? 'C3 H7 N O3'            105.093 
THR 'L-peptide linking' y THREONINE ? 'C4 H9 N O3'            119.119 
TRP 'L-peptide linking' y TRYPTOPHAN ? 'C11 H12 N2 O2'         204.225 
TYR 'L-peptide linking' y TYROSINE ? 'C9 H11 N O3'           181.189 
VAL 'L-peptide linking' y VALINE ? 'C5 H11 N O2'           117.146 
# 
loop_
_pdbx_poly_seq_scheme.asym_id 
_pdbx_poly_seq_scheme.entity_id 
_pdbx_poly_seq_scheme.seq_id 
_pdbx_poly_seq_scheme.mon_id 
_pdbx_poly_seq_scheme.ndb_seq_num 
_pdbx_poly_seq_scheme.pdb_seq_num 
_pdbx_poly_seq_scheme.auth_seq_num 
_pdbx_poly_seq_scheme.pdb_mon_id 
_pdbx_poly_seq_scheme.auth_mon_id 
_pdbx_poly_seq_scheme.pdb_strand_id 
_pdbx_poly_seq_scheme.pdb_ins_code 
_pdbx_poly_seq_scheme.hetero 
A 1 1   MET 1   7   ?   ?   ?   A . n 
A 1 2   SER 2   8   8   SER SER A . n 
A 1 3   GLN 3   9   9   GLN GLN A . n 
A 1 4   ASP 4   10  10  ASP ASP A . n 
A 1 5   ASN 5   11  11  ASN ASN A . n 
A 1 6   ARG 6   12  12  ARG ARG A . n 
A 1 7   GLU 7   13  13  GLU GLU A . n 
A 1 8   ILE 8   14  14  ILE ILE A . n 
A 1 9   VAL 9   15  15  VAL VAL A . n 
A 1 10  MET 10  16  16  MET MET A . n 
A 1 11  LYS 11  17  17  LYS LYS A . n 
A 1 12  TYR 12  18  18  TYR TYR A . n 
A 1 13  ILE 13  19  19  ILE ILE A . n 
A 1 14  SER 14  20  20  SER SER A . n 
A 1 15  TYR 15  21  21  TYR TYR A . n 
A 1 16  LYS 16  22  22  LYS LYS A . n 
A 1 17  LEU 17  23  23  LEU LEU A . n 
A 1 18  SER 18  24  24  SER SER A . n 
A 1 19  GLN 19  25  25  GLN GLN A . n 
A 1 20  ARG 20  26  26  ARG ARG A . n 
A 1 21  GLY 21  27  27  GLY GLY A . n 
A 1 22  TYR 22  28  28  TYR TYR A . n 
A 1 23  GLU 23  29  29  GLU GLU A . n 
A 1 24  TRP 24  30  30  TRP TRP A . n 
A 1 25  ASP 25  31  31  ASP ASP A . n 
A 1 26  ALA 26  32  ?   ?   ?   A . n 
A 1 27  GLY 27  33  ?   ?   ?   A . n 
A 1 28  ASP 28  34  ?   ?   ?   A . n 
A 1 29  VAL 29  35  ?   ?   ?   A . n 
A 1 30  GLU 30  36  ?   ?   ?   A . n 
A 1 31  GLU 31  37  ?   ?   ?   A . n 
A 1 32  ASN 32  38  ?   ?   ?   A . n 
A 1 33  ARG 33  39  ?   ?   ?   A . n 
A 1 34  THR 34  40  ?   ?   ?   A . n 
A 1 35  GLU 35  41  ?   ?   ?   A . n 
A 1 36  ALA 36  42  ?   ?   ?   A . n 
A 1 37  PRO 37  43  ?   ?   ?   A . n 
A 1 38  GLU 38  44  ?   ?   ?   A . n 
A 1 39  GLY 39  45  ?   ?   ?   A . n 
A 1 40  THR 40  46  88  THR THR A . n 
A 1 41  GLU 41  47  89  GLU GLU A . n 
A 1 42  SER 42  48  90  SER SER A . n 
A 1 43  GLU 43  49  91  GLU GLU A . n 
A 1 44  VAL 44  92  92  VAL VAL A . n 
A 1 45  VAL 45  93  93  VAL VAL A . n 
A 1 46  HIS 46  94  94  HIS HIS A . n 
A 1 47  GLN 47  95  95  GLN GLN A . n 
A 1 48  THR 48  96  96  THR THR A . n 
A 1 49  LEU 49  97  97  LEU LEU A . n 
A 1 50  ARG 50  98  98  ARG ARG A . n 
A 1 51  GLN 51  99  99  GLN GLN A . n 
A 1 52  ALA 52  100 100 ALA ALA A . n 
A 1 53  GLY 53  101 101 GLY GLY A . n 
A 1 54  ASP 54  102 102 ASP ASP A . n 
A 1 55  ASP 55  103 103 ASP ASP A . n 
A 1 56  PHE 56  104 104 PHE PHE A . n 
A 1 57  SER 57  105 105 SER SER A . n 
A 1 58  LEU 58  106 106 LEU LEU A . n 
A 1 59  ARG 59  107 107 ARG ARG A . n 
A 1 60  TYR 60  108 108 TYR TYR A . n 
A 1 61  ARG 61  109 109 ARG ARG A . n 
A 1 62  ARG 62  110 110 ARG ARG A . n 
A 1 63  ASP 63  111 111 ASP ASP A . n 
A 1 64  PHE 64  112 112 PHE PHE A . n 
A 1 65  ALA 65  113 113 ALA ALA A . n 
A 1 66  GLU 66  114 114 GLU GLU A . n 
A 1 67  MET 67  115 115 MET MET A . n 
A 1 68  SER 68  116 116 SER SER A . n 
A 1 69  SER 69  117 117 SER SER A . n 
A 1 70  GLN 70  118 118 GLN GLN A . n 
A 1 71  LEU 71  119 119 LEU LEU A . n 
A 1 72  HIS 72  120 120 HIS HIS A . n 
A 1 73  LEU 73  121 121 LEU LEU A . n 
A 1 74  THR 74  122 122 THR THR A . n 
A 1 75  PRO 75  123 123 PRO PRO A . n 
A 1 76  GLY 76  124 124 GLY GLY A . n 
A 1 77  THR 77  125 125 THR THR A . n 
A 1 78  ALA 78  126 126 ALA ALA A . n 
A 1 79  TYR 79  127 127 TYR TYR A . n 
A 1 80  ALA 80  128 128 ALA ALA A . n 
A 1 81  SER 81  129 129 SER SER A . n 
A 1 82  PHE 82  130 130 PHE PHE A . n 
A 1 83  ALA 83  131 131 ALA ALA A . n 
A 1 84  THR 84  132 132 THR THR A . n 
A 1 85  VAL 85  133 133 VAL VAL A . n 
A 1 86  VAL 86  134 134 VAL VAL A . n 
A 1 87  GLU 87  135 135 GLU GLU A . n 
A 1 88  GLU 88  136 136 GLU GLU A . n 
A 1 89  LEU 89  137 137 LEU LEU A . n 
A 1 90  PHE 90  138 138 PHE PHE A . n 
A 1 91  ARG 91  139 139 ARG ARG A . n 
A 1 92  ASP 92  140 140 ASP ASP A . n 
A 1 93  GLY 93  141 141 GLY GLY A . n 
A 1 94  VAL 94  142 142 VAL VAL A . n 
A 1 95  ASN 95  143 143 ASN ASN A . n 
A 1 96  TRP 96  144 144 TRP TRP A . n 
A 1 97  GLY 97  145 145 GLY GLY A . n 
A 1 98  ARG 98  146 146 ARG ARG A . n 
A 1 99  ILE 99  147 147 ILE ILE A . n 
A 1 100 VAL 100 148 148 VAL VAL A . n 
A 1 101 ALA 101 149 149 ALA ALA A . n 
A 1 102 PHE 102 150 150 PHE PHE A . n 
A 1 103 PHE 103 151 151 PHE PHE A . n 
A 1 104 GLU 104 152 152 GLU GLU A . n 
A 1 105 PHE 105 153 153 PHE PHE A . n 
A 1 106 GLY 106 154 154 GLY GLY A . n 
A 1 107 GLY 107 155 155 GLY GLY A . n 
A 1 108 VAL 108 156 156 VAL VAL A . n 
A 1 109 MET 109 157 157 MET MET A . n 
A 1 110 CYS 110 158 158 CYS CYS A . n 
A 1 111 VAL 111 159 159 VAL VAL A . n 
A 1 112 GLU 112 160 160 GLU GLU A . n 
A 1 113 SER 113 161 161 SER SER A . n 
A 1 114 VAL 114 162 162 VAL VAL A . n 
A 1 115 ASN 115 163 163 ASN ASN A . n 
A 1 116 ARG 116 164 164 ARG ARG A . n 
A 1 117 GLU 117 165 165 GLU GLU A . n 
A 1 118 MET 118 166 166 MET MET A . n 
A 1 119 SER 119 167 167 SER SER A . n 
A 1 120 VAL 120 168 168 VAL VAL A . n 
A 1 121 LEU 121 169 169 LEU LEU A . n 
A 1 122 VAL 122 170 170 VAL VAL A . n 
A 1 123 ASP 123 171 171 ASP ASP A . n 
A 1 124 ASN 124 172 172 ASN ASN A . n 
A 1 125 ILE 125 173 173 ILE ILE A . n 
A 1 126 ALA 126 174 174 ALA ALA A . n 
A 1 127 ALA 127 175 175 ALA ALA A . n 
A 1 128 TRP 128 176 176 TRP TRP A . n 
A 1 129 MET 129 177 177 MET MET A . n 
A 1 130 ALA 130 178 178 ALA ALA A . n 
A 1 131 THR 131 179 179 THR THR A . n 
A 1 132 TYR 132 180 180 TYR TYR A . n 
A 1 133 LEU 133 181 181 LEU LEU A . n 
A 1 134 ASN 134 182 182 ASN ASN A . n 
A 1 135 ASP 135 183 183 ASP ASP A . n 
A 1 136 HIS 136 184 184 HIS HIS A . n 
A 1 137 LEU 137 185 185 LEU LEU A . n 
A 1 138 HIS 138 186 186 HIS HIS A . n 
A 1 139 THR 139 187 187 THR THR A . n 
A 1 140 TRP 140 188 188 TRP TRP A . n 
A 1 141 ILE 141 189 189 ILE ILE A . n 
A 1 142 GLN 142 190 190 GLN GLN A . n 
A 1 143 ASP 143 191 191 ASP ASP A . n 
A 1 144 ASN 144 192 192 ASN ASN A . n 
A 1 145 GLY 145 193 193 GLY GLY A . n 
A 1 146 GLY 146 194 194 GLY GLY A . n 
A 1 147 TRP 147 195 195 TRP TRP A . n 
A 1 148 ASP 148 196 196 ASP ASP A . n 
A 1 149 ALA 149 197 197 ALA ALA A . n 
A 1 150 PHE 150 198 198 PHE PHE A . n 
A 1 151 VAL 151 199 199 VAL VAL A . n 
A 1 152 GLU 152 200 200 GLU GLU A . n 
A 1 153 LEU 153 201 201 LEU LEU A . n 
A 1 154 TYR 154 202 202 TYR TYR A . n 
A 1 155 GLY 155 203 203 GLY GLY A . n 
A 1 156 ASN 156 204 ?   ?   ?   A . n 
A 1 157 ASN 157 205 ?   ?   ?   A . n 
A 1 158 ALA 158 206 ?   ?   ?   A . n 
A 1 159 ALA 159 207 ?   ?   ?   A . n 
A 1 160 ALA 160 208 ?   ?   ?   A . n 
A 1 161 GLU 161 209 ?   ?   ?   A . n 
A 1 162 SER 162 210 ?   ?   ?   A . n 
A 1 163 ARG 163 211 ?   ?   ?   A . n 
A 1 164 LYS 164 212 ?   ?   ?   A . n 
A 1 165 GLY 165 213 ?   ?   ?   A . n 
A 1 166 GLN 166 214 ?   ?   ?   A . n 
A 1 167 GLU 167 215 ?   ?   ?   A . n 
A 1 168 ARG 168 216 ?   ?   ?   A . n 
A 1 169 PHE 169 217 ?   ?   ?   A . n 
A 1 170 LEU 170 218 ?   ?   ?   A . n 
A 1 171 GLU 171 219 ?   ?   ?   A . n 
A 1 172 HIS 172 220 ?   ?   ?   A . n 
A 1 173 HIS 173 221 ?   ?   ?   A . n 
A 1 174 HIS 174 222 ?   ?   ?   A . n 
A 1 175 HIS 175 223 ?   ?   ?   A . n 
A 1 176 HIS 176 224 ?   ?   ?   A . n 
A 1 177 HIS 177 225 ?   ?   ?   A . n 
# 
loop_
_pdbx_nonpoly_scheme.asym_id 
_pdbx_nonpoly_scheme.entity_id 
_pdbx_nonpoly_scheme.mon_id 
_pdbx_nonpoly_scheme.ndb_seq_num 
_pdbx_nonpoly_scheme.pdb_seq_num 
_pdbx_nonpoly_scheme.auth_seq_num 
_pdbx_nonpoly_scheme.pdb_mon_id 
_pdbx_nonpoly_scheme.auth_mon_id 
_pdbx_nonpoly_scheme.pdb_strand_id 
_pdbx_nonpoly_scheme.pdb_ins_code 
B 2 J1H 1   401 401 J1H UNK A . 
C 3 HOH 1   501 42  HOH HOH A . 
C 3 HOH 2   502 113 HOH HOH A . 
C 3 HOH 3   503 115 HOH HOH A . 
C 3 HOH 4   504 38  HOH HOH A . 
C 3 HOH 5   505 28  HOH HOH A . 
C 3 HOH 6   506 102 HOH HOH A . 
C 3 HOH 7   507 75  HOH HOH A . 
C 3 HOH 8   508 114 HOH HOH A . 
C 3 HOH 9   509 95  HOH HOH A . 
C 3 HOH 10  510 39  HOH HOH A . 
C 3 HOH 11  511 60  HOH HOH A . 
C 3 HOH 12  512 98  HOH HOH A . 
C 3 HOH 13  513 36  HOH HOH A . 
C 3 HOH 14  514 88  HOH HOH A . 
C 3 HOH 15  515 31  HOH HOH A . 
C 3 HOH 16  516 69  HOH HOH A . 
C 3 HOH 17  517 74  HOH HOH A . 
C 3 HOH 18  518 48  HOH HOH A . 
C 3 HOH 19  519 107 HOH HOH A . 
C 3 HOH 20  520 2   HOH HOH A . 
C 3 HOH 21  521 53  HOH HOH A . 
C 3 HOH 22  522 87  HOH HOH A . 
C 3 HOH 23  523 84  HOH HOH A . 
C 3 HOH 24  524 7   HOH HOH A . 
C 3 HOH 25  525 83  HOH HOH A . 
C 3 HOH 26  526 13  HOH HOH A . 
C 3 HOH 27  527 9   HOH HOH A . 
C 3 HOH 28  528 96  HOH HOH A . 
C 3 HOH 29  529 59  HOH HOH A . 
C 3 HOH 30  530 40  HOH HOH A . 
C 3 HOH 31  531 62  HOH HOH A . 
C 3 HOH 32  532 41  HOH HOH A . 
C 3 HOH 33  533 5   HOH HOH A . 
C 3 HOH 34  534 67  HOH HOH A . 
C 3 HOH 35  535 101 HOH HOH A . 
C 3 HOH 36  536 29  HOH HOH A . 
C 3 HOH 37  537 17  HOH HOH A . 
C 3 HOH 38  538 10  HOH HOH A . 
C 3 HOH 39  539 52  HOH HOH A . 
C 3 HOH 40  540 11  HOH HOH A . 
C 3 HOH 41  541 79  HOH HOH A . 
C 3 HOH 42  542 89  HOH HOH A . 
C 3 HOH 43  543 49  HOH HOH A . 
C 3 HOH 44  544 63  HOH HOH A . 
C 3 HOH 45  545 15  HOH HOH A . 
C 3 HOH 46  546 55  HOH HOH A . 
C 3 HOH 47  547 47  HOH HOH A . 
C 3 HOH 48  548 91  HOH HOH A . 
C 3 HOH 49  549 99  HOH HOH A . 
C 3 HOH 50  550 18  HOH HOH A . 
C 3 HOH 51  551 1   HOH HOH A . 
C 3 HOH 52  552 43  HOH HOH A . 
C 3 HOH 53  553 111 HOH HOH A . 
C 3 HOH 54  554 14  HOH HOH A . 
C 3 HOH 55  555 16  HOH HOH A . 
C 3 HOH 56  556 51  HOH HOH A . 
C 3 HOH 57  557 30  HOH HOH A . 
C 3 HOH 58  558 120 HOH HOH A . 
C 3 HOH 59  559 82  HOH HOH A . 
C 3 HOH 60  560 6   HOH HOH A . 
C 3 HOH 61  561 24  HOH HOH A . 
C 3 HOH 62  562 46  HOH HOH A . 
C 3 HOH 63  563 57  HOH HOH A . 
C 3 HOH 64  564 100 HOH HOH A . 
C 3 HOH 65  565 70  HOH HOH A . 
C 3 HOH 66  566 97  HOH HOH A . 
C 3 HOH 67  567 23  HOH HOH A . 
C 3 HOH 68  568 4   HOH HOH A . 
C 3 HOH 69  569 25  HOH HOH A . 
C 3 HOH 70  570 37  HOH HOH A . 
C 3 HOH 71  571 33  HOH HOH A . 
C 3 HOH 72  572 54  HOH HOH A . 
C 3 HOH 73  573 80  HOH HOH A . 
C 3 HOH 74  574 103 HOH HOH A . 
C 3 HOH 75  575 12  HOH HOH A . 
C 3 HOH 76  576 93  HOH HOH A . 
C 3 HOH 77  577 3   HOH HOH A . 
C 3 HOH 78  578 22  HOH HOH A . 
C 3 HOH 79  579 32  HOH HOH A . 
C 3 HOH 80  580 78  HOH HOH A . 
C 3 HOH 81  581 77  HOH HOH A . 
C 3 HOH 82  582 19  HOH HOH A . 
C 3 HOH 83  583 50  HOH HOH A . 
C 3 HOH 84  584 21  HOH HOH A . 
C 3 HOH 85  585 58  HOH HOH A . 
C 3 HOH 86  586 81  HOH HOH A . 
C 3 HOH 87  587 61  HOH HOH A . 
C 3 HOH 88  588 34  HOH HOH A . 
C 3 HOH 89  589 118 HOH HOH A . 
C 3 HOH 90  590 109 HOH HOH A . 
C 3 HOH 91  591 44  HOH HOH A . 
C 3 HOH 92  592 92  HOH HOH A . 
C 3 HOH 93  593 65  HOH HOH A . 
C 3 HOH 94  594 27  HOH HOH A . 
C 3 HOH 95  595 116 HOH HOH A . 
C 3 HOH 96  596 112 HOH HOH A . 
C 3 HOH 97  597 104 HOH HOH A . 
C 3 HOH 98  598 73  HOH HOH A . 
C 3 HOH 99  599 35  HOH HOH A . 
C 3 HOH 100 600 68  HOH HOH A . 
C 3 HOH 101 601 26  HOH HOH A . 
C 3 HOH 102 602 117 HOH HOH A . 
C 3 HOH 103 603 76  HOH HOH A . 
C 3 HOH 104 604 72  HOH HOH A . 
C 3 HOH 105 605 8   HOH HOH A . 
C 3 HOH 106 606 110 HOH HOH A . 
C 3 HOH 107 607 56  HOH HOH A . 
C 3 HOH 108 608 20  HOH HOH A . 
C 3 HOH 109 609 105 HOH HOH A . 
C 3 HOH 110 610 86  HOH HOH A . 
C 3 HOH 111 611 90  HOH HOH A . 
C 3 HOH 112 612 45  HOH HOH A . 
C 3 HOH 113 613 94  HOH HOH A . 
C 3 HOH 114 614 106 HOH HOH A . 
C 3 HOH 115 615 108 HOH HOH A . 
C 3 HOH 116 616 119 HOH HOH A . 
C 3 HOH 117 617 85  HOH HOH A . 
C 3 HOH 118 618 64  HOH HOH A . 
C 3 HOH 119 619 71  HOH HOH A . 
C 3 HOH 120 620 66  HOH HOH A . 
# 
loop_
_pdbx_unobs_or_zero_occ_atoms.id 
_pdbx_unobs_or_zero_occ_atoms.PDB_model_num 
_pdbx_unobs_or_zero_occ_atoms.polymer_flag 
_pdbx_unobs_or_zero_occ_atoms.occupancy_flag 
_pdbx_unobs_or_zero_occ_atoms.auth_asym_id 
_pdbx_unobs_or_zero_occ_atoms.auth_comp_id 
_pdbx_unobs_or_zero_occ_atoms.auth_seq_id 
_pdbx_unobs_or_zero_occ_atoms.PDB_ins_code 
_pdbx_unobs_or_zero_occ_atoms.auth_atom_id 
_pdbx_unobs_or_zero_occ_atoms.label_alt_id 
_pdbx_unobs_or_zero_occ_atoms.label_asym_id 
_pdbx_unobs_or_zero_occ_atoms.label_comp_id 
_pdbx_unobs_or_zero_occ_atoms.label_seq_id 
_pdbx_unobs_or_zero_occ_atoms.label_atom_id 
1 1 Y 1 A GLU 29 ? CG  ? A GLU 23 CG  
2 1 Y 1 A GLU 29 ? CD  ? A GLU 23 CD  
3 1 Y 1 A GLU 29 ? OE1 ? A GLU 23 OE1 
4 1 Y 1 A GLU 29 ? OE2 ? A GLU 23 OE2 
5 1 Y 1 A ASP 31 ? CG  ? A ASP 25 CG  
6 1 Y 1 A ASP 31 ? OD1 ? A ASP 25 OD1 
7 1 Y 1 A ASP 31 ? OD2 ? A ASP 25 OD2 
# 
loop_
_software.citation_id 
_software.classification 
_software.compiler_name 
_software.compiler_version 
_software.contact_author 
_software.contact_author_email 
_software.date 
_software.description 
_software.dependencies 
_software.hardware 
_software.language 
_software.location 
_software.mods 
_software.name 
_software.os 
_software.os_version 
_software.type 
_software.version 
_software.pdbx_ordinal 
? 'data scaling'    ? ? ? ? ? ? ? ? ? ? ? SCALEPACK   ? ? ? .        1 
? refinement        ? ? ? ? ? ? ? ? ? ? ? REFMAC      ? ? ? 5.8.0230 2 
? 'data extraction' ? ? ? ? ? ? ? ? ? ? ? PDB_EXTRACT ? ? ? 3.24     3 
? 'data reduction'  ? ? ? ? ? ? ? ? ? ? ? DENZO       ? ? ? .        4 
? phasing           ? ? ? ? ? ? ? ? ? ? ? MOLREP      ? ? ? .        5 
# 
_cell.angle_alpha                  90.000 
_cell.angle_alpha_esd              ? 
_cell.angle_beta                   90.000 
_cell.angle_beta_esd               ? 
_cell.angle_gamma                  90.000 
_cell.angle_gamma_esd              ? 
_cell.entry_id                     6QGG 
_cell.details                      ? 
_cell.formula_units_Z              ? 
_cell.length_a                     55.277 
_cell.length_a_esd                 ? 
_cell.length_b                     55.277 
_cell.length_b_esd                 ? 
_cell.length_c                     58.593 
_cell.length_c_esd                 ? 
_cell.volume                       ? 
_cell.volume_esd                   ? 
_cell.Z_PDB                        4 
_cell.reciprocal_angle_alpha       ? 
_cell.reciprocal_angle_beta        ? 
_cell.reciprocal_angle_gamma       ? 
_cell.reciprocal_angle_alpha_esd   ? 
_cell.reciprocal_angle_beta_esd    ? 
_cell.reciprocal_angle_gamma_esd   ? 
_cell.reciprocal_length_a          ? 
_cell.reciprocal_length_b          ? 
_cell.reciprocal_length_c          ? 
_cell.reciprocal_length_a_esd      ? 
_cell.reciprocal_length_b_esd      ? 
_cell.reciprocal_length_c_esd      ? 
_cell.pdbx_unique_axis             ? 
# 
_symmetry.entry_id                         6QGG 
_symmetry.cell_setting                     ? 
_symmetry.Int_Tables_number                76 
_symmetry.space_group_name_Hall            ? 
_symmetry.space_group_name_H-M             'P 41' 
_symmetry.pdbx_full_space_group_name_H-M   ? 
# 
_exptl.absorpt_coefficient_mu     ? 
_exptl.absorpt_correction_T_max   ? 
_exptl.absorpt_correction_T_min   ? 
_exptl.absorpt_correction_type    ? 
_exptl.absorpt_process_details    ? 
_exptl.entry_id                   6QGG 
_exptl.crystals_number            1 
_exptl.details                    ? 
_exptl.method                     'X-RAY DIFFRACTION' 
_exptl.method_details             ? 
# 
_exptl_crystal.colour                      ? 
_exptl_crystal.density_diffrn              ? 
_exptl_crystal.density_Matthews            2.19 
_exptl_crystal.density_method              ? 
_exptl_crystal.density_percent_sol         43.82 
_exptl_crystal.description                 ? 
_exptl_crystal.F_000                       ? 
_exptl_crystal.id                          1 
_exptl_crystal.preparation                 ? 
_exptl_crystal.size_max                    ? 
_exptl_crystal.size_mid                    ? 
_exptl_crystal.size_min                    ? 
_exptl_crystal.size_rad                    ? 
_exptl_crystal.colour_lustre               ? 
_exptl_crystal.colour_modifier             ? 
_exptl_crystal.colour_primary              ? 
_exptl_crystal.density_meas                ? 
_exptl_crystal.density_meas_esd            ? 
_exptl_crystal.density_meas_gt             ? 
_exptl_crystal.density_meas_lt             ? 
_exptl_crystal.density_meas_temp           ? 
_exptl_crystal.density_meas_temp_esd       ? 
_exptl_crystal.density_meas_temp_gt        ? 
_exptl_crystal.density_meas_temp_lt        ? 
_exptl_crystal.pdbx_crystal_image_url      ? 
_exptl_crystal.pdbx_crystal_image_format   ? 
_exptl_crystal.pdbx_mosaicity              ? 
_exptl_crystal.pdbx_mosaicity_esd          ? 
# 
_exptl_crystal_grow.apparatus       ? 
_exptl_crystal_grow.atmosphere      ? 
_exptl_crystal_grow.crystal_id      1 
_exptl_crystal_grow.details         ? 
_exptl_crystal_grow.method          'VAPOR DIFFUSION, SITTING DROP' 
_exptl_crystal_grow.method_ref      ? 
_exptl_crystal_grow.pH              5.6 
_exptl_crystal_grow.pressure        ? 
_exptl_crystal_grow.pressure_esd    ? 
_exptl_crystal_grow.seeding         ? 
_exptl_crystal_grow.seeding_ref     ? 
_exptl_crystal_grow.temp            284 
_exptl_crystal_grow.temp_details    ? 
_exptl_crystal_grow.temp_esd        ? 
_exptl_crystal_grow.time            ? 
_exptl_crystal_grow.pdbx_details    '1.4M Na/K phosphate pH 5.6' 
_exptl_crystal_grow.pdbx_pH_range   ? 
# 
_diffrn.ambient_environment              ? 
_diffrn.ambient_temp                     100 
_diffrn.ambient_temp_details             ? 
_diffrn.ambient_temp_esd                 ? 
_diffrn.crystal_id                       1 
_diffrn.crystal_support                  ? 
_diffrn.crystal_treatment                ? 
_diffrn.details                          ? 
_diffrn.id                               1 
_diffrn.ambient_pressure                 ? 
_diffrn.ambient_pressure_esd             ? 
_diffrn.ambient_pressure_gt              ? 
_diffrn.ambient_pressure_lt              ? 
_diffrn.ambient_temp_gt                  ? 
_diffrn.ambient_temp_lt                  ? 
_diffrn.pdbx_serial_crystal_experiment   N 
# 
_diffrn_detector.details                      ? 
_diffrn_detector.detector                     CCD 
_diffrn_detector.diffrn_id                    1 
_diffrn_detector.type                         'ADSC QUANTUM 315' 
_diffrn_detector.area_resol_mean              ? 
_diffrn_detector.dtime                        ? 
_diffrn_detector.pdbx_frames_total            ? 
_diffrn_detector.pdbx_collection_time_total   ? 
_diffrn_detector.pdbx_collection_date         2008-08-07 
_diffrn_detector.pdbx_frequency               ? 
# 
_diffrn_radiation.collimation                      ? 
_diffrn_radiation.diffrn_id                        1 
_diffrn_radiation.filter_edge                      ? 
_diffrn_radiation.inhomogeneity                    ? 
_diffrn_radiation.monochromator                    mirrors 
_diffrn_radiation.polarisn_norm                    ? 
_diffrn_radiation.polarisn_ratio                   ? 
_diffrn_radiation.probe                            ? 
_diffrn_radiation.type                             ? 
_diffrn_radiation.xray_symbol                      ? 
_diffrn_radiation.wavelength_id                    1 
_diffrn_radiation.pdbx_monochromatic_or_laue_m_l   M 
_diffrn_radiation.pdbx_wavelength_list             ? 
_diffrn_radiation.pdbx_wavelength                  ? 
_diffrn_radiation.pdbx_diffrn_protocol             'SINGLE WAVELENGTH' 
_diffrn_radiation.pdbx_analyzer                    ? 
_diffrn_radiation.pdbx_scattering_type             x-ray 
# 
_diffrn_radiation_wavelength.id           1 
_diffrn_radiation_wavelength.wavelength   0.97 
_diffrn_radiation_wavelength.wt           1.0 
# 
_diffrn_source.current                     ? 
_diffrn_source.details                     ? 
_diffrn_source.diffrn_id                   1 
_diffrn_source.power                       ? 
_diffrn_source.size                        ? 
_diffrn_source.source                      SYNCHROTRON 
_diffrn_source.target                      ? 
_diffrn_source.type                        'DIAMOND BEAMLINE I03' 
_diffrn_source.voltage                     ? 
_diffrn_source.take-off_angle              ? 
_diffrn_source.pdbx_wavelength_list        0.97 
_diffrn_source.pdbx_wavelength             ? 
_diffrn_source.pdbx_synchrotron_beamline   I03 
_diffrn_source.pdbx_synchrotron_site       Diamond 
# 
_reflns.B_iso_Wilson_estimate            ? 
_reflns.entry_id                         6QGG 
_reflns.data_reduction_details           ? 
_reflns.data_reduction_method            ? 
_reflns.d_resolution_high                1.490 
_reflns.d_resolution_low                 50.000 
_reflns.details                          ? 
_reflns.limit_h_max                      ? 
_reflns.limit_h_min                      ? 
_reflns.limit_k_max                      ? 
_reflns.limit_k_min                      ? 
_reflns.limit_l_max                      ? 
_reflns.limit_l_min                      ? 
_reflns.number_all                       ? 
_reflns.number_obs                       27361 
_reflns.observed_criterion               ? 
_reflns.observed_criterion_F_max         ? 
_reflns.observed_criterion_F_min         ? 
_reflns.observed_criterion_I_max         ? 
_reflns.observed_criterion_I_min         ? 
_reflns.observed_criterion_sigma_F       ? 
_reflns.observed_criterion_sigma_I       ? 
_reflns.percent_possible_obs             94.700 
_reflns.R_free_details                   ? 
_reflns.Rmerge_F_all                     ? 
_reflns.Rmerge_F_obs                     ? 
_reflns.Friedel_coverage                 ? 
_reflns.number_gt                        ? 
_reflns.threshold_expression             ? 
_reflns.pdbx_redundancy                  4.100 
_reflns.pdbx_Rmerge_I_obs                0.059 
_reflns.pdbx_Rmerge_I_all                ? 
_reflns.pdbx_Rsym_value                  ? 
_reflns.pdbx_netI_over_av_sigmaI         ? 
_reflns.pdbx_netI_over_sigmaI            14.300 
_reflns.pdbx_res_netI_over_av_sigmaI_2   ? 
_reflns.pdbx_res_netI_over_sigmaI_2      ? 
_reflns.pdbx_chi_squared                 1.045 
_reflns.pdbx_scaling_rejects             ? 
_reflns.pdbx_d_res_high_opt              ? 
_reflns.pdbx_d_res_low_opt               ? 
_reflns.pdbx_d_res_opt_method            ? 
_reflns.phase_calculation_details        ? 
_reflns.pdbx_Rrim_I_all                  ? 
_reflns.pdbx_Rpim_I_all                  ? 
_reflns.pdbx_d_opt                       ? 
_reflns.pdbx_number_measured_all         110813 
_reflns.pdbx_diffrn_id                   1 
_reflns.pdbx_ordinal                     1 
_reflns.pdbx_CC_half                     ? 
_reflns.pdbx_R_split                     ? 
# 
loop_
_reflns_shell.d_res_high 
_reflns_shell.d_res_low 
_reflns_shell.meanI_over_sigI_all 
_reflns_shell.meanI_over_sigI_obs 
_reflns_shell.number_measured_all 
_reflns_shell.number_measured_obs 
_reflns_shell.number_possible 
_reflns_shell.number_unique_all 
_reflns_shell.number_unique_obs 
_reflns_shell.percent_possible_all 
_reflns_shell.percent_possible_obs 
_reflns_shell.Rmerge_F_all 
_reflns_shell.Rmerge_F_obs 
_reflns_shell.Rmerge_I_all 
_reflns_shell.Rmerge_I_obs 
_reflns_shell.meanI_over_sigI_gt 
_reflns_shell.meanI_over_uI_all 
_reflns_shell.meanI_over_uI_gt 
_reflns_shell.number_measured_gt 
_reflns_shell.number_unique_gt 
_reflns_shell.percent_possible_gt 
_reflns_shell.Rmerge_F_gt 
_reflns_shell.Rmerge_I_gt 
_reflns_shell.pdbx_redundancy 
_reflns_shell.pdbx_Rsym_value 
_reflns_shell.pdbx_chi_squared 
_reflns_shell.pdbx_netI_over_sigmaI_all 
_reflns_shell.pdbx_netI_over_sigmaI_obs 
_reflns_shell.pdbx_Rrim_I_all 
_reflns_shell.pdbx_Rpim_I_all 
_reflns_shell.pdbx_rejects 
_reflns_shell.pdbx_ordinal 
_reflns_shell.pdbx_diffrn_id 
_reflns_shell.pdbx_CC_half 
_reflns_shell.pdbx_R_split 
1.490 1.540  ? ? ? ? ? ? 2685 94.900 ? ? ? ? 0.196 ? ? ? ? ? ? ? ? 3.800 ? 0.944 ? ? ? ? ? 1  1 ? ? 
1.540 1.610  ? ? ? ? ? ? 2789 96.400 ? ? ? ? 0.156 ? ? ? ? ? ? ? ? 4.200 ? 0.940 ? ? ? ? ? 2  1 ? ? 
1.610 1.680  ? ? ? ? ? ? 2791 96.700 ? ? ? ? 0.135 ? ? ? ? ? ? ? ? 4.200 ? 1.017 ? ? ? ? ? 3  1 ? ? 
1.680 1.770  ? ? ? ? ? ? 2770 97.000 ? ? ? ? 0.106 ? ? ? ? ? ? ? ? 4.200 ? 1.054 ? ? ? ? ? 4  1 ? ? 
1.770 1.880  ? ? ? ? ? ? 2806 97.100 ? ? ? ? 0.090 ? ? ? ? ? ? ? ? 4.200 ? 1.049 ? ? ? ? ? 5  1 ? ? 
1.880 2.020  ? ? ? ? ? ? 2795 97.200 ? ? ? ? 0.070 ? ? ? ? ? ? ? ? 4.100 ? 1.027 ? ? ? ? ? 6  1 ? ? 
2.020 2.230  ? ? ? ? ? ? 2803 96.800 ? ? ? ? 0.063 ? ? ? ? ? ? ? ? 4.000 ? 1.104 ? ? ? ? ? 7  1 ? ? 
2.230 2.550  ? ? ? ? ? ? 2742 94.800 ? ? ? ? 0.061 ? ? ? ? ? ? ? ? 4.000 ? 1.077 ? ? ? ? ? 8  1 ? ? 
2.550 3.210  ? ? ? ? ? ? 2694 92.400 ? ? ? ? 0.059 ? ? ? ? ? ? ? ? 3.700 ? 1.168 ? ? ? ? ? 9  1 ? ? 
3.210 50.000 ? ? ? ? ? ? 2486 84.000 ? ? ? ? 0.043 ? ? ? ? ? ? ? ? 4.000 ? 1.088 ? ? ? ? ? 10 1 ? ? 
# 
_refine.aniso_B[1][1]                            -0.4400 
_refine.aniso_B[1][2]                            0.0000 
_refine.aniso_B[1][3]                            0.0000 
_refine.aniso_B[2][2]                            -0.4400 
_refine.aniso_B[2][3]                            0.0000 
_refine.aniso_B[3][3]                            0.8800 
_refine.B_iso_max                                74.010 
_refine.B_iso_mean                               16.7780 
_refine.B_iso_min                                7.510 
_refine.correlation_coeff_Fo_to_Fc               0.9680 
_refine.correlation_coeff_Fo_to_Fc_free          0.9590 
_refine.details                                  
'HYDROGENS HAVE BEEN ADDED IN THE RIDING POSITIONS U VALUES      : REFINED INDIVIDUALLY' 
_refine.diff_density_max                         ? 
_refine.diff_density_max_esd                     ? 
_refine.diff_density_min                         ? 
_refine.diff_density_min_esd                     ? 
_refine.diff_density_rms                         ? 
_refine.diff_density_rms_esd                     ? 
_refine.entry_id                                 6QGG 
_refine.pdbx_refine_id                           'X-RAY DIFFRACTION' 
_refine.ls_abs_structure_details                 ? 
_refine.ls_abs_structure_Flack                   ? 
_refine.ls_abs_structure_Flack_esd               ? 
_refine.ls_abs_structure_Rogers                  ? 
_refine.ls_abs_structure_Rogers_esd              ? 
_refine.ls_d_res_high                            1.5000 
_refine.ls_d_res_low                             15.0000 
_refine.ls_extinction_coef                       ? 
_refine.ls_extinction_coef_esd                   ? 
_refine.ls_extinction_expression                 ? 
_refine.ls_extinction_method                     ? 
_refine.ls_goodness_of_fit_all                   ? 
_refine.ls_goodness_of_fit_all_esd               ? 
_refine.ls_goodness_of_fit_obs                   ? 
_refine.ls_goodness_of_fit_obs_esd               ? 
_refine.ls_hydrogen_treatment                    ? 
_refine.ls_matrix_type                           ? 
_refine.ls_number_constraints                    ? 
_refine.ls_number_parameters                     ? 
_refine.ls_number_reflns_all                     ? 
_refine.ls_number_reflns_obs                     25595 
_refine.ls_number_reflns_R_free                  1217 
_refine.ls_number_reflns_R_work                  ? 
_refine.ls_number_restraints                     ? 
_refine.ls_percent_reflns_obs                    94.6300 
_refine.ls_percent_reflns_R_free                 4.5000 
_refine.ls_R_factor_all                          ? 
_refine.ls_R_factor_obs                          0.1520 
_refine.ls_R_factor_R_free                       0.1732 
_refine.ls_R_factor_R_free_error                 ? 
_refine.ls_R_factor_R_free_error_details         ? 
_refine.ls_R_factor_R_work                       0.1510 
_refine.ls_R_Fsqd_factor_obs                     ? 
_refine.ls_R_I_factor_obs                        ? 
_refine.ls_redundancy_reflns_all                 ? 
_refine.ls_redundancy_reflns_obs                 ? 
_refine.ls_restrained_S_all                      ? 
_refine.ls_restrained_S_obs                      ? 
_refine.ls_shift_over_esd_max                    ? 
_refine.ls_shift_over_esd_mean                   ? 
_refine.ls_structure_factor_coef                 ? 
_refine.ls_weighting_details                     ? 
_refine.ls_weighting_scheme                      ? 
_refine.ls_wR_factor_all                         ? 
_refine.ls_wR_factor_obs                         ? 
_refine.ls_wR_factor_R_free                      ? 
_refine.ls_wR_factor_R_work                      ? 
_refine.occupancy_max                            ? 
_refine.occupancy_min                            ? 
_refine.solvent_model_details                    ? 
_refine.solvent_model_param_bsol                 ? 
_refine.solvent_model_param_ksol                 ? 
_refine.ls_R_factor_gt                           ? 
_refine.ls_goodness_of_fit_gt                    ? 
_refine.ls_goodness_of_fit_ref                   ? 
_refine.ls_shift_over_su_max                     ? 
_refine.ls_shift_over_su_max_lt                  ? 
_refine.ls_shift_over_su_mean                    ? 
_refine.ls_shift_over_su_mean_lt                 ? 
_refine.pdbx_ls_sigma_I                          ? 
_refine.pdbx_ls_sigma_F                          0.000 
_refine.pdbx_ls_sigma_Fsqd                       ? 
_refine.pdbx_data_cutoff_high_absF               ? 
_refine.pdbx_data_cutoff_high_rms_absF           ? 
_refine.pdbx_data_cutoff_low_absF                ? 
_refine.pdbx_isotropic_thermal_model             ? 
_refine.pdbx_ls_cross_valid_method               THROUGHOUT 
_refine.pdbx_method_to_determine_struct          'MOLECULAR REPLACEMENT' 
_refine.pdbx_starting_model                      2yxj 
_refine.pdbx_stereochemistry_target_values       ? 
_refine.pdbx_R_Free_selection_details            RANDOM 
_refine.pdbx_stereochem_target_val_spec_case     ? 
_refine.pdbx_overall_ESU_R                       0.0600 
_refine.pdbx_overall_ESU_R_Free                  0.0610 
_refine.pdbx_solvent_vdw_probe_radii             1.2000 
_refine.pdbx_solvent_ion_probe_radii             0.8000 
_refine.pdbx_solvent_shrinkage_radii             0.8000 
_refine.pdbx_real_space_R                        ? 
_refine.pdbx_density_correlation                 ? 
_refine.pdbx_pd_number_of_powder_patterns        ? 
_refine.pdbx_pd_number_of_points                 ? 
_refine.pdbx_pd_meas_number_of_points            ? 
_refine.pdbx_pd_proc_ls_prof_R_factor            ? 
_refine.pdbx_pd_proc_ls_prof_wR_factor           ? 
_refine.pdbx_pd_Marquardt_correlation_coeff      ? 
_refine.pdbx_pd_Fsqrd_R_factor                   ? 
_refine.pdbx_pd_ls_matrix_band_width             ? 
_refine.pdbx_overall_phase_error                 ? 
_refine.pdbx_overall_SU_R_free_Cruickshank_DPI   ? 
_refine.pdbx_overall_SU_R_free_Blow_DPI          ? 
_refine.pdbx_overall_SU_R_Blow_DPI               ? 
_refine.pdbx_TLS_residual_ADP_flag               ? 
_refine.pdbx_diffrn_id                           1 
_refine.overall_SU_B                             0.8960 
_refine.overall_SU_ML                            0.0340 
_refine.overall_SU_R_Cruickshank_DPI             ? 
_refine.overall_SU_R_free                        ? 
_refine.overall_FOM_free_R_set                   ? 
_refine.overall_FOM_work_R_set                   ? 
_refine.pdbx_average_fsc_overall                 ? 
_refine.pdbx_average_fsc_work                    ? 
_refine.pdbx_average_fsc_free                    ? 
# 
_refine_hist.cycle_id                         final 
_refine_hist.pdbx_refine_id                   'X-RAY DIFFRACTION' 
_refine_hist.d_res_high                       1.5000 
_refine_hist.d_res_low                        15.0000 
_refine_hist.pdbx_number_atoms_ligand         60 
_refine_hist.number_atoms_solvent             120 
_refine_hist.number_atoms_total               1317 
_refine_hist.pdbx_number_residues_total       140 
_refine_hist.pdbx_B_iso_mean_ligand           15.70 
_refine_hist.pdbx_B_iso_mean_solvent          28.75 
_refine_hist.pdbx_number_atoms_protein        1137 
_refine_hist.pdbx_number_atoms_nucleic_acid   0 
# 
loop_
_refine_ls_restr.pdbx_refine_id 
_refine_ls_restr.criterion 
_refine_ls_restr.dev_ideal 
_refine_ls_restr.dev_ideal_target 
_refine_ls_restr.number 
_refine_ls_restr.rejects 
_refine_ls_restr.type 
_refine_ls_restr.weight 
_refine_ls_restr.pdbx_restraint_function 
'X-RAY DIFFRACTION' ? 0.019  0.014  1247 ? r_bond_refined_d       ? ? 
'X-RAY DIFFRACTION' ? 0.001  0.018  1034 ? r_bond_other_d         ? ? 
'X-RAY DIFFRACTION' ? 1.908  1.608  1698 ? r_angle_refined_deg    ? ? 
'X-RAY DIFFRACTION' ? 1.189  1.622  2351 ? r_angle_other_deg      ? ? 
'X-RAY DIFFRACTION' ? 5.207  5.000  144  ? r_dihedral_angle_1_deg ? ? 
'X-RAY DIFFRACTION' ? 29.522 21.467 75   ? r_dihedral_angle_2_deg ? ? 
'X-RAY DIFFRACTION' ? 12.554 15.000 187  ? r_dihedral_angle_3_deg ? ? 
'X-RAY DIFFRACTION' ? 21.754 15.000 10   ? r_dihedral_angle_4_deg ? ? 
'X-RAY DIFFRACTION' ? 0.111  0.200  145  ? r_chiral_restr         ? ? 
'X-RAY DIFFRACTION' ? 0.012  0.019  1434 ? r_gen_planes_refined   ? ? 
'X-RAY DIFFRACTION' ? 0.001  0.020  258  ? r_gen_planes_other     ? ? 
# 
_refine_ls_shell.pdbx_refine_id                   'X-RAY DIFFRACTION' 
_refine_ls_shell.d_res_high                       1.5000 
_refine_ls_shell.d_res_low                        1.5800 
_refine_ls_shell.number_reflns_all                3948 
_refine_ls_shell.number_reflns_obs                ? 
_refine_ls_shell.number_reflns_R_free             172 
_refine_ls_shell.number_reflns_R_work             3776 
_refine_ls_shell.percent_reflns_obs               95.7600 
_refine_ls_shell.percent_reflns_R_free            ? 
_refine_ls_shell.R_factor_all                     ? 
_refine_ls_shell.R_factor_obs                     ? 
_refine_ls_shell.R_factor_R_free                  0.2100 
_refine_ls_shell.R_factor_R_free_error            0.0000 
_refine_ls_shell.R_factor_R_work                  0.1710 
_refine_ls_shell.redundancy_reflns_all            ? 
_refine_ls_shell.redundancy_reflns_obs            ? 
_refine_ls_shell.wR_factor_all                    ? 
_refine_ls_shell.wR_factor_obs                    ? 
_refine_ls_shell.wR_factor_R_free                 ? 
_refine_ls_shell.wR_factor_R_work                 ? 
_refine_ls_shell.pdbx_total_number_of_bins_used   10 
_refine_ls_shell.pdbx_phase_error                 ? 
_refine_ls_shell.pdbx_fsc_work                    ? 
_refine_ls_shell.pdbx_fsc_free                    ? 
# 
_struct.entry_id                     6QGG 
_struct.title                        'Structure of human Bcl-2 in complex with analogue of ABT-737' 
_struct.pdbx_model_details           ? 
_struct.pdbx_formula_weight          ? 
_struct.pdbx_formula_weight_method   ? 
_struct.pdbx_model_type_details      ? 
_struct.pdbx_CASP_flag               N 
# 
_struct_keywords.entry_id        6QGG 
_struct_keywords.text            'APOPTOSIS, BCL2, ABT-737' 
_struct_keywords.pdbx_keywords   APOPTOSIS 
# 
loop_
_struct_asym.id 
_struct_asym.pdbx_blank_PDB_chainid_flag 
_struct_asym.pdbx_modified 
_struct_asym.entity_id 
_struct_asym.details 
A N N 1 ? 
B N N 2 ? 
C N N 3 ? 
# 
loop_
_struct_ref.id 
_struct_ref.db_name 
_struct_ref.db_code 
_struct_ref.pdbx_db_accession 
_struct_ref.pdbx_db_isoform 
_struct_ref.entity_id 
_struct_ref.pdbx_seq_one_letter_code 
_struct_ref.pdbx_align_begin 
1 UNP BCL2_HUMAN  P10415 ? 1 DNREIVMKYIHYKLSQRGYEWDAG 10  
2 UNP B2CL1_HUMAN Q07817 ? 1 DVEENRTEAPEGTESE 29  
3 UNP BCL2_HUMAN  P10415 ? 1 
;VVHLTLRQAGDDFSRRYRRDFAEMSSQLHLTPFTARGRFATVVEELFRDGVNWGRIVAFFEFGGVMCVESVNREMSPLVD
NIALWMTEYLNRHLHTWIQDNGGWDAFVELYG
;
92  
4 UNP B2CL1_HUMAN Q07817 ? 1 NNAAAESRKGQERF 197 
# 
loop_
_struct_ref_seq.align_id 
_struct_ref_seq.ref_id 
_struct_ref_seq.pdbx_PDB_id_code 
_struct_ref_seq.pdbx_strand_id 
_struct_ref_seq.seq_align_beg 
_struct_ref_seq.pdbx_seq_align_beg_ins_code 
_struct_ref_seq.seq_align_end 
_struct_ref_seq.pdbx_seq_align_end_ins_code 
_struct_ref_seq.pdbx_db_accession 
_struct_ref_seq.db_align_beg 
_struct_ref_seq.pdbx_db_align_beg_ins_code 
_struct_ref_seq.db_align_end 
_struct_ref_seq.pdbx_db_align_end_ins_code 
_struct_ref_seq.pdbx_auth_seq_align_beg 
_struct_ref_seq.pdbx_auth_seq_align_end 
1 1 6QGG A 4   ? 27  ? P10415 10  ? 33  ? 10  33  
2 2 6QGG A 28  ? 43  ? Q07817 29  ? 44  ? 34  49  
3 3 6QGG A 44  ? 155 ? P10415 92  ? 203 ? 92  203 
4 4 6QGG A 156 ? 169 ? Q07817 197 ? 210 ? 204 217 
# 
loop_
_struct_ref_seq_dif.align_id 
_struct_ref_seq_dif.pdbx_pdb_id_code 
_struct_ref_seq_dif.mon_id 
_struct_ref_seq_dif.pdbx_pdb_strand_id 
_struct_ref_seq_dif.seq_num 
_struct_ref_seq_dif.pdbx_pdb_ins_code 
_struct_ref_seq_dif.pdbx_seq_db_name 
_struct_ref_seq_dif.pdbx_seq_db_accession_code 
_struct_ref_seq_dif.db_mon_id 
_struct_ref_seq_dif.pdbx_seq_db_seq_num 
_struct_ref_seq_dif.details 
_struct_ref_seq_dif.pdbx_auth_seq_num 
_struct_ref_seq_dif.pdbx_ordinal 
1 6QGG MET A 1   ? UNP P10415 ?   ?   'initiating methionine' 7   1  
1 6QGG SER A 2   ? UNP P10415 ?   ?   'expression tag'        8   2  
1 6QGG GLN A 3   ? UNP P10415 ?   ?   'expression tag'        9   3  
1 6QGG SER A 14  ? UNP P10415 HIS 20  'engineered mutation'   20  4  
3 6QGG GLN A 47  ? UNP P10415 LEU 95  'engineered mutation'   95  5  
3 6QGG LEU A 58  ? UNP P10415 ARG 106 'engineered mutation'   106 6  
3 6QGG GLY A 76  ? UNP P10415 PHE 124 'engineered mutation'   124 7  
3 6QGG TYR A 79  ? UNP P10415 ARG 127 'engineered mutation'   127 8  
3 6QGG ALA A 80  ? UNP P10415 GLY 128 'engineered mutation'   128 9  
3 6QGG SER A 81  ? UNP P10415 ARG 129 'engineered mutation'   129 10 
3 6QGG VAL A 120 ? UNP P10415 PRO 168 'engineered mutation'   168 11 
3 6QGG ALA A 127 ? UNP P10415 LEU 175 'engineered mutation'   175 12 
3 6QGG ALA A 130 ? UNP P10415 THR 178 'engineered mutation'   178 13 
3 6QGG THR A 131 ? UNP P10415 GLU 179 'engineered mutation'   179 14 
3 6QGG ASP A 135 ? UNP P10415 ARG 183 'engineered mutation'   183 15 
4 6QGG LEU A 170 ? UNP Q07817 ?   ?   'expression tag'        218 16 
4 6QGG GLU A 171 ? UNP Q07817 ?   ?   'expression tag'        219 17 
4 6QGG HIS A 172 ? UNP Q07817 ?   ?   'expression tag'        220 18 
4 6QGG HIS A 173 ? UNP Q07817 ?   ?   'expression tag'        221 19 
4 6QGG HIS A 174 ? UNP Q07817 ?   ?   'expression tag'        222 20 
4 6QGG HIS A 175 ? UNP Q07817 ?   ?   'expression tag'        223 21 
4 6QGG HIS A 176 ? UNP Q07817 ?   ?   'expression tag'        224 22 
4 6QGG HIS A 177 ? UNP Q07817 ?   ?   'expression tag'        225 23 
# 
_pdbx_struct_assembly.id                   1 
_pdbx_struct_assembly.details              author_and_software_defined_assembly 
_pdbx_struct_assembly.method_details       PISA 
_pdbx_struct_assembly.oligomeric_details   monomeric 
_pdbx_struct_assembly.oligomeric_count     1 
# 
loop_
_pdbx_struct_assembly_prop.biol_id 
_pdbx_struct_assembly_prop.type 
_pdbx_struct_assembly_prop.value 
_pdbx_struct_assembly_prop.details 
1 'ABSA (A^2)' 0    ? 
1 MORE         0    ? 
1 'SSA (A^2)'  7380 ? 
# 
_pdbx_struct_assembly_gen.assembly_id       1 
_pdbx_struct_assembly_gen.oper_expression   1 
_pdbx_struct_assembly_gen.asym_id_list      A,B,C 
# 
_pdbx_struct_assembly_auth_evidence.id                     1 
_pdbx_struct_assembly_auth_evidence.assembly_id            1 
_pdbx_struct_assembly_auth_evidence.experimental_support   'gel filtration' 
_pdbx_struct_assembly_auth_evidence.details                ? 
# 
_pdbx_struct_oper_list.id                   1 
_pdbx_struct_oper_list.type                 'identity operation' 
_pdbx_struct_oper_list.name                 1_555 
_pdbx_struct_oper_list.symmetry_operation   x,y,z 
_pdbx_struct_oper_list.matrix[1][1]         1.0000000000 
_pdbx_struct_oper_list.matrix[1][2]         0.0000000000 
_pdbx_struct_oper_list.matrix[1][3]         0.0000000000 
_pdbx_struct_oper_list.vector[1]            0.0000000000 
_pdbx_struct_oper_list.matrix[2][1]         0.0000000000 
_pdbx_struct_oper_list.matrix[2][2]         1.0000000000 
_pdbx_struct_oper_list.matrix[2][3]         0.0000000000 
_pdbx_struct_oper_list.vector[2]            0.0000000000 
_pdbx_struct_oper_list.matrix[3][1]         0.0000000000 
_pdbx_struct_oper_list.matrix[3][2]         0.0000000000 
_pdbx_struct_oper_list.matrix[3][3]         1.0000000000 
_pdbx_struct_oper_list.vector[3]            0.0000000000 
# 
loop_
_struct_conf.conf_type_id 
_struct_conf.id 
_struct_conf.pdbx_PDB_helix_id 
_struct_conf.beg_label_comp_id 
_struct_conf.beg_label_asym_id 
_struct_conf.beg_label_seq_id 
_struct_conf.pdbx_beg_PDB_ins_code 
_struct_conf.end_label_comp_id 
_struct_conf.end_label_asym_id 
_struct_conf.end_label_seq_id 
_struct_conf.pdbx_end_PDB_ins_code 
_struct_conf.beg_auth_comp_id 
_struct_conf.beg_auth_asym_id 
_struct_conf.beg_auth_seq_id 
_struct_conf.end_auth_comp_id 
_struct_conf.end_auth_asym_id 
_struct_conf.end_auth_seq_id 
_struct_conf.pdbx_PDB_helix_class 
_struct_conf.details 
_struct_conf.pdbx_PDB_helix_length 
HELX_P HELX_P1 AA1 ASP A 4   ? ARG A 20  ? ASP A 10  ARG A 26  1 ? 17 
HELX_P HELX_P2 AA2 SER A 42  ? TYR A 60  ? SER A 48  TYR A 108 1 ? 19 
HELX_P HELX_P3 AA3 TYR A 60  ? LEU A 71  ? TYR A 108 LEU A 119 1 ? 12 
HELX_P HELX_P4 AA4 THR A 77  ? PHE A 90  ? THR A 125 PHE A 138 1 ? 14 
HELX_P HELX_P5 AA5 ASN A 95  ? ARG A 116 ? ASN A 143 ARG A 164 1 ? 22 
HELX_P HELX_P6 AA6 VAL A 120 ? LEU A 137 ? VAL A 168 LEU A 185 1 ? 18 
HELX_P HELX_P7 AA7 LEU A 137 ? ASN A 144 ? LEU A 185 ASN A 192 1 ? 8  
HELX_P HELX_P8 AA8 GLY A 145 ? GLY A 155 ? GLY A 193 GLY A 203 1 ? 11 
# 
_struct_conf_type.id          HELX_P 
_struct_conf_type.criteria    ? 
_struct_conf_type.reference   ? 
# 
_struct_site.id                   AC1 
_struct_site.pdbx_evidence_code   Software 
_struct_site.pdbx_auth_asym_id    A 
_struct_site.pdbx_auth_comp_id    J1H 
_struct_site.pdbx_auth_seq_id     401 
_struct_site.pdbx_auth_ins_code   ? 
_struct_site.pdbx_num_residues    22 
_struct_site.details              'binding site for residue J1H A 401' 
# 
loop_
_struct_site_gen.id 
_struct_site_gen.site_id 
_struct_site_gen.pdbx_num_res 
_struct_site_gen.label_comp_id 
_struct_site_gen.label_asym_id 
_struct_site_gen.label_seq_id 
_struct_site_gen.pdbx_auth_ins_code 
_struct_site_gen.auth_comp_id 
_struct_site_gen.auth_asym_id 
_struct_site_gen.auth_seq_id 
_struct_site_gen.label_atom_id 
_struct_site_gen.label_alt_id 
_struct_site_gen.symmetry 
_struct_site_gen.details 
1  AC1 22 ALA A 52  ? ALA A 100 . ? 1_555 ? 
2  AC1 22 ASP A 55  ? ASP A 103 . ? 1_555 ? 
3  AC1 22 PHE A 56  ? PHE A 104 . ? 1_555 ? 
4  AC1 22 TYR A 60  ? TYR A 108 . ? 1_555 ? 
5  AC1 22 ASP A 63  ? ASP A 111 . ? 1_555 ? 
6  AC1 22 MET A 67  ? MET A 115 . ? 1_555 ? 
7  AC1 22 TYR A 79  ? TYR A 127 . ? 4_554 ? 
8  AC1 22 LEU A 89  ? LEU A 137 . ? 1_555 ? 
9  AC1 22 TRP A 96  ? TRP A 144 . ? 1_555 ? 
10 AC1 22 GLY A 97  ? GLY A 145 . ? 1_555 ? 
11 AC1 22 VAL A 100 ? VAL A 148 . ? 1_555 ? 
12 AC1 22 ALA A 101 ? ALA A 149 . ? 1_555 ? 
13 AC1 22 PHE A 150 ? PHE A 198 . ? 1_555 ? 
14 AC1 22 TYR A 154 ? TYR A 202 . ? 1_555 ? 
15 AC1 22 HOH C .   ? HOH A 518 . ? 1_555 ? 
16 AC1 22 HOH C .   ? HOH A 520 . ? 1_555 ? 
17 AC1 22 HOH C .   ? HOH A 534 . ? 1_555 ? 
18 AC1 22 HOH C .   ? HOH A 542 . ? 1_555 ? 
19 AC1 22 HOH C .   ? HOH A 547 . ? 1_555 ? 
20 AC1 22 HOH C .   ? HOH A 577 . ? 1_555 ? 
21 AC1 22 HOH C .   ? HOH A 585 . ? 1_555 ? 
22 AC1 22 HOH C .   ? HOH A 592 . ? 1_555 ? 
# 
loop_
_pdbx_validate_close_contact.id 
_pdbx_validate_close_contact.PDB_model_num 
_pdbx_validate_close_contact.auth_atom_id_1 
_pdbx_validate_close_contact.auth_asym_id_1 
_pdbx_validate_close_contact.auth_comp_id_1 
_pdbx_validate_close_contact.auth_seq_id_1 
_pdbx_validate_close_contact.PDB_ins_code_1 
_pdbx_validate_close_contact.label_alt_id_1 
_pdbx_validate_close_contact.auth_atom_id_2 
_pdbx_validate_close_contact.auth_asym_id_2 
_pdbx_validate_close_contact.auth_comp_id_2 
_pdbx_validate_close_contact.auth_seq_id_2 
_pdbx_validate_close_contact.PDB_ins_code_2 
_pdbx_validate_close_contact.label_alt_id_2 
_pdbx_validate_close_contact.dist 
1 1 O   A HOH 574 ? ? O A HOH 619 ? ? 1.72 
2 1 OG  A SER 105 ? B O A HOH 501 ? ? 1.72 
3 1 O   A HOH 574 ? ? O A HOH 598 ? ? 1.73 
4 1 O   A HOH 574 ? ? O A HOH 604 ? ? 1.76 
5 1 O   A HOH 523 ? ? O A HOH 617 ? ? 2.15 
6 1 O   A HOH 586 ? ? O A HOH 614 ? ? 2.15 
7 1 NH2 A ARG 109 ? ? O A HOH 502 ? ? 2.18 
# 
loop_
_pdbx_validate_symm_contact.id 
_pdbx_validate_symm_contact.PDB_model_num 
_pdbx_validate_symm_contact.auth_atom_id_1 
_pdbx_validate_symm_contact.auth_asym_id_1 
_pdbx_validate_symm_contact.auth_comp_id_1 
_pdbx_validate_symm_contact.auth_seq_id_1 
_pdbx_validate_symm_contact.PDB_ins_code_1 
_pdbx_validate_symm_contact.label_alt_id_1 
_pdbx_validate_symm_contact.site_symmetry_1 
_pdbx_validate_symm_contact.auth_atom_id_2 
_pdbx_validate_symm_contact.auth_asym_id_2 
_pdbx_validate_symm_contact.auth_comp_id_2 
_pdbx_validate_symm_contact.auth_seq_id_2 
_pdbx_validate_symm_contact.PDB_ins_code_2 
_pdbx_validate_symm_contact.label_alt_id_2 
_pdbx_validate_symm_contact.site_symmetry_2 
_pdbx_validate_symm_contact.dist 
1 1 O A HOH 511 ? ? 1_555 O A HOH 602 ? ? 3_555 1.73 
2 1 O A HOH 528 ? ? 1_555 O A HOH 602 ? ? 3_555 1.85 
# 
loop_
_pdbx_validate_rmsd_angle.id 
_pdbx_validate_rmsd_angle.PDB_model_num 
_pdbx_validate_rmsd_angle.auth_atom_id_1 
_pdbx_validate_rmsd_angle.auth_asym_id_1 
_pdbx_validate_rmsd_angle.auth_comp_id_1 
_pdbx_validate_rmsd_angle.auth_seq_id_1 
_pdbx_validate_rmsd_angle.PDB_ins_code_1 
_pdbx_validate_rmsd_angle.label_alt_id_1 
_pdbx_validate_rmsd_angle.auth_atom_id_2 
_pdbx_validate_rmsd_angle.auth_asym_id_2 
_pdbx_validate_rmsd_angle.auth_comp_id_2 
_pdbx_validate_rmsd_angle.auth_seq_id_2 
_pdbx_validate_rmsd_angle.PDB_ins_code_2 
_pdbx_validate_rmsd_angle.label_alt_id_2 
_pdbx_validate_rmsd_angle.auth_atom_id_3 
_pdbx_validate_rmsd_angle.auth_asym_id_3 
_pdbx_validate_rmsd_angle.auth_comp_id_3 
_pdbx_validate_rmsd_angle.auth_seq_id_3 
_pdbx_validate_rmsd_angle.PDB_ins_code_3 
_pdbx_validate_rmsd_angle.label_alt_id_3 
_pdbx_validate_rmsd_angle.angle_value 
_pdbx_validate_rmsd_angle.angle_target_value 
_pdbx_validate_rmsd_angle.angle_deviation 
_pdbx_validate_rmsd_angle.angle_standard_deviation 
_pdbx_validate_rmsd_angle.linker_flag 
1 1 CB A TYR 18  ? ? CG A TYR 18  ? ? CD2 A TYR 18  ? ? 114.78 121.00 -6.22 0.60 N 
2 1 CB A TYR 18  ? ? CG A TYR 18  ? ? CD1 A TYR 18  ? ? 127.57 121.00 6.57  0.60 N 
3 1 NE A ARG 109 ? ? CZ A ARG 109 ? ? NH2 A ARG 109 ? ? 123.37 120.30 3.07  0.50 N 
# 
_pdbx_validate_torsion.id              1 
_pdbx_validate_torsion.PDB_model_num   1 
_pdbx_validate_torsion.auth_comp_id    TYR 
_pdbx_validate_torsion.auth_asym_id    A 
_pdbx_validate_torsion.auth_seq_id     108 
_pdbx_validate_torsion.PDB_ins_code    ? 
_pdbx_validate_torsion.label_alt_id    ? 
_pdbx_validate_torsion.phi             -109.71 
_pdbx_validate_torsion.psi             54.64 
# 
loop_
_pdbx_validate_planes.id 
_pdbx_validate_planes.PDB_model_num 
_pdbx_validate_planes.auth_comp_id 
_pdbx_validate_planes.auth_asym_id 
_pdbx_validate_planes.auth_seq_id 
_pdbx_validate_planes.PDB_ins_code 
_pdbx_validate_planes.label_alt_id 
_pdbx_validate_planes.rmsd 
_pdbx_validate_planes.type 
1 1 ARG A 12  ? ? 0.161 'SIDE CHAIN' 
2 1 ARG A 146 ? ? 0.093 'SIDE CHAIN' 
3 1 ARG A 164 ? ? 0.097 'SIDE CHAIN' 
# 
loop_
_pdbx_unobs_or_zero_occ_residues.id 
_pdbx_unobs_or_zero_occ_residues.PDB_model_num 
_pdbx_unobs_or_zero_occ_residues.polymer_flag 
_pdbx_unobs_or_zero_occ_residues.occupancy_flag 
_pdbx_unobs_or_zero_occ_residues.auth_asym_id 
_pdbx_unobs_or_zero_occ_residues.auth_comp_id 
_pdbx_unobs_or_zero_occ_residues.auth_seq_id 
_pdbx_unobs_or_zero_occ_residues.PDB_ins_code 
_pdbx_unobs_or_zero_occ_residues.label_asym_id 
_pdbx_unobs_or_zero_occ_residues.label_comp_id 
_pdbx_unobs_or_zero_occ_residues.label_seq_id 
1  1 Y 1 A MET 7   ? A MET 1   
2  1 Y 1 A ALA 32  ? A ALA 26  
3  1 Y 1 A GLY 33  ? A GLY 27  
4  1 Y 1 A ASP 34  ? A ASP 28  
5  1 Y 1 A VAL 35  ? A VAL 29  
6  1 Y 1 A GLU 36  ? A GLU 30  
7  1 Y 1 A GLU 37  ? A GLU 31  
8  1 Y 1 A ASN 38  ? A ASN 32  
9  1 Y 1 A ARG 39  ? A ARG 33  
10 1 Y 1 A THR 40  ? A THR 34  
11 1 Y 1 A GLU 41  ? A GLU 35  
12 1 Y 1 A ALA 42  ? A ALA 36  
13 1 Y 1 A PRO 43  ? A PRO 37  
14 1 Y 1 A GLU 44  ? A GLU 38  
15 1 Y 1 A GLY 45  ? A GLY 39  
16 1 Y 1 A ASN 204 ? A ASN 156 
17 1 Y 1 A ASN 205 ? A ASN 157 
18 1 Y 1 A ALA 206 ? A ALA 158 
19 1 Y 1 A ALA 207 ? A ALA 159 
20 1 Y 1 A ALA 208 ? A ALA 160 
21 1 Y 1 A GLU 209 ? A GLU 161 
22 1 Y 1 A SER 210 ? A SER 162 
23 1 Y 1 A ARG 211 ? A ARG 163 
24 1 Y 1 A LYS 212 ? A LYS 164 
25 1 Y 1 A GLY 213 ? A GLY 165 
26 1 Y 1 A GLN 214 ? A GLN 166 
27 1 Y 1 A GLU 215 ? A GLU 167 
28 1 Y 1 A ARG 216 ? A ARG 168 
29 1 Y 1 A PHE 217 ? A PHE 169 
30 1 Y 1 A LEU 218 ? A LEU 170 
31 1 Y 1 A GLU 219 ? A GLU 171 
32 1 Y 1 A HIS 220 ? A HIS 172 
33 1 Y 1 A HIS 221 ? A HIS 173 
34 1 Y 1 A HIS 222 ? A HIS 174 
35 1 Y 1 A HIS 223 ? A HIS 175 
36 1 Y 1 A HIS 224 ? A HIS 176 
37 1 Y 1 A HIS 225 ? A HIS 177 
# 
loop_
_chem_comp_atom.comp_id 
_chem_comp_atom.atom_id 
_chem_comp_atom.type_symbol 
_chem_comp_atom.pdbx_aromatic_flag 
_chem_comp_atom.pdbx_stereo_config 
_chem_comp_atom.pdbx_ordinal 
ALA N    N  N N 1   
ALA CA   C  N S 2   
ALA C    C  N N 3   
ALA O    O  N N 4   
ALA CB   C  N N 5   
ALA OXT  O  N N 6   
ALA H    H  N N 7   
ALA H2   H  N N 8   
ALA HA   H  N N 9   
ALA HB1  H  N N 10  
ALA HB2  H  N N 11  
ALA HB3  H  N N 12  
ALA HXT  H  N N 13  
ARG N    N  N N 14  
ARG CA   C  N S 15  
ARG C    C  N N 16  
ARG O    O  N N 17  
ARG CB   C  N N 18  
ARG CG   C  N N 19  
ARG CD   C  N N 20  
ARG NE   N  N N 21  
ARG CZ   C  N N 22  
ARG NH1  N  N N 23  
ARG NH2  N  N N 24  
ARG OXT  O  N N 25  
ARG H    H  N N 26  
ARG H2   H  N N 27  
ARG HA   H  N N 28  
ARG HB2  H  N N 29  
ARG HB3  H  N N 30  
ARG HG2  H  N N 31  
ARG HG3  H  N N 32  
ARG HD2  H  N N 33  
ARG HD3  H  N N 34  
ARG HE   H  N N 35  
ARG HH11 H  N N 36  
ARG HH12 H  N N 37  
ARG HH21 H  N N 38  
ARG HH22 H  N N 39  
ARG HXT  H  N N 40  
ASN N    N  N N 41  
ASN CA   C  N S 42  
ASN C    C  N N 43  
ASN O    O  N N 44  
ASN CB   C  N N 45  
ASN CG   C  N N 46  
ASN OD1  O  N N 47  
ASN ND2  N  N N 48  
ASN OXT  O  N N 49  
ASN H    H  N N 50  
ASN H2   H  N N 51  
ASN HA   H  N N 52  
ASN HB2  H  N N 53  
ASN HB3  H  N N 54  
ASN HD21 H  N N 55  
ASN HD22 H  N N 56  
ASN HXT  H  N N 57  
ASP N    N  N N 58  
ASP CA   C  N S 59  
ASP C    C  N N 60  
ASP O    O  N N 61  
ASP CB   C  N N 62  
ASP CG   C  N N 63  
ASP OD1  O  N N 64  
ASP OD2  O  N N 65  
ASP OXT  O  N N 66  
ASP H    H  N N 67  
ASP H2   H  N N 68  
ASP HA   H  N N 69  
ASP HB2  H  N N 70  
ASP HB3  H  N N 71  
ASP HD2  H  N N 72  
ASP HXT  H  N N 73  
CYS N    N  N N 74  
CYS CA   C  N R 75  
CYS C    C  N N 76  
CYS O    O  N N 77  
CYS CB   C  N N 78  
CYS SG   S  N N 79  
CYS OXT  O  N N 80  
CYS H    H  N N 81  
CYS H2   H  N N 82  
CYS HA   H  N N 83  
CYS HB2  H  N N 84  
CYS HB3  H  N N 85  
CYS HG   H  N N 86  
CYS HXT  H  N N 87  
GLN N    N  N N 88  
GLN CA   C  N S 89  
GLN C    C  N N 90  
GLN O    O  N N 91  
GLN CB   C  N N 92  
GLN CG   C  N N 93  
GLN CD   C  N N 94  
GLN OE1  O  N N 95  
GLN NE2  N  N N 96  
GLN OXT  O  N N 97  
GLN H    H  N N 98  
GLN H2   H  N N 99  
GLN HA   H  N N 100 
GLN HB2  H  N N 101 
GLN HB3  H  N N 102 
GLN HG2  H  N N 103 
GLN HG3  H  N N 104 
GLN HE21 H  N N 105 
GLN HE22 H  N N 106 
GLN HXT  H  N N 107 
GLU N    N  N N 108 
GLU CA   C  N S 109 
GLU C    C  N N 110 
GLU O    O  N N 111 
GLU CB   C  N N 112 
GLU CG   C  N N 113 
GLU CD   C  N N 114 
GLU OE1  O  N N 115 
GLU OE2  O  N N 116 
GLU OXT  O  N N 117 
GLU H    H  N N 118 
GLU H2   H  N N 119 
GLU HA   H  N N 120 
GLU HB2  H  N N 121 
GLU HB3  H  N N 122 
GLU HG2  H  N N 123 
GLU HG3  H  N N 124 
GLU HE2  H  N N 125 
GLU HXT  H  N N 126 
GLY N    N  N N 127 
GLY CA   C  N N 128 
GLY C    C  N N 129 
GLY O    O  N N 130 
GLY OXT  O  N N 131 
GLY H    H  N N 132 
GLY H2   H  N N 133 
GLY HA2  H  N N 134 
GLY HA3  H  N N 135 
GLY HXT  H  N N 136 
HIS N    N  N N 137 
HIS CA   C  N S 138 
HIS C    C  N N 139 
HIS O    O  N N 140 
HIS CB   C  N N 141 
HIS CG   C  Y N 142 
HIS ND1  N  Y N 143 
HIS CD2  C  Y N 144 
HIS CE1  C  Y N 145 
HIS NE2  N  Y N 146 
HIS OXT  O  N N 147 
HIS H    H  N N 148 
HIS H2   H  N N 149 
HIS HA   H  N N 150 
HIS HB2  H  N N 151 
HIS HB3  H  N N 152 
HIS HD1  H  N N 153 
HIS HD2  H  N N 154 
HIS HE1  H  N N 155 
HIS HE2  H  N N 156 
HIS HXT  H  N N 157 
HOH O    O  N N 158 
HOH H1   H  N N 159 
HOH H2   H  N N 160 
ILE N    N  N N 161 
ILE CA   C  N S 162 
ILE C    C  N N 163 
ILE O    O  N N 164 
ILE CB   C  N S 165 
ILE CG1  C  N N 166 
ILE CG2  C  N N 167 
ILE CD1  C  N N 168 
ILE OXT  O  N N 169 
ILE H    H  N N 170 
ILE H2   H  N N 171 
ILE HA   H  N N 172 
ILE HB   H  N N 173 
ILE HG12 H  N N 174 
ILE HG13 H  N N 175 
ILE HG21 H  N N 176 
ILE HG22 H  N N 177 
ILE HG23 H  N N 178 
ILE HD11 H  N N 179 
ILE HD12 H  N N 180 
ILE HD13 H  N N 181 
ILE HXT  H  N N 182 
J1H C1   C  Y N 183 
J1H C2   C  Y N 184 
J1H C3   C  Y N 185 
J1H CL4  CL N N 186 
J1H C5   C  Y N 187 
J1H C6   C  Y N 188 
J1H C7   C  Y N 189 
J1H C8   C  Y N 190 
J1H C9   C  Y N 191 
J1H C10  C  Y N 192 
J1H C11  C  Y N 193 
J1H C12  C  Y N 194 
J1H C13  C  Y N 195 
J1H C14  C  N N 196 
J1H N15  N  N N 197 
J1H C18  C  N N 198 
J1H C19  C  N N 199 
J1H C16  C  N N 200 
J1H C17  C  N N 201 
J1H N20  N  N N 202 
J1H C21  C  Y N 203 
J1H C24  C  Y N 204 
J1H C25  C  Y N 205 
J1H C22  C  Y N 206 
J1H C23  C  Y N 207 
J1H C26  C  Y N 208 
J1H C27  C  N N 209 
J1H O28  O  N N 210 
J1H N29  N  N N 211 
J1H S30  S  N N 212 
J1H O31  O  N N 213 
J1H O32  O  N N 214 
J1H C33  C  Y N 215 
J1H C34  C  Y N 216 
J1H C35  C  Y N 217 
J1H N36  N  N N 218 
J1H O38  O  N N 219 
J1H O37  O  N N 220 
J1H C39  C  Y N 221 
J1H C40  C  Y N 222 
J1H C41  C  Y N 223 
J1H N42  N  N N 224 
J1H C43  C  N R 225 
J1H C44  C  N N 226 
J1H C45  C  N N 227 
J1H N46  N  N N 228 
J1H C47  C  N N 229 
J1H C49  C  N N 230 
J1H C48  C  N N 231 
J1H C58  C  N N 232 
J1H O60  O  N N 233 
J1H O59  O  N N 234 
J1H C50  C  N N 235 
J1H S51  S  N N 236 
J1H C52  C  Y N 237 
J1H C53  C  Y N 238 
J1H C54  C  Y N 239 
J1H C55  C  Y N 240 
J1H C56  C  Y N 241 
J1H C57  C  Y N 242 
J1H H1   H  N N 243 
J1H H2   H  N N 244 
J1H H3   H  N N 245 
J1H H4   H  N N 246 
J1H H5   H  N N 247 
J1H H6   H  N N 248 
J1H H7   H  N N 249 
J1H H8   H  N N 250 
J1H H9   H  N N 251 
J1H H10  H  N N 252 
J1H H12  H  N N 253 
J1H H13  H  N N 254 
J1H H14  H  N N 255 
J1H H15  H  N N 256 
J1H H16  H  N N 257 
J1H H17  H  N N 258 
J1H H18  H  N N 259 
J1H H19  H  N N 260 
J1H H20  H  N N 261 
J1H H21  H  N N 262 
J1H H22  H  N N 263 
J1H H23  H  N N 264 
J1H H24  H  N N 265 
J1H H25  H  N N 266 
J1H H26  H  N N 267 
J1H H27  H  N N 268 
J1H H28  H  N N 269 
J1H H29  H  N N 270 
J1H H30  H  N N 271 
J1H H31  H  N N 272 
J1H H32  H  N N 273 
J1H H33  H  N N 274 
J1H H34  H  N N 275 
J1H H35  H  N N 276 
J1H H36  H  N N 277 
J1H H37  H  N N 278 
J1H H38  H  N N 279 
J1H H39  H  N N 280 
J1H H40  H  N N 281 
J1H H41  H  N N 282 
J1H H42  H  N N 283 
J1H H43  H  N N 284 
J1H H44  H  N N 285 
J1H H45  H  N N 286 
J1H H46  H  N N 287 
J1H H47  H  N N 288 
J1H H48  H  N N 289 
J1H H49  H  N N 290 
LEU N    N  N N 291 
LEU CA   C  N S 292 
LEU C    C  N N 293 
LEU O    O  N N 294 
LEU CB   C  N N 295 
LEU CG   C  N N 296 
LEU CD1  C  N N 297 
LEU CD2  C  N N 298 
LEU OXT  O  N N 299 
LEU H    H  N N 300 
LEU H2   H  N N 301 
LEU HA   H  N N 302 
LEU HB2  H  N N 303 
LEU HB3  H  N N 304 
LEU HG   H  N N 305 
LEU HD11 H  N N 306 
LEU HD12 H  N N 307 
LEU HD13 H  N N 308 
LEU HD21 H  N N 309 
LEU HD22 H  N N 310 
LEU HD23 H  N N 311 
LEU HXT  H  N N 312 
LYS N    N  N N 313 
LYS CA   C  N S 314 
LYS C    C  N N 315 
LYS O    O  N N 316 
LYS CB   C  N N 317 
LYS CG   C  N N 318 
LYS CD   C  N N 319 
LYS CE   C  N N 320 
LYS NZ   N  N N 321 
LYS OXT  O  N N 322 
LYS H    H  N N 323 
LYS H2   H  N N 324 
LYS HA   H  N N 325 
LYS HB2  H  N N 326 
LYS HB3  H  N N 327 
LYS HG2  H  N N 328 
LYS HG3  H  N N 329 
LYS HD2  H  N N 330 
LYS HD3  H  N N 331 
LYS HE2  H  N N 332 
LYS HE3  H  N N 333 
LYS HZ1  H  N N 334 
LYS HZ2  H  N N 335 
LYS HZ3  H  N N 336 
LYS HXT  H  N N 337 
MET N    N  N N 338 
MET CA   C  N S 339 
MET C    C  N N 340 
MET O    O  N N 341 
MET CB   C  N N 342 
MET CG   C  N N 343 
MET SD   S  N N 344 
MET CE   C  N N 345 
MET OXT  O  N N 346 
MET H    H  N N 347 
MET H2   H  N N 348 
MET HA   H  N N 349 
MET HB2  H  N N 350 
MET HB3  H  N N 351 
MET HG2  H  N N 352 
MET HG3  H  N N 353 
MET HE1  H  N N 354 
MET HE2  H  N N 355 
MET HE3  H  N N 356 
MET HXT  H  N N 357 
PHE N    N  N N 358 
PHE CA   C  N S 359 
PHE C    C  N N 360 
PHE O    O  N N 361 
PHE CB   C  N N 362 
PHE CG   C  Y N 363 
PHE CD1  C  Y N 364 
PHE CD2  C  Y N 365 
PHE CE1  C  Y N 366 
PHE CE2  C  Y N 367 
PHE CZ   C  Y N 368 
PHE OXT  O  N N 369 
PHE H    H  N N 370 
PHE H2   H  N N 371 
PHE HA   H  N N 372 
PHE HB2  H  N N 373 
PHE HB3  H  N N 374 
PHE HD1  H  N N 375 
PHE HD2  H  N N 376 
PHE HE1  H  N N 377 
PHE HE2  H  N N 378 
PHE HZ   H  N N 379 
PHE HXT  H  N N 380 
PRO N    N  N N 381 
PRO CA   C  N S 382 
PRO C    C  N N 383 
PRO O    O  N N 384 
PRO CB   C  N N 385 
PRO CG   C  N N 386 
PRO CD   C  N N 387 
PRO OXT  O  N N 388 
PRO H    H  N N 389 
PRO HA   H  N N 390 
PRO HB2  H  N N 391 
PRO HB3  H  N N 392 
PRO HG2  H  N N 393 
PRO HG3  H  N N 394 
PRO HD2  H  N N 395 
PRO HD3  H  N N 396 
PRO HXT  H  N N 397 
SER N    N  N N 398 
SER CA   C  N S 399 
SER C    C  N N 400 
SER O    O  N N 401 
SER CB   C  N N 402 
SER OG   O  N N 403 
SER OXT  O  N N 404 
SER H    H  N N 405 
SER H2   H  N N 406 
SER HA   H  N N 407 
SER HB2  H  N N 408 
SER HB3  H  N N 409 
SER HG   H  N N 410 
SER HXT  H  N N 411 
THR N    N  N N 412 
THR CA   C  N S 413 
THR C    C  N N 414 
THR O    O  N N 415 
THR CB   C  N R 416 
THR OG1  O  N N 417 
THR CG2  C  N N 418 
THR OXT  O  N N 419 
THR H    H  N N 420 
THR H2   H  N N 421 
THR HA   H  N N 422 
THR HB   H  N N 423 
THR HG1  H  N N 424 
THR HG21 H  N N 425 
THR HG22 H  N N 426 
THR HG23 H  N N 427 
THR HXT  H  N N 428 
TRP N    N  N N 429 
TRP CA   C  N S 430 
TRP C    C  N N 431 
TRP O    O  N N 432 
TRP CB   C  N N 433 
TRP CG   C  Y N 434 
TRP CD1  C  Y N 435 
TRP CD2  C  Y N 436 
TRP NE1  N  Y N 437 
TRP CE2  C  Y N 438 
TRP CE3  C  Y N 439 
TRP CZ2  C  Y N 440 
TRP CZ3  C  Y N 441 
TRP CH2  C  Y N 442 
TRP OXT  O  N N 443 
TRP H    H  N N 444 
TRP H2   H  N N 445 
TRP HA   H  N N 446 
TRP HB2  H  N N 447 
TRP HB3  H  N N 448 
TRP HD1  H  N N 449 
TRP HE1  H  N N 450 
TRP HE3  H  N N 451 
TRP HZ2  H  N N 452 
TRP HZ3  H  N N 453 
TRP HH2  H  N N 454 
TRP HXT  H  N N 455 
TYR N    N  N N 456 
TYR CA   C  N S 457 
TYR C    C  N N 458 
TYR O    O  N N 459 
TYR CB   C  N N 460 
TYR CG   C  Y N 461 
TYR CD1  C  Y N 462 
TYR CD2  C  Y N 463 
TYR CE1  C  Y N 464 
TYR CE2  C  Y N 465 
TYR CZ   C  Y N 466 
TYR OH   O  N N 467 
TYR OXT  O  N N 468 
TYR H    H  N N 469 
TYR H2   H  N N 470 
TYR HA   H  N N 471 
TYR HB2  H  N N 472 
TYR HB3  H  N N 473 
TYR HD1  H  N N 474 
TYR HD2  H  N N 475 
TYR HE1  H  N N 476 
TYR HE2  H  N N 477 
TYR HH   H  N N 478 
TYR HXT  H  N N 479 
VAL N    N  N N 480 
VAL CA   C  N S 481 
VAL C    C  N N 482 
VAL O    O  N N 483 
VAL CB   C  N N 484 
VAL CG1  C  N N 485 
VAL CG2  C  N N 486 
VAL OXT  O  N N 487 
VAL H    H  N N 488 
VAL H2   H  N N 489 
VAL HA   H  N N 490 
VAL HB   H  N N 491 
VAL HG11 H  N N 492 
VAL HG12 H  N N 493 
VAL HG13 H  N N 494 
VAL HG21 H  N N 495 
VAL HG22 H  N N 496 
VAL HG23 H  N N 497 
VAL HXT  H  N N 498 
# 
loop_
_chem_comp_bond.comp_id 
_chem_comp_bond.atom_id_1 
_chem_comp_bond.atom_id_2 
_chem_comp_bond.value_order 
_chem_comp_bond.pdbx_aromatic_flag 
_chem_comp_bond.pdbx_stereo_config 
_chem_comp_bond.pdbx_ordinal 
ALA N   CA   sing N N 1   
ALA N   H    sing N N 2   
ALA N   H2   sing N N 3   
ALA CA  C    sing N N 4   
ALA CA  CB   sing N N 5   
ALA CA  HA   sing N N 6   
ALA C   O    doub N N 7   
ALA C   OXT  sing N N 8   
ALA CB  HB1  sing N N 9   
ALA CB  HB2  sing N N 10  
ALA CB  HB3  sing N N 11  
ALA OXT HXT  sing N N 12  
ARG N   CA   sing N N 13  
ARG N   H    sing N N 14  
ARG N   H2   sing N N 15  
ARG CA  C    sing N N 16  
ARG CA  CB   sing N N 17  
ARG CA  HA   sing N N 18  
ARG C   O    doub N N 19  
ARG C   OXT  sing N N 20  
ARG CB  CG   sing N N 21  
ARG CB  HB2  sing N N 22  
ARG CB  HB3  sing N N 23  
ARG CG  CD   sing N N 24  
ARG CG  HG2  sing N N 25  
ARG CG  HG3  sing N N 26  
ARG CD  NE   sing N N 27  
ARG CD  HD2  sing N N 28  
ARG CD  HD3  sing N N 29  
ARG NE  CZ   sing N N 30  
ARG NE  HE   sing N N 31  
ARG CZ  NH1  sing N N 32  
ARG CZ  NH2  doub N N 33  
ARG NH1 HH11 sing N N 34  
ARG NH1 HH12 sing N N 35  
ARG NH2 HH21 sing N N 36  
ARG NH2 HH22 sing N N 37  
ARG OXT HXT  sing N N 38  
ASN N   CA   sing N N 39  
ASN N   H    sing N N 40  
ASN N   H2   sing N N 41  
ASN CA  C    sing N N 42  
ASN CA  CB   sing N N 43  
ASN CA  HA   sing N N 44  
ASN C   O    doub N N 45  
ASN C   OXT  sing N N 46  
ASN CB  CG   sing N N 47  
ASN CB  HB2  sing N N 48  
ASN CB  HB3  sing N N 49  
ASN CG  OD1  doub N N 50  
ASN CG  ND2  sing N N 51  
ASN ND2 HD21 sing N N 52  
ASN ND2 HD22 sing N N 53  
ASN OXT HXT  sing N N 54  
ASP N   CA   sing N N 55  
ASP N   H    sing N N 56  
ASP N   H2   sing N N 57  
ASP CA  C    sing N N 58  
ASP CA  CB   sing N N 59  
ASP CA  HA   sing N N 60  
ASP C   O    doub N N 61  
ASP C   OXT  sing N N 62  
ASP CB  CG   sing N N 63  
ASP CB  HB2  sing N N 64  
ASP CB  HB3  sing N N 65  
ASP CG  OD1  doub N N 66  
ASP CG  OD2  sing N N 67  
ASP OD2 HD2  sing N N 68  
ASP OXT HXT  sing N N 69  
CYS N   CA   sing N N 70  
CYS N   H    sing N N 71  
CYS N   H2   sing N N 72  
CYS CA  C    sing N N 73  
CYS CA  CB   sing N N 74  
CYS CA  HA   sing N N 75  
CYS C   O    doub N N 76  
CYS C   OXT  sing N N 77  
CYS CB  SG   sing N N 78  
CYS CB  HB2  sing N N 79  
CYS CB  HB3  sing N N 80  
CYS SG  HG   sing N N 81  
CYS OXT HXT  sing N N 82  
GLN N   CA   sing N N 83  
GLN N   H    sing N N 84  
GLN N   H2   sing N N 85  
GLN CA  C    sing N N 86  
GLN CA  CB   sing N N 87  
GLN CA  HA   sing N N 88  
GLN C   O    doub N N 89  
GLN C   OXT  sing N N 90  
GLN CB  CG   sing N N 91  
GLN CB  HB2  sing N N 92  
GLN CB  HB3  sing N N 93  
GLN CG  CD   sing N N 94  
GLN CG  HG2  sing N N 95  
GLN CG  HG3  sing N N 96  
GLN CD  OE1  doub N N 97  
GLN CD  NE2  sing N N 98  
GLN NE2 HE21 sing N N 99  
GLN NE2 HE22 sing N N 100 
GLN OXT HXT  sing N N 101 
GLU N   CA   sing N N 102 
GLU N   H    sing N N 103 
GLU N   H2   sing N N 104 
GLU CA  C    sing N N 105 
GLU CA  CB   sing N N 106 
GLU CA  HA   sing N N 107 
GLU C   O    doub N N 108 
GLU C   OXT  sing N N 109 
GLU CB  CG   sing N N 110 
GLU CB  HB2  sing N N 111 
GLU CB  HB3  sing N N 112 
GLU CG  CD   sing N N 113 
GLU CG  HG2  sing N N 114 
GLU CG  HG3  sing N N 115 
GLU CD  OE1  doub N N 116 
GLU CD  OE2  sing N N 117 
GLU OE2 HE2  sing N N 118 
GLU OXT HXT  sing N N 119 
GLY N   CA   sing N N 120 
GLY N   H    sing N N 121 
GLY N   H2   sing N N 122 
GLY CA  C    sing N N 123 
GLY CA  HA2  sing N N 124 
GLY CA  HA3  sing N N 125 
GLY C   O    doub N N 126 
GLY C   OXT  sing N N 127 
GLY OXT HXT  sing N N 128 
HIS N   CA   sing N N 129 
HIS N   H    sing N N 130 
HIS N   H2   sing N N 131 
HIS CA  C    sing N N 132 
HIS CA  CB   sing N N 133 
HIS CA  HA   sing N N 134 
HIS C   O    doub N N 135 
HIS C   OXT  sing N N 136 
HIS CB  CG   sing N N 137 
HIS CB  HB2  sing N N 138 
HIS CB  HB3  sing N N 139 
HIS CG  ND1  sing Y N 140 
HIS CG  CD2  doub Y N 141 
HIS ND1 CE1  doub Y N 142 
HIS ND1 HD1  sing N N 143 
HIS CD2 NE2  sing Y N 144 
HIS CD2 HD2  sing N N 145 
HIS CE1 NE2  sing Y N 146 
HIS CE1 HE1  sing N N 147 
HIS NE2 HE2  sing N N 148 
HIS OXT HXT  sing N N 149 
HOH O   H1   sing N N 150 
HOH O   H2   sing N N 151 
ILE N   CA   sing N N 152 
ILE N   H    sing N N 153 
ILE N   H2   sing N N 154 
ILE CA  C    sing N N 155 
ILE CA  CB   sing N N 156 
ILE CA  HA   sing N N 157 
ILE C   O    doub N N 158 
ILE C   OXT  sing N N 159 
ILE CB  CG1  sing N N 160 
ILE CB  CG2  sing N N 161 
ILE CB  HB   sing N N 162 
ILE CG1 CD1  sing N N 163 
ILE CG1 HG12 sing N N 164 
ILE CG1 HG13 sing N N 165 
ILE CG2 HG21 sing N N 166 
ILE CG2 HG22 sing N N 167 
ILE CG2 HG23 sing N N 168 
ILE CD1 HD11 sing N N 169 
ILE CD1 HD12 sing N N 170 
ILE CD1 HD13 sing N N 171 
ILE OXT HXT  sing N N 172 
J1H C17 C16  sing N N 173 
J1H C17 N20  sing N N 174 
J1H C16 N15  sing N N 175 
J1H C25 C24  doub Y N 176 
J1H C25 C26  sing Y N 177 
J1H C24 C21  sing Y N 178 
J1H O28 C27  doub N N 179 
J1H N15 C14  sing N N 180 
J1H N15 C18  sing N N 181 
J1H C27 C26  sing N N 182 
J1H C27 N29  sing N N 183 
J1H C26 C23  doub Y N 184 
J1H C21 N20  sing N N 185 
J1H C21 C22  doub Y N 186 
J1H N20 C19  sing N N 187 
J1H C14 C13  sing N N 188 
J1H O32 S30  doub N N 189 
J1H C12 C13  doub Y N 190 
J1H C12 C11  sing Y N 191 
J1H C13 C8   sing Y N 192 
J1H C23 C22  sing Y N 193 
J1H N29 S30  sing N N 194 
J1H C19 C18  sing N N 195 
J1H C39 C40  doub Y N 196 
J1H C39 C33  sing Y N 197 
J1H C11 C10  doub Y N 198 
J1H S30 C33  sing N N 199 
J1H S30 O31  doub N N 200 
J1H C54 C53  doub Y N 201 
J1H C54 C55  sing Y N 202 
J1H C53 C52  sing Y N 203 
J1H C40 C41  sing Y N 204 
J1H C50 S51  sing N N 205 
J1H C50 C43  sing N N 206 
J1H C33 C34  doub Y N 207 
J1H C8  C7   sing N N 208 
J1H C8  C9   doub Y N 209 
J1H C6  C7   doub Y N 210 
J1H C6  C5   sing Y N 211 
J1H C10 C9   sing Y N 212 
J1H C55 C56  doub Y N 213 
J1H C52 S51  sing N N 214 
J1H C52 C57  doub Y N 215 
J1H O59 C58  doub N N 216 
J1H C43 N42  sing N N 217 
J1H C43 C44  sing N N 218 
J1H C7  C1   sing Y N 219 
J1H C5  C3   doub Y N 220 
J1H C41 N42  sing N N 221 
J1H C41 C35  doub Y N 222 
J1H C45 C44  sing N N 223 
J1H C45 N46  sing N N 224 
J1H C34 C35  sing Y N 225 
J1H C49 N46  sing N N 226 
J1H O60 C58  sing N N 227 
J1H C58 C48  sing N N 228 
J1H C56 C57  sing Y N 229 
J1H C35 N36  sing N N 230 
J1H C1  C2   doub Y N 231 
J1H C3  C2   sing Y N 232 
J1H C3  CL4  sing N N 233 
J1H N46 C48  sing N N 234 
J1H N46 C47  sing N N 235 
J1H N36 O37  doub N N 236 
J1H N36 O38  sing N N 237 
J1H C1  H1   sing N N 238 
J1H C2  H2   sing N N 239 
J1H C5  H3   sing N N 240 
J1H C6  H4   sing N N 241 
J1H C9  H5   sing N N 242 
J1H C10 H6   sing N N 243 
J1H C11 H7   sing N N 244 
J1H C12 H8   sing N N 245 
J1H C14 H9   sing N N 246 
J1H C14 H10  sing N N 247 
J1H C18 H12  sing N N 248 
J1H C18 H13  sing N N 249 
J1H C19 H14  sing N N 250 
J1H C19 H15  sing N N 251 
J1H C16 H16  sing N N 252 
J1H C16 H17  sing N N 253 
J1H C17 H18  sing N N 254 
J1H C17 H19  sing N N 255 
J1H C24 H20  sing N N 256 
J1H C25 H21  sing N N 257 
J1H C22 H22  sing N N 258 
J1H C23 H23  sing N N 259 
J1H N29 H24  sing N N 260 
J1H C34 H25  sing N N 261 
J1H C39 H26  sing N N 262 
J1H C40 H27  sing N N 263 
J1H N42 H28  sing N N 264 
J1H C43 H29  sing N N 265 
J1H C44 H30  sing N N 266 
J1H C44 H31  sing N N 267 
J1H C45 H32  sing N N 268 
J1H C45 H33  sing N N 269 
J1H C47 H34  sing N N 270 
J1H C47 H35  sing N N 271 
J1H C47 H36  sing N N 272 
J1H C49 H37  sing N N 273 
J1H C49 H38  sing N N 274 
J1H C49 H39  sing N N 275 
J1H C48 H40  sing N N 276 
J1H C48 H41  sing N N 277 
J1H O60 H42  sing N N 278 
J1H C50 H43  sing N N 279 
J1H C50 H44  sing N N 280 
J1H C53 H45  sing N N 281 
J1H C54 H46  sing N N 282 
J1H C55 H47  sing N N 283 
J1H C56 H48  sing N N 284 
J1H C57 H49  sing N N 285 
LEU N   CA   sing N N 286 
LEU N   H    sing N N 287 
LEU N   H2   sing N N 288 
LEU CA  C    sing N N 289 
LEU CA  CB   sing N N 290 
LEU CA  HA   sing N N 291 
LEU C   O    doub N N 292 
LEU C   OXT  sing N N 293 
LEU CB  CG   sing N N 294 
LEU CB  HB2  sing N N 295 
LEU CB  HB3  sing N N 296 
LEU CG  CD1  sing N N 297 
LEU CG  CD2  sing N N 298 
LEU CG  HG   sing N N 299 
LEU CD1 HD11 sing N N 300 
LEU CD1 HD12 sing N N 301 
LEU CD1 HD13 sing N N 302 
LEU CD2 HD21 sing N N 303 
LEU CD2 HD22 sing N N 304 
LEU CD2 HD23 sing N N 305 
LEU OXT HXT  sing N N 306 
LYS N   CA   sing N N 307 
LYS N   H    sing N N 308 
LYS N   H2   sing N N 309 
LYS CA  C    sing N N 310 
LYS CA  CB   sing N N 311 
LYS CA  HA   sing N N 312 
LYS C   O    doub N N 313 
LYS C   OXT  sing N N 314 
LYS CB  CG   sing N N 315 
LYS CB  HB2  sing N N 316 
LYS CB  HB3  sing N N 317 
LYS CG  CD   sing N N 318 
LYS CG  HG2  sing N N 319 
LYS CG  HG3  sing N N 320 
LYS CD  CE   sing N N 321 
LYS CD  HD2  sing N N 322 
LYS CD  HD3  sing N N 323 
LYS CE  NZ   sing N N 324 
LYS CE  HE2  sing N N 325 
LYS CE  HE3  sing N N 326 
LYS NZ  HZ1  sing N N 327 
LYS NZ  HZ2  sing N N 328 
LYS NZ  HZ3  sing N N 329 
LYS OXT HXT  sing N N 330 
MET N   CA   sing N N 331 
MET N   H    sing N N 332 
MET N   H2   sing N N 333 
MET CA  C    sing N N 334 
MET CA  CB   sing N N 335 
MET CA  HA   sing N N 336 
MET C   O    doub N N 337 
MET C   OXT  sing N N 338 
MET CB  CG   sing N N 339 
MET CB  HB2  sing N N 340 
MET CB  HB3  sing N N 341 
MET CG  SD   sing N N 342 
MET CG  HG2  sing N N 343 
MET CG  HG3  sing N N 344 
MET SD  CE   sing N N 345 
MET CE  HE1  sing N N 346 
MET CE  HE2  sing N N 347 
MET CE  HE3  sing N N 348 
MET OXT HXT  sing N N 349 
PHE N   CA   sing N N 350 
PHE N   H    sing N N 351 
PHE N   H2   sing N N 352 
PHE CA  C    sing N N 353 
PHE CA  CB   sing N N 354 
PHE CA  HA   sing N N 355 
PHE C   O    doub N N 356 
PHE C   OXT  sing N N 357 
PHE CB  CG   sing N N 358 
PHE CB  HB2  sing N N 359 
PHE CB  HB3  sing N N 360 
PHE CG  CD1  doub Y N 361 
PHE CG  CD2  sing Y N 362 
PHE CD1 CE1  sing Y N 363 
PHE CD1 HD1  sing N N 364 
PHE CD2 CE2  doub Y N 365 
PHE CD2 HD2  sing N N 366 
PHE CE1 CZ   doub Y N 367 
PHE CE1 HE1  sing N N 368 
PHE CE2 CZ   sing Y N 369 
PHE CE2 HE2  sing N N 370 
PHE CZ  HZ   sing N N 371 
PHE OXT HXT  sing N N 372 
PRO N   CA   sing N N 373 
PRO N   CD   sing N N 374 
PRO N   H    sing N N 375 
PRO CA  C    sing N N 376 
PRO CA  CB   sing N N 377 
PRO CA  HA   sing N N 378 
PRO C   O    doub N N 379 
PRO C   OXT  sing N N 380 
PRO CB  CG   sing N N 381 
PRO CB  HB2  sing N N 382 
PRO CB  HB3  sing N N 383 
PRO CG  CD   sing N N 384 
PRO CG  HG2  sing N N 385 
PRO CG  HG3  sing N N 386 
PRO CD  HD2  sing N N 387 
PRO CD  HD3  sing N N 388 
PRO OXT HXT  sing N N 389 
SER N   CA   sing N N 390 
SER N   H    sing N N 391 
SER N   H2   sing N N 392 
SER CA  C    sing N N 393 
SER CA  CB   sing N N 394 
SER CA  HA   sing N N 395 
SER C   O    doub N N 396 
SER C   OXT  sing N N 397 
SER CB  OG   sing N N 398 
SER CB  HB2  sing N N 399 
SER CB  HB3  sing N N 400 
SER OG  HG   sing N N 401 
SER OXT HXT  sing N N 402 
THR N   CA   sing N N 403 
THR N   H    sing N N 404 
THR N   H2   sing N N 405 
THR CA  C    sing N N 406 
THR CA  CB   sing N N 407 
THR CA  HA   sing N N 408 
THR C   O    doub N N 409 
THR C   OXT  sing N N 410 
THR CB  OG1  sing N N 411 
THR CB  CG2  sing N N 412 
THR CB  HB   sing N N 413 
THR OG1 HG1  sing N N 414 
THR CG2 HG21 sing N N 415 
THR CG2 HG22 sing N N 416 
THR CG2 HG23 sing N N 417 
THR OXT HXT  sing N N 418 
TRP N   CA   sing N N 419 
TRP N   H    sing N N 420 
TRP N   H2   sing N N 421 
TRP CA  C    sing N N 422 
TRP CA  CB   sing N N 423 
TRP CA  HA   sing N N 424 
TRP C   O    doub N N 425 
TRP C   OXT  sing N N 426 
TRP CB  CG   sing N N 427 
TRP CB  HB2  sing N N 428 
TRP CB  HB3  sing N N 429 
TRP CG  CD1  doub Y N 430 
TRP CG  CD2  sing Y N 431 
TRP CD1 NE1  sing Y N 432 
TRP CD1 HD1  sing N N 433 
TRP CD2 CE2  doub Y N 434 
TRP CD2 CE3  sing Y N 435 
TRP NE1 CE2  sing Y N 436 
TRP NE1 HE1  sing N N 437 
TRP CE2 CZ2  sing Y N 438 
TRP CE3 CZ3  doub Y N 439 
TRP CE3 HE3  sing N N 440 
TRP CZ2 CH2  doub Y N 441 
TRP CZ2 HZ2  sing N N 442 
TRP CZ3 CH2  sing Y N 443 
TRP CZ3 HZ3  sing N N 444 
TRP CH2 HH2  sing N N 445 
TRP OXT HXT  sing N N 446 
TYR N   CA   sing N N 447 
TYR N   H    sing N N 448 
TYR N   H2   sing N N 449 
TYR CA  C    sing N N 450 
TYR CA  CB   sing N N 451 
TYR CA  HA   sing N N 452 
TYR C   O    doub N N 453 
TYR C   OXT  sing N N 454 
TYR CB  CG   sing N N 455 
TYR CB  HB2  sing N N 456 
TYR CB  HB3  sing N N 457 
TYR CG  CD1  doub Y N 458 
TYR CG  CD2  sing Y N 459 
TYR CD1 CE1  sing Y N 460 
TYR CD1 HD1  sing N N 461 
TYR CD2 CE2  doub Y N 462 
TYR CD2 HD2  sing N N 463 
TYR CE1 CZ   doub Y N 464 
TYR CE1 HE1  sing N N 465 
TYR CE2 CZ   sing Y N 466 
TYR CE2 HE2  sing N N 467 
TYR CZ  OH   sing N N 468 
TYR OH  HH   sing N N 469 
TYR OXT HXT  sing N N 470 
VAL N   CA   sing N N 471 
VAL N   H    sing N N 472 
VAL N   H2   sing N N 473 
VAL CA  C    sing N N 474 
VAL CA  CB   sing N N 475 
VAL CA  HA   sing N N 476 
VAL C   O    doub N N 477 
VAL C   OXT  sing N N 478 
VAL CB  CG1  sing N N 479 
VAL CB  CG2  sing N N 480 
VAL CB  HB   sing N N 481 
VAL CG1 HG11 sing N N 482 
VAL CG1 HG12 sing N N 483 
VAL CG1 HG13 sing N N 484 
VAL CG2 HG21 sing N N 485 
VAL CG2 HG22 sing N N 486 
VAL CG2 HG23 sing N N 487 
VAL OXT HXT  sing N N 488 
# 
_pdbx_entity_instance_feature.ordinal        1 
_pdbx_entity_instance_feature.comp_id        J1H 
_pdbx_entity_instance_feature.asym_id        ? 
_pdbx_entity_instance_feature.seq_num        ? 
_pdbx_entity_instance_feature.auth_comp_id   J1H 
_pdbx_entity_instance_feature.auth_asym_id   ? 
_pdbx_entity_instance_feature.auth_seq_num   ? 
_pdbx_entity_instance_feature.feature_type   'SUBJECT OF INVESTIGATION' 
_pdbx_entity_instance_feature.details        ? 
# 
_pdbx_initial_refinement_model.id               1 
_pdbx_initial_refinement_model.entity_id_list   ? 
_pdbx_initial_refinement_model.type             'experimental model' 
_pdbx_initial_refinement_model.source_name      PDB 
_pdbx_initial_refinement_model.accession_code   2YXJ 
_pdbx_initial_refinement_model.details          ? 
# 
_atom_sites.entry_id                    6QGG 
_atom_sites.fract_transf_matrix[1][1]   -0.01598116 
_atom_sites.fract_transf_matrix[1][2]   -0.00616150 
_atom_sites.fract_transf_matrix[1][3]   0.00582433 
_atom_sites.fract_transf_matrix[2][1]   -0.00687114 
_atom_sites.fract_transf_matrix[2][2]   0.01669267 
_atom_sites.fract_transf_matrix[2][3]   -0.00119444 
_atom_sites.fract_transf_matrix[3][1]   -0.00468617 
_atom_sites.fract_transf_matrix[3][2]   -0.00308234 
_atom_sites.fract_transf_matrix[3][3]   -0.01611898 
_atom_sites.fract_transf_vector[1]      -0.332111 
_atom_sites.fract_transf_vector[2]      0.165627 
_atom_sites.fract_transf_vector[3]      0.011431 
# 
loop_
_atom_type.symbol 
C  
CL 
N  
O  
S  
# 
loop_
_atom_site.group_PDB 
_atom_site.id 
_atom_site.type_symbol 
_atom_site.label_atom_id 
_atom_site.label_alt_id 
_atom_site.label_comp_id 
_atom_site.label_asym_id 
_atom_site.label_entity_id 
_atom_site.label_seq_id 
_atom_site.pdbx_PDB_ins_code 
_atom_site.Cartn_x 
_atom_site.Cartn_y 
_atom_site.Cartn_z 
_atom_site.occupancy 
_atom_site.B_iso_or_equiv 
_atom_site.pdbx_formal_charge 
_atom_site.auth_seq_id 
_atom_site.auth_comp_id 
_atom_site.auth_asym_id 
_atom_site.auth_atom_id 
_atom_site.pdbx_PDB_model_num 
ATOM   1    N  N   . SER A 1 2   ? -17.057 -2.176  -7.999  1.00 59.58 ? 8   SER A N   1 
ATOM   2    C  CA  . SER A 1 2   ? -17.427 -0.801  -7.555  1.00 55.00 ? 8   SER A CA  1 
ATOM   3    C  C   . SER A 1 2   ? -16.392 -0.242  -6.556  1.00 43.66 ? 8   SER A C   1 
ATOM   4    O  O   . SER A 1 2   ? -16.104 0.977   -6.604  1.00 45.59 ? 8   SER A O   1 
ATOM   5    C  CB  . SER A 1 2   ? -18.834 -0.764  -7.014  1.00 60.25 ? 8   SER A CB  1 
ATOM   6    O  OG  . SER A 1 2   ? -18.924 -1.446  -5.771  1.00 74.01 ? 8   SER A OG  1 
ATOM   7    N  N   . GLN A 1 3   ? -15.787 -1.087  -5.695  1.00 36.49 ? 9   GLN A N   1 
ATOM   8    C  CA  . GLN A 1 3   ? -14.696 -0.581  -4.781  1.00 30.56 ? 9   GLN A CA  1 
ATOM   9    C  C   . GLN A 1 3   ? -13.473 -0.180  -5.623  1.00 29.05 ? 9   GLN A C   1 
ATOM   10   O  O   . GLN A 1 3   ? -12.774 0.774   -5.236  1.00 27.63 ? 9   GLN A O   1 
ATOM   11   C  CB  . GLN A 1 3   ? -14.266 -1.538  -3.668  1.00 27.07 ? 9   GLN A CB  1 
ATOM   12   C  CG  . GLN A 1 3   ? -15.135 -1.467  -2.401  1.00 26.67 ? 9   GLN A CG  1 
ATOM   13   C  CD  . GLN A 1 3   ? -14.765 -2.489  -1.359  1.00 24.96 ? 9   GLN A CD  1 
ATOM   14   O  OE1 . GLN A 1 3   ? -13.591 -2.801  -1.164  1.00 23.59 ? 9   GLN A OE1 1 
ATOM   15   N  NE2 . GLN A 1 3   ? -15.752 -3.000  -0.618  1.00 21.77 ? 9   GLN A NE2 1 
ATOM   16   N  N   . ASP A 1 4   ? -13.242 -0.867  -6.758  1.00 26.14 ? 10  ASP A N   1 
ATOM   17   C  CA  . ASP A 1 4   ? -12.155 -0.537  -7.730  1.00 26.00 ? 10  ASP A CA  1 
ATOM   18   C  C   . ASP A 1 4   ? -10.767 -0.598  -7.056  1.00 22.98 ? 10  ASP A C   1 
ATOM   19   O  O   . ASP A 1 4   ? -9.863  0.252   -7.331  1.00 20.41 ? 10  ASP A O   1 
ATOM   20   C  CB  . ASP A 1 4   ? -12.304 0.870   -8.325  1.00 32.81 ? 10  ASP A CB  1 
ATOM   21   C  CG  . ASP A 1 4   ? -13.668 1.151   -8.948  1.00 44.89 ? 10  ASP A CG  1 
ATOM   22   O  OD1 . ASP A 1 4   ? -14.152 0.280   -9.710  1.00 47.38 ? 10  ASP A OD1 1 
ATOM   23   O  OD2 . ASP A 1 4   ? -14.222 2.256   -8.677  1.00 52.26 ? 10  ASP A OD2 1 
ATOM   24   N  N   . ASN A 1 5   ? -10.596 -1.575  -6.168  1.00 22.12 ? 11  ASN A N   1 
ATOM   25   C  CA  . ASN A 1 5   ? -9.380  -1.693  -5.380  1.00 21.02 ? 11  ASN A CA  1 
ATOM   26   C  C   . ASN A 1 5   ? -8.145  -1.862  -6.287  1.00 21.31 ? 11  ASN A C   1 
ATOM   27   O  O   . ASN A 1 5   ? -7.058  -1.362  -5.998  1.00 19.60 ? 11  ASN A O   1 
ATOM   28   C  CB  . ASN A 1 5   ? -9.552  -2.819  -4.351  1.00 20.36 ? 11  ASN A CB  1 
ATOM   29   C  CG  . ASN A 1 5   ? -10.409 -2.410  -3.175  1.00 22.40 ? 11  ASN A CG  1 
ATOM   30   O  OD1 . ASN A 1 5   ? -10.374 -1.261  -2.710  1.00 23.01 ? 11  ASN A OD1 1 
ATOM   31   N  ND2 . ASN A 1 5   ? -11.224 -3.337  -2.683  1.00 22.97 ? 11  ASN A ND2 1 
ATOM   32   N  N   . ARG A 1 6   ? -8.230  -2.589  -7.396  1.00 18.60 ? 12  ARG A N   1 
ATOM   33   C  CA  . ARG A 1 6   ? -7.121  -2.732  -8.344  1.00 18.77 ? 12  ARG A CA  1 
ATOM   34   C  C   . ARG A 1 6   ? -6.568  -1.397  -8.886  1.00 17.87 ? 12  ARG A C   1 
ATOM   35   O  O   . ARG A 1 6   ? -5.368  -1.155  -8.881  1.00 18.08 ? 12  ARG A O   1 
ATOM   36   C  CB  . ARG A 1 6   ? -7.481  -3.647  -9.509  1.00 25.68 ? 12  ARG A CB  1 
ATOM   37   C  CG  . ARG A 1 6   ? -6.293  -4.072  -10.366 1.00 29.86 ? 12  ARG A CG  1 
ATOM   38   C  CD  . ARG A 1 6   ? -6.619  -5.234  -11.292 1.00 36.57 ? 12  ARG A CD  1 
ATOM   39   N  NE  . ARG A 1 6   ? -6.556  -6.504  -10.582 1.00 45.97 ? 12  ARG A NE  1 
ATOM   40   C  CZ  . ARG A 1 6   ? -7.564  -7.052  -9.905  1.00 49.43 ? 12  ARG A CZ  1 
ATOM   41   N  NH1 . ARG A 1 6   ? -8.823  -6.886  -10.294 1.00 51.53 ? 12  ARG A NH1 1 
ATOM   42   N  NH2 . ARG A 1 6   ? -7.297  -7.733  -8.810  1.00 38.02 ? 12  ARG A NH2 1 
ATOM   43   N  N   . GLU A 1 7   ? -7.401  -0.513  -9.403  1.00 18.28 ? 13  GLU A N   1 
ATOM   44   C  CA  . GLU A 1 7   ? -6.941  0.742   -9.922  1.00 17.16 ? 13  GLU A CA  1 
ATOM   45   C  C   . GLU A 1 7   ? -6.464  1.647   -8.763  1.00 13.70 ? 13  GLU A C   1 
ATOM   46   O  O   . GLU A 1 7   ? -5.501  2.400   -8.934  1.00 13.55 ? 13  GLU A O   1 
ATOM   47   C  CB  . GLU A 1 7   ? -8.044  1.450   -10.704 1.00 20.76 ? 13  GLU A CB  1 
ATOM   48   C  CG  . GLU A 1 7   ? -7.707  2.866   -11.114 1.00 27.09 ? 13  GLU A CG  1 
ATOM   49   C  CD  . GLU A 1 7   ? -8.518  3.894   -10.351 1.00 31.42 ? 13  GLU A CD  1 
ATOM   50   O  OE1 . GLU A 1 7   ? -8.592  3.748   -9.144  1.00 45.05 ? 13  GLU A OE1 1 
ATOM   51   O  OE2 . GLU A 1 7   ? -9.186  4.776   -10.978 1.00 39.17 ? 13  GLU A OE2 1 
ATOM   52   N  N   . ILE A 1 8   ? -7.040  1.501   -7.563  1.00 13.50 ? 14  ILE A N   1 
ATOM   53   C  CA  . ILE A 1 8   ? -6.544  2.267   -6.396  1.00 12.68 ? 14  ILE A CA  1 
ATOM   54   C  C   . ILE A 1 8   ? -5.081  1.863   -6.135  1.00 11.84 ? 14  ILE A C   1 
ATOM   55   O  O   . ILE A 1 8   ? -4.212  2.706   -5.918  1.00 10.80 ? 14  ILE A O   1 
ATOM   56   C  CB  . ILE A 1 8   ? -7.412  2.085   -5.149  1.00 15.14 ? 14  ILE A CB  1 
ATOM   57   C  CG1 . ILE A 1 8   ? -8.790  2.700   -5.309  1.00 18.67 ? 14  ILE A CG1 1 
ATOM   58   C  CG2 . ILE A 1 8   ? -6.749  2.687   -3.932  1.00 16.49 ? 14  ILE A CG2 1 
ATOM   59   C  CD1 . ILE A 1 8   ? -9.764  2.352   -4.209  1.00 19.23 ? 14  ILE A CD1 1 
ATOM   60   N  N   . VAL A 1 9   ? -4.758  0.585   -6.196  1.00 11.32 ? 15  VAL A N   1 
ATOM   61   C  CA  . VAL A 1 9   ? -3.418  0.109   -5.999  1.00 10.58 ? 15  VAL A CA  1 
ATOM   62   C  C   . VAL A 1 9   ? -2.471  0.623   -7.078  1.00 10.24 ? 15  VAL A C   1 
ATOM   63   O  O   . VAL A 1 9   ? -1.386  1.068   -6.752  1.00 11.38 ? 15  VAL A O   1 
ATOM   64   C  CB  . VAL A 1 9   ? -3.380  -1.425  -5.897  1.00 11.47 ? 15  VAL A CB  1 
ATOM   65   C  CG1 . VAL A 1 9   ? -1.958  -1.997  -5.962  1.00 11.80 ? 15  VAL A CG1 1 
ATOM   66   C  CG2 . VAL A 1 9   ? -4.080  -1.908  -4.640  1.00 11.81 ? 15  VAL A CG2 1 
ATOM   67   N  N   . MET A 1 10  ? -2.887  0.524   -8.347  1.00 12.20 ? 16  MET A N   1 
ATOM   68   C  CA  . MET A 1 10  ? -1.982  0.894   -9.416  1.00 14.39 ? 16  MET A CA  1 
ATOM   69   C  C   . MET A 1 10  ? -1.635  2.377   -9.362  1.00 12.98 ? 16  MET A C   1 
ATOM   70   O  O   . MET A 1 10  ? -0.495  2.771   -9.508  1.00 14.90 ? 16  MET A O   1 
ATOM   71   C  CB  . MET A 1 10  ? -2.634  0.536   -10.766 1.00 16.58 ? 16  MET A CB  1 
ATOM   72   C  CG  . MET A 1 10  ? -2.988  -0.917  -10.907 1.00 20.01 ? 16  MET A CG  1 
ATOM   73   S  SD  . MET A 1 10  ? -1.709  -2.198  -10.505 1.00 27.90 ? 16  MET A SD  1 
ATOM   74   C  CE  . MET A 1 10  ? -2.762  -3.477  -9.811  1.00 29.07 ? 16  MET A CE  1 
ATOM   75   N  N   . LYS A 1 11  ? -2.638  3.214   -9.082  1.00 13.47 ? 17  LYS A N   1 
ATOM   76   C  CA  . LYS A 1 11  ? -2.395  4.656   -9.015  1.00 15.16 ? 17  LYS A CA  1 
ATOM   77   C  C   . LYS A 1 11  ? -1.498  4.966   -7.821  1.00 13.52 ? 17  LYS A C   1 
ATOM   78   O  O   . LYS A 1 11  ? -0.623  5.835   -7.904  1.00 14.37 ? 17  LYS A O   1 
ATOM   79   C  CB  . LYS A 1 11  ? -3.712  5.417   -8.883  1.00 18.40 ? 17  LYS A CB  1 
ATOM   80   C  CG  . LYS A 1 11  ? -4.448  5.590   -10.211 1.00 26.13 ? 17  LYS A CG  1 
ATOM   81   C  CD  . LYS A 1 11  ? -5.319  6.809   -10.246 1.00 31.04 ? 17  LYS A CD  1 
ATOM   82   C  CE  . LYS A 1 11  ? -5.422  7.453   -11.609 1.00 39.94 ? 17  LYS A CE  1 
ATOM   83   N  NZ  . LYS A 1 11  ? -4.723  8.763   -11.645 1.00 43.86 ? 17  LYS A NZ  1 
ATOM   84   N  N   . TYR A 1 12  ? -1.706  4.276   -6.690  1.00 12.42 ? 18  TYR A N   1 
ATOM   85   C  CA  . TYR A 1 12  ? -0.900  4.516   -5.490  1.00 11.43 ? 18  TYR A CA  1 
ATOM   86   C  C   . TYR A 1 12  ? 0.577   4.150   -5.736  1.00 11.52 ? 18  TYR A C   1 
ATOM   87   O  O   . TYR A 1 12  ? 1.452   4.906   -5.396  1.00 11.53 ? 18  TYR A O   1 
ATOM   88   C  CB  . TYR A 1 12  ? -1.430  3.735   -4.278  1.00 11.00 ? 18  TYR A CB  1 
ATOM   89   C  CG  . TYR A 1 12  ? -0.799  4.117   -2.947  1.00 11.70 ? 18  TYR A CG  1 
ATOM   90   C  CD1 . TYR A 1 12  ? 0.363   3.591   -2.371  1.00 16.79 ? 18  TYR A CD1 1 
ATOM   91   C  CD2 . TYR A 1 12  ? -1.440  5.118   -2.277  1.00 14.19 ? 18  TYR A CD2 1 
ATOM   92   C  CE1 . TYR A 1 12  ? 0.801   4.160   -1.170  1.00 11.35 ? 18  TYR A CE1 1 
ATOM   93   C  CE2 . TYR A 1 12  ? -1.103  5.591   -1.028  1.00 17.81 ? 18  TYR A CE2 1 
ATOM   94   C  CZ  . TYR A 1 12  ? 0.085   5.169   -0.515  1.00 14.11 ? 18  TYR A CZ  1 
ATOM   95   O  OH  . TYR A 1 12  ? 0.489   5.709   0.706   1.00 15.71 ? 18  TYR A OH  1 
ATOM   96   N  N   . ILE A 1 13  ? 0.842   2.967   -6.312  1.00 11.99 ? 19  ILE A N   1 
ATOM   97   C  CA  . ILE A 1 13  ? 2.213   2.493   -6.509  1.00 12.92 ? 19  ILE A CA  1 
ATOM   98   C  C   . ILE A 1 13  ? 2.915   3.365   -7.559  1.00 11.26 ? 19  ILE A C   1 
ATOM   99   O  O   . ILE A 1 13  ? 4.045   3.734   -7.334  1.00 11.63 ? 19  ILE A O   1 
ATOM   100  C  CB  . ILE A 1 13  ? 2.186   0.998   -6.914  1.00 12.35 ? 19  ILE A CB  1 
ATOM   101  C  CG1 . ILE A 1 13  ? 1.729   0.132   -5.728  1.00 12.95 ? 19  ILE A CG1 1 
ATOM   102  C  CG2 . ILE A 1 13  ? 3.517   0.559   -7.498  1.00 13.77 ? 19  ILE A CG2 1 
ATOM   103  C  CD1 . ILE A 1 13  ? 2.533   0.289   -4.401  1.00 17.19 ? 19  ILE A CD1 1 
ATOM   104  N  N   . SER A 1 14  ? 2.153   3.813   -8.574  1.00 12.97 ? 20  SER A N   1 
ATOM   105  C  CA  . SER A 1 14  ? 2.721   4.722   -9.564  1.00 14.21 ? 20  SER A CA  1 
ATOM   106  C  C   . SER A 1 14  ? 3.212   6.004   -8.868  1.00 13.32 ? 20  SER A C   1 
ATOM   107  O  O   . SER A 1 14  ? 4.322   6.528   -9.157  1.00 15.92 ? 20  SER A O   1 
ATOM   108  C  CB  . SER A 1 14  ? 1.701   5.010   -10.638 1.00 15.52 ? 20  SER A CB  1 
ATOM   109  O  OG  . SER A 1 14  ? 2.293   5.896   -11.576 1.00 20.40 ? 20  SER A OG  1 
ATOM   110  N  N   . TYR A 1 15  ? 2.399   6.531   -7.961  1.00 12.93 ? 21  TYR A N   1 
ATOM   111  C  CA  . TYR A 1 15  ? 2.758   7.746   -7.235  1.00 12.88 ? 21  TYR A CA  1 
ATOM   112  C  C   . TYR A 1 15  ? 4.002   7.506   -6.368  1.00 13.25 ? 21  TYR A C   1 
ATOM   113  O  O   . TYR A 1 15  ? 4.975   8.302   -6.331  1.00 13.54 ? 21  TYR A O   1 
ATOM   114  C  CB  . TYR A 1 15  ? 1.575   8.225   -6.397  1.00 12.67 ? 21  TYR A CB  1 
ATOM   115  C  CG  . TYR A 1 15  ? 1.864   9.328   -5.412  1.00 13.39 ? 21  TYR A CG  1 
ATOM   116  C  CD1 . TYR A 1 15  ? 1.976   10.636  -5.837  1.00 15.78 ? 21  TYR A CD1 1 
ATOM   117  C  CD2 . TYR A 1 15  ? 1.852   9.131   -4.043  1.00 12.41 ? 21  TYR A CD2 1 
ATOM   118  C  CE1 . TYR A 1 15  ? 2.166   11.678  -4.936  1.00 15.49 ? 21  TYR A CE1 1 
ATOM   119  C  CE2 . TYR A 1 15  ? 2.075   10.131  -3.114  1.00 13.51 ? 21  TYR A CE2 1 
ATOM   120  C  CZ  . TYR A 1 15  ? 2.210   11.434  -3.569  1.00 14.13 ? 21  TYR A CZ  1 
ATOM   121  O  OH  . TYR A 1 15  ? 2.384   12.501  -2.730  1.00 15.34 ? 21  TYR A OH  1 
ATOM   122  N  N   . LYS A 1 16  ? 4.048   6.416   -5.580  1.00 12.57 ? 22  LYS A N   1 
ATOM   123  C  CA  . LYS A 1 16  ? 5.189   6.155   -4.741  1.00 12.22 ? 22  LYS A CA  1 
ATOM   124  C  C   . LYS A 1 16  ? 6.488   6.015   -5.555  1.00 12.37 ? 22  LYS A C   1 
ATOM   125  O  O   . LYS A 1 16  ? 7.569   6.487   -5.125  1.00 13.10 ? 22  LYS A O   1 
ATOM   126  C  CB  . LYS A 1 16  ? 4.989   4.939   -3.823  1.00 11.71 ? 22  LYS A CB  1 
ATOM   127  C  CG  . LYS A 1 16  ? 3.743   5.016   -2.926  1.00 11.06 ? 22  LYS A CG  1 
ATOM   128  C  CD  . LYS A 1 16  ? 3.529   6.348   -2.178  1.00 11.60 ? 22  LYS A CD  1 
ATOM   129  C  CE  . LYS A 1 16  ? 4.540   6.567   -1.089  1.00 11.69 ? 22  LYS A CE  1 
ATOM   130  N  NZ  . LYS A 1 16  ? 4.247   7.874   -0.459  1.00 11.33 ? 22  LYS A NZ  1 
ATOM   131  N  N   . LEU A 1 17  ? 6.407   5.293   -6.681  1.00 12.00 ? 23  LEU A N   1 
ATOM   132  C  CA  . LEU A 1 17  ? 7.614   5.150   -7.491  1.00 13.96 ? 23  LEU A CA  1 
ATOM   133  C  C   . LEU A 1 17  ? 8.032   6.491   -8.134  1.00 14.22 ? 23  LEU A C   1 
ATOM   134  O  O   . LEU A 1 17  ? 9.235   6.805   -8.112  1.00 14.73 ? 23  LEU A O   1 
ATOM   135  C  CB  . LEU A 1 17  ? 7.326   4.085   -8.533  1.00 13.97 ? 23  LEU A CB  1 
ATOM   136  C  CG  . LEU A 1 17  ? 7.334   2.662   -8.001  1.00 15.54 ? 23  LEU A CG  1 
ATOM   137  C  CD1 . LEU A 1 17  ? 6.818   1.711   -9.063  1.00 17.25 ? 23  LEU A CD1 1 
ATOM   138  C  CD2 . LEU A 1 17  ? 8.656   2.214   -7.497  1.00 16.79 ? 23  LEU A CD2 1 
ATOM   139  N  N   . SER A 1 18  ? 7.065   7.288   -8.513  1.00 14.18 ? 24  SER A N   1 
ATOM   140  C  CA  A SER A 1 18  ? 7.346   8.624   -9.109  0.50 16.09 ? 24  SER A CA  1 
ATOM   141  C  CA  B SER A 1 18  ? 7.337   8.629   -9.105  0.50 15.90 ? 24  SER A CA  1 
ATOM   142  C  C   . SER A 1 18  ? 8.072   9.527   -8.102  1.00 16.61 ? 24  SER A C   1 
ATOM   143  O  O   . SER A 1 18  ? 8.996   10.273  -8.449  1.00 17.32 ? 24  SER A O   1 
ATOM   144  C  CB  A SER A 1 18  ? 6.098   9.261   -9.625  0.50 17.54 ? 24  SER A CB  1 
ATOM   145  C  CB  B SER A 1 18  ? 6.082   9.268   -9.607  0.50 17.16 ? 24  SER A CB  1 
ATOM   146  O  OG  A SER A 1 18  ? 5.346   9.825   -8.558  0.50 21.14 ? 24  SER A OG  1 
ATOM   147  O  OG  B SER A 1 18  ? 6.323   10.615  -10.000 0.50 20.01 ? 24  SER A OG  1 
ATOM   148  N  N   . GLN A 1 19  ? 7.708   9.431   -6.809  1.00 15.98 ? 25  GLN A N   1 
ATOM   149  C  CA  . GLN A 1 19  ? 8.353   10.236  -5.743  1.00 16.98 ? 25  GLN A CA  1 
ATOM   150  C  C   . GLN A 1 19  ? 9.839   9.903   -5.625  1.00 17.09 ? 25  GLN A C   1 
ATOM   151  O  O   . GLN A 1 19  ? 10.629  10.739  -5.111  1.00 20.88 ? 25  GLN A O   1 
ATOM   152  C  CB  . GLN A 1 19  ? 7.702   9.914   -4.386  1.00 17.38 ? 25  GLN A CB  1 
ATOM   153  C  CG  . GLN A 1 19  ? 6.369   10.580  -4.186  1.00 15.99 ? 25  GLN A CG  1 
ATOM   154  C  CD  . GLN A 1 19  ? 5.810   10.297  -2.803  1.00 16.11 ? 25  GLN A CD  1 
ATOM   155  O  OE1 . GLN A 1 19  ? 5.895   9.148   -2.366  1.00 14.77 ? 25  GLN A OE1 1 
ATOM   156  N  NE2 . GLN A 1 19  ? 5.213   11.311  -2.170  1.00 14.60 ? 25  GLN A NE2 1 
ATOM   157  N  N   . ARG A 1 20  ? 10.270  8.694   -5.998  1.00 16.44 ? 26  ARG A N   1 
ATOM   158  C  CA  A ARG A 1 20  ? 11.653  8.270   -5.934  0.50 17.71 ? 26  ARG A CA  1 
ATOM   159  C  CA  B ARG A 1 20  ? 11.643  8.246   -5.937  0.50 19.10 ? 26  ARG A CA  1 
ATOM   160  C  C   . ARG A 1 20  ? 12.334  8.343   -7.306  1.00 20.04 ? 26  ARG A C   1 
ATOM   161  O  O   . ARG A 1 20  ? 13.442  7.847   -7.448  1.00 24.87 ? 26  ARG A O   1 
ATOM   162  C  CB  A ARG A 1 20  ? 11.780  6.838   -5.430  0.50 17.03 ? 26  ARG A CB  1 
ATOM   163  C  CB  B ARG A 1 20  ? 11.687  6.815   -5.414  0.50 20.47 ? 26  ARG A CB  1 
ATOM   164  C  CG  A ARG A 1 20  ? 10.982  6.555   -4.176  0.50 15.61 ? 26  ARG A CG  1 
ATOM   165  C  CG  B ARG A 1 20  ? 10.913  6.645   -4.122  0.50 21.10 ? 26  ARG A CG  1 
ATOM   166  C  CD  A ARG A 1 20  ? 11.321  7.417   -2.972  0.50 14.27 ? 26  ARG A CD  1 
ATOM   167  C  CD  B ARG A 1 20  ? 11.486  7.558   -3.062  0.50 20.67 ? 26  ARG A CD  1 
ATOM   168  N  NE  A ARG A 1 20  ? 10.849  6.693   -1.788  0.50 12.78 ? 26  ARG A NE  1 
ATOM   169  N  NE  B ARG A 1 20  ? 12.754  6.982   -2.655  0.50 21.92 ? 26  ARG A NE  1 
ATOM   170  C  CZ  A ARG A 1 20  ? 11.521  5.788   -1.052  0.50 13.05 ? 26  ARG A CZ  1 
ATOM   171  C  CZ  B ARG A 1 20  ? 12.889  6.063   -1.708  0.50 19.20 ? 26  ARG A CZ  1 
ATOM   172  N  NH1 A ARG A 1 20  ? 12.827  5.630   -1.193  0.50 11.53 ? 26  ARG A NH1 1 
ATOM   173  N  NH1 B ARG A 1 20  ? 11.858  5.722   -0.952  0.50 23.61 ? 26  ARG A NH1 1 
ATOM   174  N  NH2 A ARG A 1 20  ? 10.901  5.032   -0.140  0.50 12.49 ? 26  ARG A NH2 1 
ATOM   175  N  NH2 B ARG A 1 20  ? 14.055  5.478   -1.517  0.50 23.71 ? 26  ARG A NH2 1 
ATOM   176  N  N   . GLY A 1 21  ? 11.662  8.950   -8.275  1.00 19.63 ? 27  GLY A N   1 
ATOM   177  C  CA  . GLY A 1 21  ? 12.244  9.203   -9.630  1.00 21.30 ? 27  GLY A CA  1 
ATOM   178  C  C   . GLY A 1 21  ? 12.086  8.057   -10.603 1.00 27.42 ? 27  GLY A C   1 
ATOM   179  O  O   . GLY A 1 21  ? 12.749  8.086   -11.662 1.00 28.04 ? 27  GLY A O   1 
ATOM   180  N  N   . TYR A 1 22  ? 11.247  7.048   -10.299 1.00 23.44 ? 28  TYR A N   1 
ATOM   181  C  CA  . TYR A 1 22  ? 10.994  5.890   -11.201 1.00 22.72 ? 28  TYR A CA  1 
ATOM   182  C  C   . TYR A 1 22  ? 9.629   6.008   -11.886 1.00 26.65 ? 28  TYR A C   1 
ATOM   183  O  O   . TYR A 1 22  ? 8.609   6.182   -11.245 1.00 24.79 ? 28  TYR A O   1 
ATOM   184  C  CB  . TYR A 1 22  ? 11.023  4.576   -10.442 1.00 23.45 ? 28  TYR A CB  1 
ATOM   185  C  CG  . TYR A 1 22  ? 12.282  4.327   -9.685  1.00 28.35 ? 28  TYR A CG  1 
ATOM   186  C  CD1 . TYR A 1 22  ? 13.495  4.243   -10.348 1.00 30.57 ? 28  TYR A CD1 1 
ATOM   187  C  CD2 . TYR A 1 22  ? 12.251  4.091   -8.322  1.00 31.94 ? 28  TYR A CD2 1 
ATOM   188  C  CE1 . TYR A 1 22  ? 14.658  3.971   -9.649  1.00 32.12 ? 28  TYR A CE1 1 
ATOM   189  C  CE2 . TYR A 1 22  ? 13.400  3.797   -7.612  1.00 33.58 ? 28  TYR A CE2 1 
ATOM   190  C  CZ  . TYR A 1 22  ? 14.601  3.733   -8.292  1.00 34.07 ? 28  TYR A CZ  1 
ATOM   191  O  OH  . TYR A 1 22  ? 15.721  3.430   -7.599  1.00 44.82 ? 28  TYR A OH  1 
ATOM   192  N  N   . GLU A 1 23  ? 9.602   5.865   -13.218 1.00 29.60 ? 29  GLU A N   1 
ATOM   193  C  CA  . GLU A 1 23  ? 8.375   5.845   -14.030 1.00 29.60 ? 29  GLU A CA  1 
ATOM   194  C  C   . GLU A 1 23  ? 7.831   4.409   -14.129 1.00 34.13 ? 29  GLU A C   1 
ATOM   195  O  O   . GLU A 1 23  ? 8.515   3.504   -14.555 1.00 36.94 ? 29  GLU A O   1 
ATOM   196  C  CB  . GLU A 1 23  ? 8.698   6.403   -15.422 1.00 32.39 ? 29  GLU A CB  1 
ATOM   197  N  N   . TRP A 1 24  ? 6.591   4.200   -13.694 1.00 31.28 ? 30  TRP A N   1 
ATOM   198  C  CA  . TRP A 1 24  ? 5.901   2.895   -13.797 1.00 33.03 ? 30  TRP A CA  1 
ATOM   199  C  C   . TRP A 1 24  ? 4.412   3.170   -14.053 1.00 37.84 ? 30  TRP A C   1 
ATOM   200  O  O   . TRP A 1 24  ? 3.831   4.033   -13.358 1.00 40.60 ? 30  TRP A O   1 
ATOM   201  C  CB  . TRP A 1 24  ? 6.106   2.060   -12.516 1.00 28.19 ? 30  TRP A CB  1 
ATOM   202  C  CG  . TRP A 1 24  ? 5.418   0.721   -12.478 1.00 24.99 ? 30  TRP A CG  1 
ATOM   203  C  CD1 . TRP A 1 24  ? 5.921   -0.479  -12.901 1.00 23.81 ? 30  TRP A CD1 1 
ATOM   204  C  CD2 . TRP A 1 24  ? 4.110   0.429   -11.925 1.00 21.98 ? 30  TRP A CD2 1 
ATOM   205  N  NE1 . TRP A 1 24  ? 4.988   -1.465  -12.728 1.00 23.73 ? 30  TRP A NE1 1 
ATOM   206  C  CE2 . TRP A 1 24  ? 3.878   -0.946  -12.080 1.00 21.21 ? 30  TRP A CE2 1 
ATOM   207  C  CE3 . TRP A 1 24  ? 3.124   1.180   -11.264 1.00 21.39 ? 30  TRP A CE3 1 
ATOM   208  C  CZ2 . TRP A 1 24  ? 2.704   -1.557  -11.619 1.00 20.30 ? 30  TRP A CZ2 1 
ATOM   209  C  CZ3 . TRP A 1 24  ? 1.954   0.587   -10.851 1.00 20.84 ? 30  TRP A CZ3 1 
ATOM   210  C  CH2 . TRP A 1 24  ? 1.744   -0.777  -11.018 1.00 20.87 ? 30  TRP A CH2 1 
ATOM   211  N  N   . ASP A 1 25  ? 3.821   2.435   -15.007 1.00 43.94 ? 31  ASP A N   1 
ATOM   212  C  CA  . ASP A 1 25  ? 2.338   2.302   -15.246 1.00 47.64 ? 31  ASP A CA  1 
ATOM   213  C  C   . ASP A 1 25  ? 1.550   3.247   -14.332 1.00 50.64 ? 31  ASP A C   1 
ATOM   214  O  O   . ASP A 1 25  ? 1.119   4.326   -14.750 1.00 54.86 ? 31  ASP A O   1 
ATOM   215  C  CB  . ASP A 1 25  ? 1.851   0.855   -15.067 1.00 43.26 ? 31  ASP A CB  1 
ATOM   216  N  N   . THR A 1 40  ? -14.080 3.483   -11.793 1.00 37.80 ? 46  THR A N   1 
ATOM   217  C  CA  . THR A 1 40  ? -12.910 3.558   -10.973 1.00 37.98 ? 46  THR A CA  1 
ATOM   218  C  C   . THR A 1 40  ? -13.130 4.718   -9.992  1.00 30.46 ? 46  THR A C   1 
ATOM   219  O  O   . THR A 1 40  ? -14.149 5.382   -10.072 1.00 32.10 ? 46  THR A O   1 
ATOM   220  C  CB  . THR A 1 40  ? -11.652 3.633   -11.830 1.00 37.93 ? 46  THR A CB  1 
ATOM   221  O  OG1 . THR A 1 40  ? -11.670 4.787   -12.669 1.00 42.17 ? 46  THR A OG1 1 
ATOM   222  C  CG2 . THR A 1 40  ? -11.448 2.370   -12.642 1.00 39.90 ? 46  THR A CG2 1 
ATOM   223  N  N   . GLU A 1 41  ? -12.267 4.861   -8.976  1.00 24.90 ? 47  GLU A N   1 
ATOM   224  C  CA  . GLU A 1 41  ? -12.554 5.862   -7.937  1.00 20.06 ? 47  GLU A CA  1 
ATOM   225  C  C   . GLU A 1 41  ? -12.170 7.275   -8.405  1.00 14.41 ? 47  GLU A C   1 
ATOM   226  O  O   . GLU A 1 41  ? -11.349 7.558   -9.289  1.00 16.18 ? 47  GLU A O   1 
ATOM   227  C  CB  . GLU A 1 41  ? -11.822 5.529   -6.623  1.00 21.24 ? 47  GLU A CB  1 
ATOM   228  C  CG  . GLU A 1 41  ? -12.280 4.252   -5.955  1.00 25.50 ? 47  GLU A CG  1 
ATOM   229  C  CD  . GLU A 1 41  ? -13.504 4.209   -5.055  1.00 27.41 ? 47  GLU A CD  1 
ATOM   230  O  OE1 . GLU A 1 41  ? -14.107 5.262   -4.788  1.00 27.59 ? 47  GLU A OE1 1 
ATOM   231  O  OE2 . GLU A 1 41  ? -13.890 3.061   -4.615  1.00 31.40 ? 47  GLU A OE2 1 
ATOM   232  N  N   . SER A 1 42  ? -12.809 8.230   -7.707  1.00 13.96 ? 48  SER A N   1 
ATOM   233  C  CA  . SER A 1 42  ? -12.568 9.655   -7.836  1.00 13.58 ? 48  SER A CA  1 
ATOM   234  C  C   . SER A 1 42  ? -11.135 9.998   -7.472  1.00 13.25 ? 48  SER A C   1 
ATOM   235  O  O   . SER A 1 42  ? -10.592 9.414   -6.497  1.00 12.53 ? 48  SER A O   1 
ATOM   236  C  CB  . SER A 1 42  ? -13.475 10.424  -6.932  1.00 12.87 ? 48  SER A CB  1 
ATOM   237  O  OG  . SER A 1 42  ? -13.221 11.810  -6.957  1.00 14.98 ? 48  SER A OG  1 
ATOM   238  N  N   . GLU A 1 43  ? -10.598 11.005  -8.091  1.00 13.65 ? 49  GLU A N   1 
ATOM   239  C  CA  . GLU A 1 43  ? -9.344  11.637  -7.667  1.00 14.12 ? 49  GLU A CA  1 
ATOM   240  C  C   . GLU A 1 43  ? -9.429  12.062  -6.192  1.00 12.67 ? 49  GLU A C   1 
ATOM   241  O  O   . GLU A 1 43  ? -8.412  12.131  -5.477  1.00 12.72 ? 49  GLU A O   1 
ATOM   242  C  CB  . GLU A 1 43  ? -9.046  12.855  -8.550  1.00 15.77 ? 49  GLU A CB  1 
ATOM   243  C  CG  . GLU A 1 43  ? -7.645  13.382  -8.413  1.00 23.27 ? 49  GLU A CG  1 
ATOM   244  C  CD  . GLU A 1 43  ? -6.497  12.436  -8.807  1.00 26.46 ? 49  GLU A CD  1 
ATOM   245  O  OE1 . GLU A 1 43  ? -6.737  11.275  -9.221  1.00 31.86 ? 49  GLU A OE1 1 
ATOM   246  O  OE2 . GLU A 1 43  ? -5.361  12.897  -8.677  1.00 35.22 ? 49  GLU A OE2 1 
ATOM   247  N  N   . VAL A 1 44  ? -10.592 12.405  -5.694  1.00 11.92 ? 92  VAL A N   1 
ATOM   248  C  CA  . VAL A 1 44  ? -10.754 12.770  -4.304  1.00 11.64 ? 92  VAL A CA  1 
ATOM   249  C  C   . VAL A 1 44  ? -10.297 11.606  -3.435  1.00 11.29 ? 92  VAL A C   1 
ATOM   250  O  O   . VAL A 1 44  ? -9.581  11.794  -2.405  1.00 11.29 ? 92  VAL A O   1 
ATOM   251  C  CB  . VAL A 1 44  ? -12.188 13.158  -3.959  1.00 11.66 ? 92  VAL A CB  1 
ATOM   252  C  CG1 . VAL A 1 44  ? -12.398 13.368  -2.491  1.00 14.00 ? 92  VAL A CG1 1 
ATOM   253  C  CG2 . VAL A 1 44  ? -12.597 14.402  -4.751  1.00 13.02 ? 92  VAL A CG2 1 
ATOM   254  N  N   . VAL A 1 45  ? -10.657 10.370  -3.757  1.00 10.22 ? 93  VAL A N   1 
ATOM   255  C  CA  . VAL A 1 45  ? -10.173 9.175   -2.999  1.00 10.61 ? 93  VAL A CA  1 
ATOM   256  C  C   . VAL A 1 45  ? -8.675  8.997   -3.217  1.00 10.71 ? 93  VAL A C   1 
ATOM   257  O  O   . VAL A 1 45  ? -7.890  8.816   -2.254  1.00 10.07 ? 93  VAL A O   1 
ATOM   258  C  CB  . VAL A 1 45  ? -10.970 7.903   -3.349  1.00 10.28 ? 93  VAL A CB  1 
ATOM   259  C  CG1 . VAL A 1 45  ? -10.304 6.659   -2.821  1.00 11.21 ? 93  VAL A CG1 1 
ATOM   260  C  CG2 . VAL A 1 45  ? -12.394 7.955   -2.848  1.00 11.44 ? 93  VAL A CG2 1 
ATOM   261  N  N   . HIS A 1 46  ? -8.188  8.993   -4.475  1.00 10.39 ? 94  HIS A N   1 
ATOM   262  C  CA  . HIS A 1 46  ? -6.783  8.740   -4.734  1.00 10.61 ? 94  HIS A CA  1 
ATOM   263  C  C   . HIS A 1 46  ? -5.922  9.756   -4.003  1.00 10.97 ? 94  HIS A C   1 
ATOM   264  O  O   . HIS A 1 46  ? -4.847  9.382   -3.422  1.00 10.43 ? 94  HIS A O   1 
ATOM   265  C  CB  . HIS A 1 46  ? -6.474  8.767   -6.237  1.00 11.85 ? 94  HIS A CB  1 
ATOM   266  C  CG  . HIS A 1 46  ? -7.234  7.722   -6.991  1.00 13.58 ? 94  HIS A CG  1 
ATOM   267  N  ND1 . HIS A 1 46  ? -7.128  6.342   -6.708  1.00 14.76 ? 94  HIS A ND1 1 
ATOM   268  C  CD2 . HIS A 1 46  ? -8.120  7.835   -8.011  1.00 14.34 ? 94  HIS A CD2 1 
ATOM   269  C  CE1 . HIS A 1 46  ? -7.882  5.678   -7.559  1.00 15.44 ? 94  HIS A CE1 1 
ATOM   270  N  NE2 . HIS A 1 46  ? -8.487  6.577   -8.385  1.00 16.05 ? 94  HIS A NE2 1 
ATOM   271  N  N   . GLN A 1 47  ? -6.290  11.056  -4.049  1.00 10.30 ? 95  GLN A N   1 
ATOM   272  C  CA  . GLN A 1 47  ? -5.436  12.058  -3.422  1.00 10.40 ? 95  GLN A CA  1 
ATOM   273  C  C   . GLN A 1 47  ? -5.530  12.000  -1.899  1.00 10.00 ? 95  GLN A C   1 
ATOM   274  O  O   . GLN A 1 47  ? -4.502  12.166  -1.210  1.00 9.73  ? 95  GLN A O   1 
ATOM   275  C  CB  . GLN A 1 47  ? -5.770  13.433  -3.974  1.00 11.88 ? 95  GLN A CB  1 
ATOM   276  C  CG  . GLN A 1 47  ? -5.387  13.571  -5.442  1.00 15.90 ? 95  GLN A CG  1 
ATOM   277  C  CD  . GLN A 1 47  ? -5.222  15.000  -5.903  1.00 21.90 ? 95  GLN A CD  1 
ATOM   278  O  OE1 . GLN A 1 47  ? -5.004  15.899  -5.088  1.00 24.34 ? 95  GLN A OE1 1 
ATOM   279  N  NE2 . GLN A 1 47  ? -5.405  15.184  -7.213  1.00 29.04 ? 95  GLN A NE2 1 
ATOM   280  N  N   . THR A 1 48  ? -6.700  11.701  -1.373  1.00 9.57  ? 96  THR A N   1 
ATOM   281  C  CA  . THR A 1 48  ? -6.826  11.583  0.084   1.00 9.14  ? 96  THR A CA  1 
ATOM   282  C  C   . THR A 1 48  ? -5.987  10.413  0.601   1.00 9.74  ? 96  THR A C   1 
ATOM   283  O  O   . THR A 1 48  ? -5.294  10.547  1.625   1.00 9.87  ? 96  THR A O   1 
ATOM   284  C  CB  . THR A 1 48  ? -8.262  11.428  0.551   1.00 9.52  ? 96  THR A CB  1 
ATOM   285  O  OG1 . THR A 1 48  ? -8.987  12.602  0.136   1.00 10.64 ? 96  THR A OG1 1 
ATOM   286  C  CG2 . THR A 1 48  ? -8.407  11.331  2.058   1.00 11.50 ? 96  THR A CG2 1 
ATOM   287  N  N   . LEU A 1 49  ? -5.956  9.274   -0.110  1.00 8.95  ? 97  LEU A N   1 
ATOM   288  C  CA  . LEU A 1 49  ? -5.167  8.143   0.251   1.00 9.50  ? 97  LEU A CA  1 
ATOM   289  C  C   . LEU A 1 49  ? -3.697  8.475   0.150   1.00 9.49  ? 97  LEU A C   1 
ATOM   290  O  O   . LEU A 1 49  ? -2.951  8.134   1.078   1.00 10.31 ? 97  LEU A O   1 
ATOM   291  C  CB  . LEU A 1 49  ? -5.564  6.941   -0.607  1.00 9.90  ? 97  LEU A CB  1 
ATOM   292  C  CG  . LEU A 1 49  ? -4.755  5.664   -0.381  1.00 10.29 ? 97  LEU A CG  1 
ATOM   293  C  CD1 . LEU A 1 49  ? -4.881  5.188   1.060   1.00 12.35 ? 97  LEU A CD1 1 
ATOM   294  C  CD2 . LEU A 1 49  ? -5.246  4.565   -1.326  1.00 11.92 ? 97  LEU A CD2 1 
ATOM   295  N  N   . ARG A 1 50  ? -3.254  9.085   -0.926  1.00 10.29 ? 98  ARG A N   1 
ATOM   296  C  CA  . ARG A 1 50  ? -1.822  9.292   -1.003  1.00 13.04 ? 98  ARG A CA  1 
ATOM   297  C  C   . ARG A 1 50  ? -1.365  10.331  0.023   1.00 10.93 ? 98  ARG A C   1 
ATOM   298  O  O   . ARG A 1 50  ? -0.266  10.201  0.583   1.00 10.74 ? 98  ARG A O   1 
ATOM   299  C  CB  . ARG A 1 50  ? -1.347  9.495   -2.420  1.00 17.60 ? 98  ARG A CB  1 
ATOM   300  C  CG  . ARG A 1 50  ? -1.643  10.880  -2.884  1.00 15.07 ? 98  ARG A CG  1 
ATOM   301  C  CD  . ARG A 1 50  ? -1.465  10.865  -4.427  1.00 19.09 ? 98  ARG A CD  1 
ATOM   302  N  NE  . ARG A 1 50  ? -1.566  12.249  -4.828  1.00 22.66 ? 98  ARG A NE  1 
ATOM   303  C  CZ  . ARG A 1 50  ? -1.662  12.624  -6.088  1.00 30.90 ? 98  ARG A CZ  1 
ATOM   304  N  NH1 . ARG A 1 50  ? -1.804  11.697  -7.019  1.00 34.38 ? 98  ARG A NH1 1 
ATOM   305  N  NH2 . ARG A 1 50  ? -1.593  13.910  -6.392  1.00 30.62 ? 98  ARG A NH2 1 
ATOM   306  N  N   . GLN A 1 51  ? -2.172  11.343  0.312   1.00 9.79  ? 99  GLN A N   1 
ATOM   307  C  CA  . GLN A 1 51  ? -1.819  12.318  1.335   1.00 10.40 ? 99  GLN A CA  1 
ATOM   308  C  C   . GLN A 1 51  ? -1.757  11.629  2.712   1.00 9.49  ? 99  GLN A C   1 
ATOM   309  O  O   . GLN A 1 51  ? -0.877  11.918  3.547   1.00 10.11 ? 99  GLN A O   1 
ATOM   310  C  CB  . GLN A 1 51  ? -2.753  13.530  1.314   1.00 12.43 ? 99  GLN A CB  1 
ATOM   311  C  CG  . GLN A 1 51  ? -2.472  14.385  0.093   1.00 17.30 ? 99  GLN A CG  1 
ATOM   312  C  CD  . GLN A 1 51  ? -3.592  15.294  -0.363  1.00 23.27 ? 99  GLN A CD  1 
ATOM   313  O  OE1 . GLN A 1 51  ? -4.555  15.520  0.350   1.00 22.71 ? 99  GLN A OE1 1 
ATOM   314  N  NE2 . GLN A 1 51  ? -3.551  15.644  -1.642  1.00 34.97 ? 99  GLN A NE2 1 
ATOM   315  N  N   . ALA A 1 52  ? -2.717  10.776  3.031   1.00 9.70  ? 100 ALA A N   1 
ATOM   316  C  CA  . ALA A 1 52  ? -2.721  10.048  4.304   1.00 8.85  ? 100 ALA A CA  1 
ATOM   317  C  C   . ALA A 1 52  ? -1.482  9.174   4.393   1.00 8.67  ? 100 ALA A C   1 
ATOM   318  O  O   . ALA A 1 52  ? -0.894  9.052   5.486   1.00 8.52  ? 100 ALA A O   1 
ATOM   319  C  CB  . ALA A 1 52  ? -3.965  9.158   4.401   1.00 8.98  ? 100 ALA A CB  1 
ATOM   320  N  N   . GLY A 1 53  ? -1.091  8.504   3.292   1.00 8.78  ? 101 GLY A N   1 
ATOM   321  C  CA  . GLY A 1 53  ? 0.084   7.664   3.341   1.00 8.35  ? 101 GLY A CA  1 
ATOM   322  C  C   . GLY A 1 53  ? 1.366   8.439   3.531   1.00 8.76  ? 101 GLY A C   1 
ATOM   323  O  O   . GLY A 1 53  ? 2.280   8.014   4.295   1.00 8.79  ? 101 GLY A O   1 
ATOM   324  N  N   . ASP A 1 54  ? 1.466   9.568   2.860   1.00 8.55  ? 102 ASP A N   1 
ATOM   325  C  CA  . ASP A 1 54  ? 2.665   10.442  3.061   1.00 8.71  ? 102 ASP A CA  1 
ATOM   326  C  C   . ASP A 1 54  ? 2.672   10.843  4.518   1.00 9.36  ? 102 ASP A C   1 
ATOM   327  O  O   . ASP A 1 54  ? 3.753   10.825  5.166   1.00 10.04 ? 102 ASP A O   1 
ATOM   328  C  CB  . ASP A 1 54  ? 2.582   11.689  2.162   1.00 9.65  ? 102 ASP A CB  1 
ATOM   329  C  CG  . ASP A 1 54  ? 2.906   11.471  0.701   1.00 11.35 ? 102 ASP A CG  1 
ATOM   330  O  OD1 . ASP A 1 54  ? 3.772   10.613  0.388   1.00 11.84 ? 102 ASP A OD1 1 
ATOM   331  O  OD2 . ASP A 1 54  ? 2.313   12.226  -0.142  1.00 13.03 ? 102 ASP A OD2 1 
ATOM   332  N  N   . ASP A 1 55  ? 1.528   11.226  5.081   1.00 9.74  ? 103 ASP A N   1 
ATOM   333  C  CA  . ASP A 1 55  ? 1.457   11.685  6.465   1.00 10.84 ? 103 ASP A CA  1 
ATOM   334  C  C   . ASP A 1 55  ? 1.757   10.540  7.447   1.00 10.29 ? 103 ASP A C   1 
ATOM   335  O  O   . ASP A 1 55  ? 2.481   10.749  8.447   1.00 11.03 ? 103 ASP A O   1 
ATOM   336  C  CB  . ASP A 1 55  ? 0.098   12.306  6.771   1.00 12.01 ? 103 ASP A CB  1 
ATOM   337  C  CG  . ASP A 1 55  ? -0.142  13.606  6.045   1.00 19.51 ? 103 ASP A CG  1 
ATOM   338  O  OD1 . ASP A 1 55  ? 0.859   14.209  5.545   1.00 25.94 ? 103 ASP A OD1 1 
ATOM   339  O  OD2 . ASP A 1 55  ? -1.374  14.014  6.020   1.00 31.27 ? 103 ASP A OD2 1 
ATOM   340  N  N   . PHE A 1 56  ? 1.221   9.330   7.209   1.00 9.32  ? 104 PHE A N   1 
ATOM   341  C  CA  . PHE A 1 56  ? 1.536   8.162   8.001   1.00 9.99  ? 104 PHE A CA  1 
ATOM   342  C  C   . PHE A 1 56  ? 3.037   7.987   8.108   1.00 9.77  ? 104 PHE A C   1 
ATOM   343  O  O   . PHE A 1 56  ? 3.590   7.795   9.219   1.00 10.11 ? 104 PHE A O   1 
ATOM   344  C  CB  . PHE A 1 56  ? 0.923   6.887   7.394   1.00 9.26  ? 104 PHE A CB  1 
ATOM   345  C  CG  . PHE A 1 56  ? 1.453   5.635   8.027   1.00 9.29  ? 104 PHE A CG  1 
ATOM   346  C  CD1 . PHE A 1 56  ? 0.940   5.162   9.212   1.00 9.75  ? 104 PHE A CD1 1 
ATOM   347  C  CD2 . PHE A 1 56  ? 2.533   4.946   7.482   1.00 10.34 ? 104 PHE A CD2 1 
ATOM   348  C  CE1 . PHE A 1 56  ? 1.480   4.021   9.780   1.00 11.50 ? 104 PHE A CE1 1 
ATOM   349  C  CE2 . PHE A 1 56  ? 3.059   3.807   8.057   1.00 10.28 ? 104 PHE A CE2 1 
ATOM   350  C  CZ  . PHE A 1 56  ? 2.534   3.343   9.228   1.00 10.91 ? 104 PHE A CZ  1 
ATOM   351  N  N   . SER A 1 57  ? 3.740   8.031   6.982   1.00 9.71  ? 105 SER A N   1 
ATOM   352  C  CA  A SER A 1 57  ? 5.151   7.654   7.053   0.50 9.37  ? 105 SER A CA  1 
ATOM   353  C  CA  B SER A 1 57  ? 5.202   7.725   6.908   0.50 10.31 ? 105 SER A CA  1 
ATOM   354  C  C   . SER A 1 57  ? 6.007   8.784   7.659   1.00 9.84  ? 105 SER A C   1 
ATOM   355  O  O   . SER A 1 57  ? 7.041   8.448   8.259   1.00 11.59 ? 105 SER A O   1 
ATOM   356  C  CB  A SER A 1 57  ? 5.610   7.175   5.702   0.50 8.96  ? 105 SER A CB  1 
ATOM   357  C  CB  B SER A 1 57  ? 5.720   7.631   5.470   0.50 10.23 ? 105 SER A CB  1 
ATOM   358  O  OG  A SER A 1 57  ? 5.047   5.871   5.457   0.50 7.51  ? 105 SER A OG  1 
ATOM   359  O  OG  B SER A 1 57  ? 5.717   8.904   4.832   0.50 12.50 ? 105 SER A OG  1 
ATOM   360  N  N   . LEU A 1 58  ? 5.504   10.032  7.637   1.00 10.25 ? 106 LEU A N   1 
ATOM   361  C  CA  . LEU A 1 58  ? 6.196   11.142  8.353   1.00 11.92 ? 106 LEU A CA  1 
ATOM   362  C  C   . LEU A 1 58  ? 5.839   11.146  9.827   1.00 14.44 ? 106 LEU A C   1 
ATOM   363  O  O   . LEU A 1 58  ? 6.545   11.842  10.552  1.00 20.33 ? 106 LEU A O   1 
ATOM   364  C  CB  . LEU A 1 58  ? 5.815   12.442  7.657   1.00 13.95 ? 106 LEU A CB  1 
ATOM   365  C  CG  . LEU A 1 58  ? 6.504   12.644  6.324   1.00 14.26 ? 106 LEU A CG  1 
ATOM   366  C  CD1 . LEU A 1 58  ? 5.842   13.716  5.471   1.00 15.27 ? 106 LEU A CD1 1 
ATOM   367  C  CD2 . LEU A 1 58  ? 7.983   12.964  6.543   1.00 14.97 ? 106 LEU A CD2 1 
ATOM   368  N  N   . ARG A 1 59  ? 4.723   10.559  10.264  1.00 11.98 ? 107 ARG A N   1 
ATOM   369  C  CA  . ARG A 1 59  ? 4.385   10.425  11.647  1.00 12.52 ? 107 ARG A CA  1 
ATOM   370  C  C   . ARG A 1 59  ? 5.049   9.216   12.278  1.00 14.46 ? 107 ARG A C   1 
ATOM   371  O  O   . ARG A 1 59  ? 5.466   9.304   13.475  1.00 18.05 ? 107 ARG A O   1 
ATOM   372  C  CB  . ARG A 1 59  ? 2.861   10.304  11.786  1.00 14.99 ? 107 ARG A CB  1 
ATOM   373  C  CG  . ARG A 1 59  ? 2.086   11.578  11.577  1.00 20.21 ? 107 ARG A CG  1 
ATOM   374  C  CD  . ARG A 1 59  ? 0.604   11.332  11.736  1.00 27.31 ? 107 ARG A CD  1 
ATOM   375  N  NE  . ARG A 1 59  ? -0.173  12.557  11.745  1.00 29.34 ? 107 ARG A NE  1 
ATOM   376  C  CZ  . ARG A 1 59  ? -1.006  12.844  12.735  1.00 36.13 ? 107 ARG A CZ  1 
ATOM   377  N  NH1 . ARG A 1 59  ? -1.052  12.033  13.775  1.00 43.53 ? 107 ARG A NH1 1 
ATOM   378  N  NH2 . ARG A 1 59  ? -1.835  13.866  12.644  1.00 40.54 ? 107 ARG A NH2 1 
ATOM   379  N  N   . TYR A 1 60  ? 5.142   8.097   11.569  1.00 11.41 ? 108 TYR A N   1 
ATOM   380  C  CA  . TYR A 1 60  ? 5.703   6.825   12.001  1.00 11.63 ? 108 TYR A CA  1 
ATOM   381  C  C   . TYR A 1 60  ? 7.019   6.603   11.249  1.00 11.92 ? 108 TYR A C   1 
ATOM   382  O  O   . TYR A 1 60  ? 7.253   5.548   10.677  1.00 11.76 ? 108 TYR A O   1 
ATOM   383  C  CB  . TYR A 1 60  ? 4.684   5.672   11.904  1.00 12.17 ? 108 TYR A CB  1 
ATOM   384  C  CG  . TYR A 1 60  ? 3.513   5.907   12.806  1.00 12.80 ? 108 TYR A CG  1 
ATOM   385  C  CD1 . TYR A 1 60  ? 3.550   5.611   14.155  1.00 15.15 ? 108 TYR A CD1 1 
ATOM   386  C  CD2 . TYR A 1 60  ? 2.404   6.581   12.335  1.00 13.48 ? 108 TYR A CD2 1 
ATOM   387  C  CE1 . TYR A 1 60  ? 2.471   5.886   14.967  1.00 14.65 ? 108 TYR A CE1 1 
ATOM   388  C  CE2 . TYR A 1 60  ? 1.313   6.871   13.149  1.00 14.38 ? 108 TYR A CE2 1 
ATOM   389  C  CZ  . TYR A 1 60  ? 1.377   6.547   14.486  1.00 14.54 ? 108 TYR A CZ  1 
ATOM   390  O  OH  . TYR A 1 60  ? 0.311   6.897   15.286  1.00 17.51 ? 108 TYR A OH  1 
ATOM   391  N  N   . ARG A 1 61  ? 7.917   7.580   11.350  1.00 12.74 ? 109 ARG A N   1 
ATOM   392  C  CA  . ARG A 1 61  ? 9.155   7.585   10.556  1.00 13.60 ? 109 ARG A CA  1 
ATOM   393  C  C   . ARG A 1 61  ? 10.080  6.433   10.959  1.00 12.24 ? 109 ARG A C   1 
ATOM   394  O  O   . ARG A 1 61  ? 10.726  5.856   10.132  1.00 11.39 ? 109 ARG A O   1 
ATOM   395  C  CB  . ARG A 1 61  ? 9.921   8.900   10.736  1.00 14.95 ? 109 ARG A CB  1 
ATOM   396  C  CG  . ARG A 1 61  ? 9.138   10.115  10.305  1.00 16.84 ? 109 ARG A CG  1 
ATOM   397  C  CD  . ARG A 1 61  ? 10.082  11.313  10.450  1.00 16.16 ? 109 ARG A CD  1 
ATOM   398  N  NE  . ARG A 1 61  ? 9.201   12.411  10.330  1.00 16.40 ? 109 ARG A NE  1 
ATOM   399  C  CZ  . ARG A 1 61  ? 9.566   13.652  10.130  1.00 16.50 ? 109 ARG A CZ  1 
ATOM   400  N  NH1 . ARG A 1 61  ? 10.842  13.894  9.938   1.00 15.52 ? 109 ARG A NH1 1 
ATOM   401  N  NH2 . ARG A 1 61  ? 8.693   14.675  10.037  1.00 20.28 ? 109 ARG A NH2 1 
ATOM   402  N  N   . ARG A 1 62  ? 10.204  6.185   12.278  1.00 13.22 ? 110 ARG A N   1 
ATOM   403  C  CA  . ARG A 1 62  ? 11.046  5.108   12.727  1.00 14.24 ? 110 ARG A CA  1 
ATOM   404  C  C   . ARG A 1 62  ? 10.552  3.763   12.173  1.00 13.34 ? 110 ARG A C   1 
ATOM   405  O  O   . ARG A 1 62  ? 11.352  2.982   11.694  1.00 13.77 ? 110 ARG A O   1 
ATOM   406  C  CB  . ARG A 1 62  ? 11.137  5.068   14.262  1.00 16.73 ? 110 ARG A CB  1 
ATOM   407  C  CG  . ARG A 1 62  ? 12.065  3.984   14.795  1.00 21.01 ? 110 ARG A CG  1 
ATOM   408  C  CD  . ARG A 1 62  ? 12.178  4.043   16.343  1.00 25.64 ? 110 ARG A CD  1 
ATOM   409  N  NE  . ARG A 1 62  ? 12.469  5.387   16.857  1.00 31.09 ? 110 ARG A NE  1 
ATOM   410  C  CZ  . ARG A 1 62  ? 11.997  5.867   18.008  1.00 35.60 ? 110 ARG A CZ  1 
ATOM   411  N  NH1 . ARG A 1 62  ? 12.230  7.118   18.376  1.00 44.11 ? 110 ARG A NH1 1 
ATOM   412  N  NH2 . ARG A 1 62  ? 11.307  5.074   18.804  1.00 37.17 ? 110 ARG A NH2 1 
ATOM   413  N  N   . ASP A 1 63  ? 9.246   3.541   12.215  1.00 13.08 ? 111 ASP A N   1 
ATOM   414  C  CA  . ASP A 1 63  ? 8.653   2.301   11.687  1.00 13.44 ? 111 ASP A CA  1 
ATOM   415  C  C   . ASP A 1 63  ? 8.921   2.172   10.170  1.00 12.34 ? 111 ASP A C   1 
ATOM   416  O  O   . ASP A 1 63  ? 9.228   1.109   9.646   1.00 12.07 ? 111 ASP A O   1 
ATOM   417  C  CB  . ASP A 1 63  ? 7.176   2.212   11.997  1.00 14.96 ? 111 ASP A CB  1 
ATOM   418  C  CG  . ASP A 1 63  ? 6.857   2.022   13.471  1.00 19.25 ? 111 ASP A CG  1 
ATOM   419  O  OD1 . ASP A 1 63  ? 7.787   1.572   14.226  1.00 22.75 ? 111 ASP A OD1 1 
ATOM   420  O  OD2 . ASP A 1 63  ? 5.775   2.409   13.869  1.00 21.33 ? 111 ASP A OD2 1 
ATOM   421  N  N   . PHE A 1 64  ? 8.714   3.281   9.437   1.00 11.46 ? 112 PHE A N   1 
ATOM   422  C  CA  . PHE A 1 64  ? 8.928   3.331   8.001   1.00 11.06 ? 112 PHE A CA  1 
ATOM   423  C  C   . PHE A 1 64  ? 10.364  2.946   7.666   1.00 11.32 ? 112 PHE A C   1 
ATOM   424  O  O   . PHE A 1 64  ? 10.664  2.147   6.766   1.00 11.07 ? 112 PHE A O   1 
ATOM   425  C  CB  . PHE A 1 64  ? 8.547   4.718   7.459   1.00 12.26 ? 112 PHE A CB  1 
ATOM   426  C  CG  . PHE A 1 64  ? 8.910   4.921   6.016   1.00 12.47 ? 112 PHE A CG  1 
ATOM   427  C  CD1 . PHE A 1 64  ? 10.188  5.312   5.617   1.00 13.71 ? 112 PHE A CD1 1 
ATOM   428  C  CD2 . PHE A 1 64  ? 7.939   4.705   5.018   1.00 12.76 ? 112 PHE A CD2 1 
ATOM   429  C  CE1 . PHE A 1 64  ? 10.509  5.448   4.265   1.00 15.63 ? 112 PHE A CE1 1 
ATOM   430  C  CE2 . PHE A 1 64  ? 8.280   4.880   3.687   1.00 14.69 ? 112 PHE A CE2 1 
ATOM   431  C  CZ  . PHE A 1 64  ? 9.540   5.246   3.324   1.00 15.63 ? 112 PHE A CZ  1 
ATOM   432  N  N   . ALA A 1 65  ? 11.303  3.585   8.366   1.00 11.62 ? 113 ALA A N   1 
ATOM   433  C  CA  . ALA A 1 65  ? 12.706  3.350   8.143   1.00 12.47 ? 113 ALA A CA  1 
ATOM   434  C  C   . ALA A 1 65  ? 13.158  1.934   8.530   1.00 12.62 ? 113 ALA A C   1 
ATOM   435  O  O   . ALA A 1 65  ? 13.912  1.352   7.766   1.00 12.63 ? 113 ALA A O   1 
ATOM   436  C  CB  . ALA A 1 65  ? 13.509  4.383   8.937   1.00 12.55 ? 113 ALA A CB  1 
ATOM   437  N  N   . GLU A 1 66  ? 12.670  1.426   9.644   1.00 12.94 ? 114 GLU A N   1 
ATOM   438  C  CA  . GLU A 1 66  ? 12.941  0.048   10.049  1.00 15.21 ? 114 GLU A CA  1 
ATOM   439  C  C   . GLU A 1 66  ? 12.414  -0.930  8.999   1.00 16.23 ? 114 GLU A C   1 
ATOM   440  O  O   . GLU A 1 66  ? 13.116  -1.838  8.569   1.00 15.50 ? 114 GLU A O   1 
ATOM   441  C  CB  . GLU A 1 66  ? 12.343  -0.224  11.421  1.00 18.33 ? 114 GLU A CB  1 
ATOM   442  C  CG  . GLU A 1 66  ? 12.808  -1.548  11.989  1.00 23.20 ? 114 GLU A CG  1 
ATOM   443  C  CD  . GLU A 1 66  ? 12.362  -1.697  13.429  1.00 31.67 ? 114 GLU A CD  1 
ATOM   444  O  OE1 . GLU A 1 66  ? 11.531  -0.864  13.887  1.00 38.06 ? 114 GLU A OE1 1 
ATOM   445  O  OE2 . GLU A 1 66  ? 12.894  -2.608  14.111  1.00 41.07 ? 114 GLU A OE2 1 
ATOM   446  N  N   . MET A 1 67  ? 11.165  -0.716  8.546   1.00 13.93 ? 115 MET A N   1 
ATOM   447  C  CA  . MET A 1 67  ? 10.637  -1.633  7.540   1.00 14.48 ? 115 MET A CA  1 
ATOM   448  C  C   . MET A 1 67  ? 11.449  -1.585  6.258   1.00 15.07 ? 115 MET A C   1 
ATOM   449  O  O   . MET A 1 67  ? 11.782  -2.627  5.686   1.00 15.95 ? 115 MET A O   1 
ATOM   450  C  CB  . MET A 1 67  ? 9.194   -1.230  7.244   1.00 14.61 ? 115 MET A CB  1 
ATOM   451  C  CG  . MET A 1 67  ? 8.473   -2.132  6.252   1.00 15.28 ? 115 MET A CG  1 
ATOM   452  S  SD  . MET A 1 67  ? 8.267   -3.850  6.806   1.00 16.51 ? 115 MET A SD  1 
ATOM   453  C  CE  . MET A 1 67  ? 6.904   -3.594  7.938   1.00 17.49 ? 115 MET A CE  1 
ATOM   454  N  N   . SER A 1 68  ? 11.847  -0.396  5.810   1.00 14.32 ? 116 SER A N   1 
ATOM   455  C  CA  . SER A 1 68  ? 12.620  -0.192  4.597   1.00 15.14 ? 116 SER A CA  1 
ATOM   456  C  C   . SER A 1 68  ? 13.984  -0.903  4.688   1.00 18.01 ? 116 SER A C   1 
ATOM   457  O  O   . SER A 1 68  ? 14.487  -1.453  3.688   1.00 22.19 ? 116 SER A O   1 
ATOM   458  C  CB  . SER A 1 68  ? 12.805  1.301   4.345   1.00 14.78 ? 116 SER A CB  1 
ATOM   459  O  OG  . SER A 1 68  ? 11.564  1.972   4.094   1.00 15.44 ? 116 SER A OG  1 
ATOM   460  N  N   . SER A 1 69  ? 14.533  -0.920  5.891   1.00 17.23 ? 117 SER A N   1 
ATOM   461  C  CA  . SER A 1 69  ? 15.891  -1.447  6.158   1.00 18.47 ? 117 SER A CA  1 
ATOM   462  C  C   . SER A 1 69  ? 15.874  -2.961  6.285   1.00 20.37 ? 117 SER A C   1 
ATOM   463  O  O   . SER A 1 69  ? 16.849  -3.583  5.930   1.00 22.65 ? 117 SER A O   1 
ATOM   464  C  CB  . SER A 1 69  ? 16.352  -0.871  7.437   1.00 21.72 ? 117 SER A CB  1 
ATOM   465  O  OG  . SER A 1 69  ? 16.697  0.448   7.232   1.00 32.97 ? 117 SER A OG  1 
ATOM   466  N  N   . GLN A 1 70  ? 14.853  -3.514  6.920   1.00 20.78 ? 118 GLN A N   1 
ATOM   467  C  CA  . GLN A 1 70  ? 14.880  -4.930  7.342   1.00 22.72 ? 118 GLN A CA  1 
ATOM   468  C  C   . GLN A 1 70  ? 14.216  -5.831  6.320   1.00 24.44 ? 118 GLN A C   1 
ATOM   469  O  O   . GLN A 1 70  ? 14.339  -7.018  6.457   1.00 25.03 ? 118 GLN A O   1 
ATOM   470  C  CB  . GLN A 1 70  ? 14.216  -5.114  8.714   1.00 27.28 ? 118 GLN A CB  1 
ATOM   471  C  CG  . GLN A 1 70  ? 14.984  -4.415  9.833   1.00 34.55 ? 118 GLN A CG  1 
ATOM   472  C  CD  . GLN A 1 70  ? 16.430  -4.843  9.924   1.00 46.86 ? 118 GLN A CD  1 
ATOM   473  O  OE1 . GLN A 1 70  ? 17.339  -4.012  9.956   1.00 58.44 ? 118 GLN A OE1 1 
ATOM   474  N  NE2 . GLN A 1 70  ? 16.660  -6.150  9.907   1.00 51.81 ? 118 GLN A NE2 1 
ATOM   475  N  N   . LEU A 1 71  ? 13.581  -5.293  5.281   1.00 22.90 ? 119 LEU A N   1 
ATOM   476  C  CA  . LEU A 1 71  ? 13.136  -6.130  4.205   1.00 26.58 ? 119 LEU A CA  1 
ATOM   477  C  C   . LEU A 1 71  ? 14.389  -6.624  3.489   1.00 28.77 ? 119 LEU A C   1 
ATOM   478  O  O   . LEU A 1 71  ? 15.281  -5.828  3.152   1.00 38.68 ? 119 LEU A O   1 
ATOM   479  C  CB  . LEU A 1 71  ? 12.227  -5.360  3.236   1.00 29.71 ? 119 LEU A CB  1 
ATOM   480  C  CG  . LEU A 1 71  ? 10.770  -5.246  3.673   1.00 31.93 ? 119 LEU A CG  1 
ATOM   481  C  CD1 . LEU A 1 71  ? 10.068  -4.128  2.919   1.00 34.12 ? 119 LEU A CD1 1 
ATOM   482  C  CD2 . LEU A 1 71  ? 10.039  -6.565  3.508   1.00 33.33 ? 119 LEU A CD2 1 
ATOM   483  N  N   . HIS A 1 72  ? 14.448  -7.933  3.316   1.00 27.80 ? 120 HIS A N   1 
ATOM   484  C  CA  . HIS A 1 72  ? 15.487  -8.584  2.594   1.00 27.82 ? 120 HIS A CA  1 
ATOM   485  C  C   . HIS A 1 72  ? 14.819  -9.326  1.447   1.00 24.36 ? 120 HIS A C   1 
ATOM   486  O  O   . HIS A 1 72  ? 14.529  -10.484 1.570   1.00 32.57 ? 120 HIS A O   1 
ATOM   487  C  CB  . HIS A 1 72  ? 16.274  -9.542  3.503   1.00 32.26 ? 120 HIS A CB  1 
ATOM   488  C  CG  . HIS A 1 72  ? 17.003  -8.827  4.592   1.00 41.09 ? 120 HIS A CG  1 
ATOM   489  N  ND1 . HIS A 1 72  ? 16.515  -8.757  5.884   1.00 46.12 ? 120 HIS A ND1 1 
ATOM   490  C  CD2 . HIS A 1 72  ? 18.127  -8.076  4.564   1.00 46.99 ? 120 HIS A CD2 1 
ATOM   491  C  CE1 . HIS A 1 72  ? 17.329  -8.024  6.617   1.00 44.40 ? 120 HIS A CE1 1 
ATOM   492  N  NE2 . HIS A 1 72  ? 18.333  -7.596  5.825   1.00 48.87 ? 120 HIS A NE2 1 
ATOM   493  N  N   . LEU A 1 73  ? 14.552  -8.606  0.390   1.00 20.66 ? 121 LEU A N   1 
ATOM   494  C  CA  . LEU A 1 73  ? 13.711  -9.122  -0.724  1.00 18.40 ? 121 LEU A CA  1 
ATOM   495  C  C   . LEU A 1 73  ? 14.543  -10.029 -1.605  1.00 18.21 ? 121 LEU A C   1 
ATOM   496  O  O   . LEU A 1 73  ? 15.666  -9.644  -2.043  1.00 21.07 ? 121 LEU A O   1 
ATOM   497  C  CB  . LEU A 1 73  ? 13.254  -7.974  -1.615  1.00 20.14 ? 121 LEU A CB  1 
ATOM   498  C  CG  . LEU A 1 73  ? 12.253  -7.020  -0.973  1.00 24.48 ? 121 LEU A CG  1 
ATOM   499  C  CD1 . LEU A 1 73  ? 11.843  -5.973  -1.993  1.00 30.37 ? 121 LEU A CD1 1 
ATOM   500  C  CD2 . LEU A 1 73  ? 11.046  -7.749  -0.431  1.00 24.34 ? 121 LEU A CD2 1 
ATOM   501  N  N   . THR A 1 74  ? 13.926  -11.154 -2.008  1.00 15.09 ? 122 THR A N   1 
ATOM   502  C  CA  . THR A 1 74  ? 14.342  -11.903 -3.174  1.00 15.74 ? 122 THR A CA  1 
ATOM   503  C  C   . THR A 1 74  ? 13.056  -12.290 -3.887  1.00 15.54 ? 122 THR A C   1 
ATOM   504  O  O   . THR A 1 74  ? 11.986  -12.332 -3.256  1.00 14.56 ? 122 THR A O   1 
ATOM   505  C  CB  . THR A 1 74  ? 15.094  -13.185 -2.814  1.00 18.22 ? 122 THR A CB  1 
ATOM   506  O  OG1 . THR A 1 74  ? 14.241  -14.149 -2.209  1.00 17.35 ? 122 THR A OG1 1 
ATOM   507  C  CG2 . THR A 1 74  ? 16.243  -12.965 -1.851  1.00 20.04 ? 122 THR A CG2 1 
ATOM   508  N  N   . PRO A 1 75  ? 13.074  -12.609 -5.189  1.00 15.33 ? 123 PRO A N   1 
ATOM   509  C  CA  . PRO A 1 75  ? 11.841  -13.040 -5.830  1.00 13.84 ? 123 PRO A CA  1 
ATOM   510  C  C   . PRO A 1 75  ? 11.090  -14.203 -5.182  1.00 13.38 ? 123 PRO A C   1 
ATOM   511  O  O   . PRO A 1 75  ? 9.872   -14.166 -5.094  1.00 12.92 ? 123 PRO A O   1 
ATOM   512  C  CB  . PRO A 1 75  ? 12.294  -13.330 -7.283  1.00 14.80 ? 123 PRO A CB  1 
ATOM   513  C  CG  . PRO A 1 75  ? 13.481  -12.398 -7.478  1.00 16.57 ? 123 PRO A CG  1 
ATOM   514  C  CD  . PRO A 1 75  ? 14.196  -12.485 -6.153  1.00 16.28 ? 123 PRO A CD  1 
ATOM   515  N  N   . GLY A 1 76  ? 11.804  -15.203 -4.671  1.00 12.24 ? 124 GLY A N   1 
ATOM   516  C  CA  . GLY A 1 76  ? 11.251  -16.371 -4.131  1.00 12.56 ? 124 GLY A CA  1 
ATOM   517  C  C   . GLY A 1 76  ? 10.748  -16.217 -2.707  1.00 12.52 ? 124 GLY A C   1 
ATOM   518  O  O   . GLY A 1 76  ? 10.087  -17.097 -2.199  1.00 12.93 ? 124 GLY A O   1 
ATOM   519  N  N   . THR A 1 77  ? 11.126  -15.136 -2.016  1.00 13.54 ? 125 THR A N   1 
ATOM   520  C  CA  . THR A 1 77  ? 10.709  -14.975 -0.630  1.00 13.51 ? 125 THR A CA  1 
ATOM   521  C  C   . THR A 1 77  ? 9.839   -13.710 -0.444  1.00 12.59 ? 125 THR A C   1 
ATOM   522  O  O   . THR A 1 77  ? 9.267   -13.520 0.688   1.00 11.66 ? 125 THR A O   1 
ATOM   523  C  CB  . THR A 1 77  ? 11.914  -14.894 0.314   1.00 14.53 ? 125 THR A CB  1 
ATOM   524  O  OG1 . THR A 1 77  ? 12.687  -13.745 0.021   1.00 14.23 ? 125 THR A OG1 1 
ATOM   525  C  CG2 . THR A 1 77  ? 12.759  -16.151 0.214   1.00 16.62 ? 125 THR A CG2 1 
ATOM   526  N  N   . ALA A 1 78  ? 9.669   -12.903 -1.497  1.00 11.10 ? 126 ALA A N   1 
ATOM   527  C  CA  . ALA A 1 78  ? 8.937   -11.643 -1.367  1.00 11.92 ? 126 ALA A CA  1 
ATOM   528  C  C   . ALA A 1 78  ? 7.491   -11.885 -0.964  1.00 11.29 ? 126 ALA A C   1 
ATOM   529  O  O   . ALA A 1 78  ? 6.912   -11.086 -0.151  1.00 11.47 ? 126 ALA A O   1 
ATOM   530  C  CB  . ALA A 1 78  ? 9.062   -10.832 -2.604  1.00 12.11 ? 126 ALA A CB  1 
ATOM   531  N  N   . TYR A 1 79  ? 6.804   -12.911 -1.518  1.00 10.70 ? 127 TYR A N   1 
ATOM   532  C  CA  . TYR A 1 79  ? 5.439   -13.116 -1.134  1.00 10.87 ? 127 TYR A CA  1 
ATOM   533  C  C   . TYR A 1 79  ? 5.293   -13.442 0.343   1.00 11.27 ? 127 TYR A C   1 
ATOM   534  O  O   . TYR A 1 79  ? 4.413   -12.946 1.055   1.00 10.89 ? 127 TYR A O   1 
ATOM   535  C  CB  . TYR A 1 79  ? 4.742   -14.180 -1.998  1.00 10.53 ? 127 TYR A CB  1 
ATOM   536  C  CG  . TYR A 1 79  ? 3.314   -14.352 -1.563  1.00 10.16 ? 127 TYR A CG  1 
ATOM   537  C  CD1 . TYR A 1 79  ? 2.421   -13.343 -1.848  1.00 12.41 ? 127 TYR A CD1 1 
ATOM   538  C  CD2 . TYR A 1 79  ? 2.900   -15.395 -0.780  1.00 10.43 ? 127 TYR A CD2 1 
ATOM   539  C  CE1 . TYR A 1 79  ? 1.118   -13.411 -1.392  1.00 13.34 ? 127 TYR A CE1 1 
ATOM   540  C  CE2 . TYR A 1 79  ? 1.596   -15.466 -0.323  1.00 10.98 ? 127 TYR A CE2 1 
ATOM   541  C  CZ  . TYR A 1 79  ? 0.713   -14.481 -0.644  1.00 12.32 ? 127 TYR A CZ  1 
ATOM   542  O  OH  . TYR A 1 79  ? -0.591  -14.508 -0.176  1.00 15.12 ? 127 TYR A OH  1 
ATOM   543  N  N   . ALA A 1 80  ? 6.149   -14.329 0.838   1.00 10.26 ? 128 ALA A N   1 
ATOM   544  C  CA  . ALA A 1 80  ? 6.126   -14.678 2.270   1.00 10.99 ? 128 ALA A CA  1 
ATOM   545  C  C   . ALA A 1 80  ? 6.373   -13.435 3.147   1.00 11.53 ? 128 ALA A C   1 
ATOM   546  O  O   . ALA A 1 80  ? 5.695   -13.291 4.176   1.00 13.58 ? 128 ALA A O   1 
ATOM   547  C  CB  . ALA A 1 80  ? 7.191   -15.718 2.535   1.00 13.77 ? 128 ALA A CB  1 
ATOM   548  N  N   . SER A 1 81  ? 7.241   -12.553 2.706   1.00 11.14 ? 129 SER A N   1 
ATOM   549  C  CA  . SER A 1 81  ? 7.495   -11.291 3.441   1.00 11.85 ? 129 SER A CA  1 
ATOM   550  C  C   . SER A 1 81  ? 6.209   -10.471 3.489   1.00 13.09 ? 129 SER A C   1 
ATOM   551  O  O   . SER A 1 81  ? 5.784   -9.991  4.594   1.00 13.46 ? 129 SER A O   1 
ATOM   552  C  CB  . SER A 1 81  ? 8.616   -10.516 2.886   1.00 14.17 ? 129 SER A CB  1 
ATOM   553  O  OG  . SER A 1 81  ? 9.832   -11.249 3.059   1.00 18.39 ? 129 SER A OG  1 
ATOM   554  N  N   . PHE A 1 82  ? 5.591   -10.306 2.323   1.00 11.90 ? 130 PHE A N   1 
ATOM   555  C  CA  . PHE A 1 82  ? 4.322   -9.563  2.209   1.00 11.67 ? 130 PHE A CA  1 
ATOM   556  C  C   . PHE A 1 82  ? 3.274   -10.182 3.134   1.00 12.92 ? 130 PHE A C   1 
ATOM   557  O  O   . PHE A 1 82  ? 2.623   -9.480  3.947   1.00 12.18 ? 130 PHE A O   1 
ATOM   558  C  CB  . PHE A 1 82  ? 3.814   -9.594  0.766   1.00 11.72 ? 130 PHE A CB  1 
ATOM   559  C  CG  . PHE A 1 82  ? 2.470   -8.931  0.579   1.00 11.79 ? 130 PHE A CG  1 
ATOM   560  C  CD1 . PHE A 1 82  ? 2.395   -7.568  0.320   1.00 13.32 ? 130 PHE A CD1 1 
ATOM   561  C  CD2 . PHE A 1 82  ? 1.318   -9.689  0.614   1.00 12.72 ? 130 PHE A CD2 1 
ATOM   562  C  CE1 . PHE A 1 82  ? 1.121   -7.013  0.117   1.00 14.63 ? 130 PHE A CE1 1 
ATOM   563  C  CE2 . PHE A 1 82  ? 0.067   -9.110  0.460   1.00 14.68 ? 130 PHE A CE2 1 
ATOM   564  C  CZ  . PHE A 1 82  ? 0.006   -7.786  0.223   1.00 14.53 ? 130 PHE A CZ  1 
ATOM   565  N  N   . ALA A 1 83  ? 3.070   -11.504 3.023   1.00 12.62 ? 131 ALA A N   1 
ATOM   566  C  CA  . ALA A 1 83  ? 1.962   -12.147 3.766   1.00 12.57 ? 131 ALA A CA  1 
ATOM   567  C  C   . ALA A 1 83  ? 2.205   -12.101 5.291   1.00 12.66 ? 131 ALA A C   1 
ATOM   568  O  O   . ALA A 1 83  ? 1.233   -11.898 6.039   1.00 14.44 ? 131 ALA A O   1 
ATOM   569  C  CB  . ALA A 1 83  ? 1.804   -13.586 3.288   1.00 13.38 ? 131 ALA A CB  1 
ATOM   570  N  N   . THR A 1 84  ? 3.457   -12.243 5.739   1.00 12.88 ? 132 THR A N   1 
ATOM   571  C  CA  . THR A 1 84  ? 3.779   -12.234 7.154   1.00 15.91 ? 132 THR A CA  1 
ATOM   572  C  C   . THR A 1 84  ? 3.484   -10.846 7.718   1.00 14.47 ? 132 THR A C   1 
ATOM   573  O  O   . THR A 1 84  ? 2.857   -10.694 8.797   1.00 15.21 ? 132 THR A O   1 
ATOM   574  C  CB  . THR A 1 84  ? 5.236   -12.600 7.419   1.00 17.37 ? 132 THR A CB  1 
ATOM   575  O  OG1 . THR A 1 84  ? 5.446   -13.922 6.914   1.00 22.77 ? 132 THR A OG1 1 
ATOM   576  C  CG2 . THR A 1 84  ? 5.553   -12.605 8.899   1.00 22.02 ? 132 THR A CG2 1 
ATOM   577  N  N   . VAL A 1 85  ? 3.912   -9.793  7.019   1.00 13.47 ? 133 VAL A N   1 
ATOM   578  C  CA  . VAL A 1 85  ? 3.731   -8.441  7.542   1.00 12.36 ? 133 VAL A CA  1 
ATOM   579  C  C   . VAL A 1 85  ? 2.248   -8.101  7.548   1.00 13.11 ? 133 VAL A C   1 
ATOM   580  O  O   . VAL A 1 85  ? 1.758   -7.475  8.529   1.00 12.19 ? 133 VAL A O   1 
ATOM   581  C  CB  . VAL A 1 85  ? 4.526   -7.414  6.726   1.00 11.86 ? 133 VAL A CB  1 
ATOM   582  C  CG1 . VAL A 1 85  ? 4.083   -5.985  7.048   1.00 12.25 ? 133 VAL A CG1 1 
ATOM   583  C  CG2 . VAL A 1 85  ? 6.016   -7.567  6.902   1.00 12.80 ? 133 VAL A CG2 1 
ATOM   584  N  N   . VAL A 1 86  ? 1.485   -8.384  6.496   1.00 12.78 ? 134 VAL A N   1 
ATOM   585  C  CA  . VAL A 1 86  ? 0.084   -8.031  6.417   1.00 12.94 ? 134 VAL A CA  1 
ATOM   586  C  C   . VAL A 1 86  ? -0.696  -8.776  7.509   1.00 13.48 ? 134 VAL A C   1 
ATOM   587  O  O   . VAL A 1 86  ? -1.577  -8.199  8.118   1.00 14.64 ? 134 VAL A O   1 
ATOM   588  C  CB  . VAL A 1 86  ? -0.467  -8.261  5.010   1.00 14.26 ? 134 VAL A CB  1 
ATOM   589  C  CG1 . VAL A 1 86  ? -1.970  -8.167  4.917   1.00 15.74 ? 134 VAL A CG1 1 
ATOM   590  C  CG2 . VAL A 1 86  ? 0.255   -7.324  4.038   1.00 15.00 ? 134 VAL A CG2 1 
ATOM   591  N  N   . GLU A 1 87  ? -0.328  -10.038 7.767   1.00 14.16 ? 135 GLU A N   1 
ATOM   592  C  CA  . GLU A 1 87  ? -1.073  -10.776 8.840   1.00 16.26 ? 135 GLU A CA  1 
ATOM   593  C  C   . GLU A 1 87  ? -0.845  -10.070 10.166  1.00 15.29 ? 135 GLU A C   1 
ATOM   594  O  O   . GLU A 1 87  ? -1.818  -9.914  10.933  1.00 17.25 ? 135 GLU A O   1 
ATOM   595  C  CB  . GLU A 1 87  ? -0.566  -12.218 8.953   1.00 20.93 ? 135 GLU A CB  1 
ATOM   596  C  CG  . GLU A 1 87  ? -1.357  -13.056 9.955   1.00 25.01 ? 135 GLU A CG  1 
ATOM   597  C  CD  . GLU A 1 87  ? -0.770  -14.425 10.216  1.00 39.28 ? 135 GLU A CD  1 
ATOM   598  O  OE1 . GLU A 1 87  ? 0.401   -14.663 9.812   1.00 48.77 ? 135 GLU A OE1 1 
ATOM   599  O  OE2 . GLU A 1 87  ? -1.477  -15.246 10.829  1.00 45.20 ? 135 GLU A OE2 1 
ATOM   600  N  N   . GLU A 1 88  ? 0.393   -9.675  10.467  1.00 14.46 ? 136 GLU A N   1 
ATOM   601  C  CA  . GLU A 1 88  ? 0.725   -8.973  11.699  1.00 16.21 ? 136 GLU A CA  1 
ATOM   602  C  C   . GLU A 1 88  ? -0.024  -7.635  11.763  1.00 15.80 ? 136 GLU A C   1 
ATOM   603  O  O   . GLU A 1 88  ? -0.614  -7.250  12.798  1.00 16.51 ? 136 GLU A O   1 
ATOM   604  C  CB  . GLU A 1 88  ? 2.210   -8.668  11.865  1.00 20.78 ? 136 GLU A CB  1 
ATOM   605  C  CG  . GLU A 1 88  ? 3.107   -9.862  12.071  1.00 29.20 ? 136 GLU A CG  1 
ATOM   606  C  CD  . GLU A 1 88  ? 4.587   -9.602  11.780  1.00 39.89 ? 136 GLU A CD  1 
ATOM   607  O  OE1 . GLU A 1 88  ? 4.934   -8.535  11.176  1.00 45.74 ? 136 GLU A OE1 1 
ATOM   608  O  OE2 . GLU A 1 88  ? 5.413   -10.491 12.138  1.00 51.59 ? 136 GLU A OE2 1 
ATOM   609  N  N   . LEU A 1 89  ? -0.087  -6.921  10.642  1.00 13.19 ? 137 LEU A N   1 
ATOM   610  C  CA  . LEU A 1 89  ? -0.690  -5.585  10.643  1.00 13.72 ? 137 LEU A CA  1 
ATOM   611  C  C   . LEU A 1 89  ? -2.160  -5.647  11.025  1.00 12.75 ? 137 LEU A C   1 
ATOM   612  O  O   . LEU A 1 89  ? -2.644  -4.710  11.725  1.00 14.43 ? 137 LEU A O   1 
ATOM   613  C  CB  . LEU A 1 89  ? -0.537  -5.034  9.214   1.00 12.81 ? 137 LEU A CB  1 
ATOM   614  C  CG  . LEU A 1 89  ? -1.078  -3.627  8.947   1.00 12.08 ? 137 LEU A CG  1 
ATOM   615  C  CD1 . LEU A 1 89  ? -0.562  -2.564  9.920   1.00 12.77 ? 137 LEU A CD1 1 
ATOM   616  C  CD2 . LEU A 1 89  ? -0.762  -3.182  7.508   1.00 13.06 ? 137 LEU A CD2 1 
ATOM   617  N  N   . PHE A 1 90  ? -2.919  -6.620  10.552  1.00 12.42 ? 138 PHE A N   1 
ATOM   618  C  CA  . PHE A 1 90  ? -4.381  -6.763  10.743  1.00 13.23 ? 138 PHE A CA  1 
ATOM   619  C  C   . PHE A 1 90  ? -4.752  -7.790  11.849  1.00 15.19 ? 138 PHE A C   1 
ATOM   620  O  O   . PHE A 1 90  ? -5.949  -8.081  11.909  1.00 17.10 ? 138 PHE A O   1 
ATOM   621  C  CB  . PHE A 1 90  ? -5.044  -7.057  9.410   1.00 14.01 ? 138 PHE A CB  1 
ATOM   622  C  CG  . PHE A 1 90  ? -4.925  -5.930  8.401   1.00 12.49 ? 138 PHE A CG  1 
ATOM   623  C  CD1 . PHE A 1 90  ? -5.497  -4.681  8.643   1.00 12.69 ? 138 PHE A CD1 1 
ATOM   624  C  CD2 . PHE A 1 90  ? -4.180  -6.086  7.246   1.00 12.00 ? 138 PHE A CD2 1 
ATOM   625  C  CE1 . PHE A 1 90  ? -5.410  -3.656  7.716   1.00 12.57 ? 138 PHE A CE1 1 
ATOM   626  C  CE2 . PHE A 1 90  ? -4.115  -5.075  6.312   1.00 11.89 ? 138 PHE A CE2 1 
ATOM   627  C  CZ  . PHE A 1 90  ? -4.704  -3.850  6.544   1.00 12.31 ? 138 PHE A CZ  1 
ATOM   628  N  N   . ARG A 1 91  ? -3.753  -8.234  12.598  1.00 18.44 ? 139 ARG A N   1 
ATOM   629  C  CA  . ARG A 1 91  ? -3.991  -9.323  13.623  1.00 20.92 ? 139 ARG A CA  1 
ATOM   630  C  C   . ARG A 1 91  ? -5.118  -8.910  14.584  1.00 22.35 ? 139 ARG A C   1 
ATOM   631  O  O   . ARG A 1 91  ? -5.944  -9.762  14.953  1.00 25.13 ? 139 ARG A O   1 
ATOM   632  C  CB  . ARG A 1 91  ? -2.707  -9.574  14.421  1.00 23.80 ? 139 ARG A CB  1 
ATOM   633  C  CG  . ARG A 1 91  ? -2.800  -10.776 15.360  1.00 32.26 ? 139 ARG A CG  1 
ATOM   634  C  CD  . ARG A 1 91  ? -1.459  -11.138 16.002  1.00 39.10 ? 139 ARG A CD  1 
ATOM   635  N  NE  . ARG A 1 91  ? -0.784  -10.006 16.645  1.00 51.20 ? 139 ARG A NE  1 
ATOM   636  C  CZ  . ARG A 1 91  ? -0.930  -9.599  17.919  1.00 58.96 ? 139 ARG A CZ  1 
ATOM   637  N  NH1 . ARG A 1 91  ? -1.749  -10.207 18.766  1.00 56.27 ? 139 ARG A NH1 1 
ATOM   638  N  NH2 . ARG A 1 91  ? -0.241  -8.559  18.349  1.00 61.92 ? 139 ARG A NH2 1 
ATOM   639  N  N   . ASP A 1 92  ? -5.162  -7.647  14.993  1.00 21.08 ? 140 ASP A N   1 
ATOM   640  C  CA  . ASP A 1 92  ? -6.160  -7.237  16.028  1.00 23.38 ? 140 ASP A CA  1 
ATOM   641  C  C   . ASP A 1 92  ? -7.370  -6.562  15.378  1.00 22.69 ? 140 ASP A C   1 
ATOM   642  O  O   . ASP A 1 92  ? -8.225  -5.988  16.070  1.00 23.27 ? 140 ASP A O   1 
ATOM   643  C  CB  . ASP A 1 92  ? -5.512  -6.340  17.076  1.00 26.81 ? 140 ASP A CB  1 
ATOM   644  C  CG  . ASP A 1 92  ? -4.401  -6.989  17.891  1.00 29.82 ? 140 ASP A CG  1 
ATOM   645  O  OD1 . ASP A 1 92  ? -4.408  -8.230  18.048  1.00 35.64 ? 140 ASP A OD1 1 
ATOM   646  O  OD2 . ASP A 1 92  ? -3.509  -6.251  18.293  1.00 38.36 ? 140 ASP A OD2 1 
ATOM   647  N  N   . GLY A 1 93  ? -7.482  -6.602  14.048  1.00 19.93 ? 141 GLY A N   1 
ATOM   648  C  CA  . GLY A 1 93  ? -8.584  -6.124  13.321  1.00 17.74 ? 141 GLY A CA  1 
ATOM   649  C  C   . GLY A 1 93  ? -8.181  -5.016  12.346  1.00 15.62 ? 141 GLY A C   1 
ATOM   650  O  O   . GLY A 1 93  ? -7.011  -4.686  12.238  1.00 17.51 ? 141 GLY A O   1 
ATOM   651  N  N   . VAL A 1 94  ? -9.191  -4.548  11.645  1.00 14.75 ? 142 VAL A N   1 
ATOM   652  C  CA  . VAL A 1 94  ? -8.996  -3.543  10.566  1.00 14.73 ? 142 VAL A CA  1 
ATOM   653  C  C   . VAL A 1 94  ? -9.461  -2.168  11.032  1.00 14.83 ? 142 VAL A C   1 
ATOM   654  O  O   . VAL A 1 94  ? -10.490 -2.071  11.716  1.00 15.11 ? 142 VAL A O   1 
ATOM   655  C  CB  . VAL A 1 94  ? -9.768  -3.946  9.324   1.00 14.21 ? 142 VAL A CB  1 
ATOM   656  C  CG1 . VAL A 1 94  ? -9.572  -2.952  8.172   1.00 12.95 ? 142 VAL A CG1 1 
ATOM   657  C  CG2 . VAL A 1 94  ? -9.408  -5.363  8.866   1.00 14.89 ? 142 VAL A CG2 1 
ATOM   658  N  N   . ASN A 1 95  ? -8.716  -1.108  10.693  1.00 12.29 ? 143 ASN A N   1 
ATOM   659  C  CA  . ASN A 1 95  ? -9.182  0.261   10.771  1.00 11.96 ? 143 ASN A CA  1 
ATOM   660  C  C   . ASN A 1 95  ? -8.552  0.998   9.564   1.00 11.54 ? 143 ASN A C   1 
ATOM   661  O  O   . ASN A 1 95  ? -7.659  0.458   8.884   1.00 10.53 ? 143 ASN A O   1 
ATOM   662  C  CB  . ASN A 1 95  ? -8.906  0.905   12.132  1.00 12.02 ? 143 ASN A CB  1 
ATOM   663  C  CG  . ASN A 1 95  ? -7.440  1.010   12.464  1.00 13.26 ? 143 ASN A CG  1 
ATOM   664  O  OD1 . ASN A 1 95  ? -6.615  1.429   11.624  1.00 12.39 ? 143 ASN A OD1 1 
ATOM   665  N  ND2 . ASN A 1 95  ? -7.002  0.695   13.684  1.00 15.25 ? 143 ASN A ND2 1 
ATOM   666  N  N   . TRP A 1 96  ? -9.033  2.201   9.263   1.00 9.84  ? 144 TRP A N   1 
ATOM   667  C  CA  . TRP A 1 96  ? -8.492  2.903   8.100   1.00 9.19  ? 144 TRP A CA  1 
ATOM   668  C  C   . TRP A 1 96  ? -6.990  3.139   8.251   1.00 9.26  ? 144 TRP A C   1 
ATOM   669  O  O   . TRP A 1 96  ? -6.299  3.123   7.226   1.00 9.21  ? 144 TRP A O   1 
ATOM   670  C  CB  . TRP A 1 96  ? -9.230  4.220   7.836   1.00 9.62  ? 144 TRP A CB  1 
ATOM   671  C  CG  . TRP A 1 96  ? -10.639 4.050   7.307   1.00 9.97  ? 144 TRP A CG  1 
ATOM   672  C  CD1 . TRP A 1 96  ? -11.817 4.391   7.939   1.00 10.27 ? 144 TRP A CD1 1 
ATOM   673  C  CD2 . TRP A 1 96  ? -11.021 3.530   6.019   1.00 10.13 ? 144 TRP A CD2 1 
ATOM   674  N  NE1 . TRP A 1 96  ? -12.874 4.129   7.125   1.00 9.74  ? 144 TRP A NE1 1 
ATOM   675  C  CE2 . TRP A 1 96  ? -12.442 3.567   5.949   1.00 11.32 ? 144 TRP A CE2 1 
ATOM   676  C  CE3 . TRP A 1 96  ? -10.312 3.009   4.928   1.00 10.56 ? 144 TRP A CE3 1 
ATOM   677  C  CZ2 . TRP A 1 96  ? -13.119 3.115   4.817   1.00 11.41 ? 144 TRP A CZ2 1 
ATOM   678  C  CZ3 . TRP A 1 96  ? -10.997 2.545   3.833   1.00 10.78 ? 144 TRP A CZ3 1 
ATOM   679  C  CH2 . TRP A 1 96  ? -12.384 2.622   3.774   1.00 11.72 ? 144 TRP A CH2 1 
ATOM   680  N  N   . GLY A 1 97  ? -6.508  3.537   9.425   1.00 8.40  ? 145 GLY A N   1 
ATOM   681  C  CA  . GLY A 1 97  ? -5.120  3.786   9.574   1.00 8.79  ? 145 GLY A CA  1 
ATOM   682  C  C   . GLY A 1 97  ? -4.239  2.591   9.182   1.00 9.01  ? 145 GLY A C   1 
ATOM   683  O  O   . GLY A 1 97  ? -3.151  2.741   8.592   1.00 9.05  ? 145 GLY A O   1 
ATOM   684  N  N   . ARG A 1 98  ? -4.652  1.380   9.599   1.00 9.62  ? 146 ARG A N   1 
ATOM   685  C  CA  . ARG A 1 98  ? -3.938  0.188   9.233   1.00 9.63  ? 146 ARG A CA  1 
ATOM   686  C  C   . ARG A 1 98  ? -4.016  -0.059  7.715   1.00 9.02  ? 146 ARG A C   1 
ATOM   687  O  O   . ARG A 1 98  ? -3.061  -0.595  7.132   1.00 9.33  ? 146 ARG A O   1 
ATOM   688  C  CB  . ARG A 1 98  ? -4.449  -0.996  10.041  1.00 10.90 ? 146 ARG A CB  1 
ATOM   689  C  CG  . ARG A 1 98  ? -4.093  -0.897  11.526  1.00 11.87 ? 146 ARG A CG  1 
ATOM   690  C  CD  . ARG A 1 98  ? -4.801  -1.984  12.309  1.00 13.68 ? 146 ARG A CD  1 
ATOM   691  N  NE  . ARG A 1 98  ? -4.446  -1.868  13.727  1.00 16.79 ? 146 ARG A NE  1 
ATOM   692  C  CZ  . ARG A 1 98  ? -5.292  -2.256  14.737  1.00 21.48 ? 146 ARG A CZ  1 
ATOM   693  N  NH1 . ARG A 1 98  ? -6.382  -2.980  14.516  1.00 22.34 ? 146 ARG A NH1 1 
ATOM   694  N  NH2 . ARG A 1 98  ? -5.094  -1.781  15.937  1.00 24.16 ? 146 ARG A NH2 1 
ATOM   695  N  N   . ILE A 1 99  ? -5.154  0.253   7.083   1.00 9.11  ? 147 ILE A N   1 
ATOM   696  C  CA  . ILE A 1 99  ? -5.260  0.141   5.602   1.00 8.63  ? 147 ILE A CA  1 
ATOM   697  C  C   . ILE A 1 99  ? -4.236  1.110   4.964   1.00 8.37  ? 147 ILE A C   1 
ATOM   698  O  O   . ILE A 1 99  ? -3.518  0.743   4.004   1.00 8.60  ? 147 ILE A O   1 
ATOM   699  C  CB  . ILE A 1 99  ? -6.677  0.323   5.080   1.00 9.17  ? 147 ILE A CB  1 
ATOM   700  C  CG1 . ILE A 1 99  ? -7.564  -0.834  5.565   1.00 10.87 ? 147 ILE A CG1 1 
ATOM   701  C  CG2 . ILE A 1 99  ? -6.705  0.498   3.557   1.00 9.81  ? 147 ILE A CG2 1 
ATOM   702  C  CD1 . ILE A 1 99  ? -8.955  -0.738  5.099   1.00 11.77 ? 147 ILE A CD1 1 
ATOM   703  N  N   . VAL A 1 100 ? -4.157  2.359   5.450   1.00 7.94  ? 148 VAL A N   1 
ATOM   704  C  CA  . VAL A 1 100 ? -3.162  3.292   4.886   1.00 8.00  ? 148 VAL A CA  1 
ATOM   705  C  C   . VAL A 1 100 ? -1.762  2.726   5.099   1.00 8.07  ? 148 VAL A C   1 
ATOM   706  O  O   . VAL A 1 100 ? -0.897  2.730   4.203   1.00 7.94  ? 148 VAL A O   1 
ATOM   707  C  CB  . VAL A 1 100 ? -3.292  4.674   5.505   1.00 8.62  ? 148 VAL A CB  1 
ATOM   708  C  CG1 . VAL A 1 100 ? -2.120  5.573   5.123   1.00 8.44  ? 148 VAL A CG1 1 
ATOM   709  C  CG2 . VAL A 1 100 ? -4.608  5.291   5.099   1.00 9.34  ? 148 VAL A CG2 1 
ATOM   710  N  N   . ALA A 1 101 ? -1.453  2.150   6.292   1.00 8.47  ? 149 ALA A N   1 
ATOM   711  C  CA  . ALA A 1 101 ? -0.154  1.542   6.575   1.00 8.48  ? 149 ALA A CA  1 
ATOM   712  C  C   . ALA A 1 101 ? 0.128   0.378   5.597   1.00 8.85  ? 149 ALA A C   1 
ATOM   713  O  O   . ALA A 1 101 ? 1.277   0.185   5.153   1.00 9.32  ? 149 ALA A O   1 
ATOM   714  C  CB  . ALA A 1 101 ? -0.146  1.045   8.035   1.00 9.48  ? 149 ALA A CB  1 
ATOM   715  N  N   . PHE A 1 102 ? -0.907  -0.365  5.219   1.00 7.96  ? 150 PHE A N   1 
ATOM   716  C  CA  . PHE A 1 102 ? -0.796  -1.457  4.259   1.00 9.10  ? 150 PHE A CA  1 
ATOM   717  C  C   . PHE A 1 102 ? -0.358  -0.935  2.895   1.00 8.84  ? 150 PHE A C   1 
ATOM   718  O  O   . PHE A 1 102 ? 0.549   -1.475  2.264   1.00 9.34  ? 150 PHE A O   1 
ATOM   719  C  CB  . PHE A 1 102 ? -2.118  -2.187  4.189   1.00 9.60  ? 150 PHE A CB  1 
ATOM   720  C  CG  . PHE A 1 102 ? -2.425  -2.979  2.957   1.00 10.04 ? 150 PHE A CG  1 
ATOM   721  C  CD1 . PHE A 1 102 ? -3.139  -2.418  1.920   1.00 11.49 ? 150 PHE A CD1 1 
ATOM   722  C  CD2 . PHE A 1 102 ? -2.063  -4.318  2.902   1.00 12.04 ? 150 PHE A CD2 1 
ATOM   723  C  CE1 . PHE A 1 102 ? -3.450  -3.171  0.798   1.00 12.26 ? 150 PHE A CE1 1 
ATOM   724  C  CE2 . PHE A 1 102 ? -2.428  -5.077  1.789   1.00 13.12 ? 150 PHE A CE2 1 
ATOM   725  C  CZ  . PHE A 1 102 ? -3.120  -4.499  0.781   1.00 11.54 ? 150 PHE A CZ  1 
ATOM   726  N  N   . PHE A 1 103 ? -0.953  0.167   2.458   1.00 8.44  ? 151 PHE A N   1 
ATOM   727  C  CA  . PHE A 1 103 ? -0.542  0.822   1.185   1.00 8.61  ? 151 PHE A CA  1 
ATOM   728  C  C   . PHE A 1 103 ? 0.890   1.287   1.309   1.00 9.31  ? 151 PHE A C   1 
ATOM   729  O  O   . PHE A 1 103 ? 1.688   1.059   0.377   1.00 9.63  ? 151 PHE A O   1 
ATOM   730  C  CB  . PHE A 1 103 ? -1.506  1.963   0.819   1.00 8.55  ? 151 PHE A CB  1 
ATOM   731  C  CG  . PHE A 1 103 ? -2.732  1.524   0.095   1.00 8.69  ? 151 PHE A CG  1 
ATOM   732  C  CD1 . PHE A 1 103 ? -2.726  1.431   -1.304  1.00 9.89  ? 151 PHE A CD1 1 
ATOM   733  C  CD2 . PHE A 1 103 ? -3.890  1.183   0.758   1.00 9.34  ? 151 PHE A CD2 1 
ATOM   734  C  CE1 . PHE A 1 103 ? -3.862  1.009   -1.960  1.00 9.63  ? 151 PHE A CE1 1 
ATOM   735  C  CE2 . PHE A 1 103 ? -5.031  0.769   0.076   1.00 9.12  ? 151 PHE A CE2 1 
ATOM   736  C  CZ  . PHE A 1 103 ? -5.000  0.654   -1.288  1.00 9.82  ? 151 PHE A CZ  1 
ATOM   737  N  N   . GLU A 1 104 ? 1.284   1.953   2.414   1.00 8.35  ? 152 GLU A N   1 
ATOM   738  C  CA  . GLU A 1 104 ? 2.686   2.397   2.565   1.00 8.38  ? 152 GLU A CA  1 
ATOM   739  C  C   . GLU A 1 104 ? 3.660   1.213   2.561   1.00 8.74  ? 152 GLU A C   1 
ATOM   740  O  O   . GLU A 1 104 ? 4.738   1.313   1.995   1.00 9.43  ? 152 GLU A O   1 
ATOM   741  C  CB  . GLU A 1 104 ? 2.835   3.299   3.782   1.00 8.39  ? 152 GLU A CB  1 
ATOM   742  C  CG  . GLU A 1 104 ? 2.318   4.699   3.551   1.00 8.51  ? 152 GLU A CG  1 
ATOM   743  C  CD  . GLU A 1 104 ? 3.225   5.418   2.591   1.00 9.91  ? 152 GLU A CD  1 
ATOM   744  O  OE1 . GLU A 1 104 ? 4.402   5.530   2.845   1.00 10.52 ? 152 GLU A OE1 1 
ATOM   745  O  OE2 . GLU A 1 104 ? 2.668   5.882   1.580   1.00 12.74 ? 152 GLU A OE2 1 
ATOM   746  N  N   . PHE A 1 105 ? 3.285   0.136   3.201   1.00 8.35  ? 153 PHE A N   1 
ATOM   747  C  CA  . PHE A 1 105 ? 4.107   -1.071  3.174   1.00 8.77  ? 153 PHE A CA  1 
ATOM   748  C  C   . PHE A 1 105 ? 4.295   -1.583  1.743   1.00 9.50  ? 153 PHE A C   1 
ATOM   749  O  O   . PHE A 1 105 ? 5.401   -1.919  1.334   1.00 9.52  ? 153 PHE A O   1 
ATOM   750  C  CB  . PHE A 1 105 ? 3.483   -2.149  4.063   1.00 9.01  ? 153 PHE A CB  1 
ATOM   751  C  CG  . PHE A 1 105 ? 4.127   -3.509  3.925   1.00 9.42  ? 153 PHE A CG  1 
ATOM   752  C  CD1 . PHE A 1 105 ? 5.458   -3.681  4.198   1.00 10.12 ? 153 PHE A CD1 1 
ATOM   753  C  CD2 . PHE A 1 105 ? 3.359   -4.593  3.540   1.00 10.56 ? 153 PHE A CD2 1 
ATOM   754  C  CE1 . PHE A 1 105 ? 6.033   -4.947  4.058   1.00 9.78  ? 153 PHE A CE1 1 
ATOM   755  C  CE2 . PHE A 1 105 ? 3.966   -5.826  3.347   1.00 11.35 ? 153 PHE A CE2 1 
ATOM   756  C  CZ  . PHE A 1 105 ? 5.280   -6.002  3.646   1.00 11.22 ? 153 PHE A CZ  1 
ATOM   757  N  N   . GLY A 1 106 ? 3.216   -1.691  0.987   1.00 8.97  ? 154 GLY A N   1 
ATOM   758  C  CA  . GLY A 1 106 ? 3.369   -2.102  -0.418  1.00 9.22  ? 154 GLY A CA  1 
ATOM   759  C  C   . GLY A 1 106 ? 4.254   -1.137  -1.177  1.00 10.13 ? 154 GLY A C   1 
ATOM   760  O  O   . GLY A 1 106 ? 5.060   -1.567  -2.013  1.00 9.19  ? 154 GLY A O   1 
ATOM   761  N  N   . GLY A 1 107 ? 4.133   0.170   -0.911  1.00 9.65  ? 155 GLY A N   1 
ATOM   762  C  CA  . GLY A 1 107 ? 4.999   1.156   -1.542  1.00 9.30  ? 155 GLY A CA  1 
ATOM   763  C  C   . GLY A 1 107 ? 6.453   0.943   -1.182  1.00 9.96  ? 155 GLY A C   1 
ATOM   764  O  O   . GLY A 1 107 ? 7.302   0.962   -2.123  1.00 10.80 ? 155 GLY A O   1 
ATOM   765  N  N   . VAL A 1 108 ? 6.765   0.617   0.087   1.00 9.33  ? 156 VAL A N   1 
ATOM   766  C  CA  . VAL A 1 108 ? 8.156   0.285   0.478   1.00 9.95  ? 156 VAL A CA  1 
ATOM   767  C  C   . VAL A 1 108 ? 8.620   -0.941  -0.284  1.00 10.97 ? 156 VAL A C   1 
ATOM   768  O  O   . VAL A 1 108 ? 9.742   -0.948  -0.822  1.00 11.33 ? 156 VAL A O   1 
ATOM   769  C  CB  . VAL A 1 108 ? 8.251   0.109   1.997   1.00 11.25 ? 156 VAL A CB  1 
ATOM   770  C  CG1 . VAL A 1 108 ? 9.521   -0.536  2.450   1.00 12.08 ? 156 VAL A CG1 1 
ATOM   771  C  CG2 . VAL A 1 108 ? 8.052   1.440   2.717   1.00 11.24 ? 156 VAL A CG2 1 
ATOM   772  N  N   . MET A 1 109 ? 7.794   -1.970  -0.347  1.00 10.44 ? 157 MET A N   1 
ATOM   773  C  CA  . MET A 1 109 ? 8.228   -3.200  -1.019  1.00 10.35 ? 157 MET A CA  1 
ATOM   774  C  C   . MET A 1 109 ? 8.523   -2.884  -2.487  1.00 10.28 ? 157 MET A C   1 
ATOM   775  O  O   . MET A 1 109 ? 9.554   -3.379  -3.086  1.00 11.12 ? 157 MET A O   1 
ATOM   776  C  CB  . MET A 1 109 ? 7.178   -4.315  -0.979  1.00 11.02 ? 157 MET A CB  1 
ATOM   777  C  CG  . MET A 1 109 ? 6.983   -4.883  0.322   1.00 11.56 ? 157 MET A CG  1 
ATOM   778  S  SD  . MET A 1 109 ? 6.123   -6.509  0.279   1.00 15.59 ? 157 MET A SD  1 
ATOM   779  C  CE  . MET A 1 109 ? 7.269   -7.560  -0.613  1.00 12.65 ? 157 MET A CE  1 
ATOM   780  N  N   . CYS A 1 110 ? 7.708   -2.089  -3.173  1.00 10.01 ? 158 CYS A N   1 
ATOM   781  C  CA  . CYS A 1 110 ? 7.914   -1.738  -4.604  1.00 10.37 ? 158 CYS A CA  1 
ATOM   782  C  C   . CYS A 1 110 ? 9.198   -0.940  -4.783  1.00 12.86 ? 158 CYS A C   1 
ATOM   783  O  O   . CYS A 1 110 ? 9.986   -1.212  -5.698  1.00 13.99 ? 158 CYS A O   1 
ATOM   784  C  CB  . CYS A 1 110 ? 6.711   -1.009  -5.187  1.00 10.36 ? 158 CYS A CB  1 
ATOM   785  S  SG  . CYS A 1 110 ? 5.274   -2.084  -5.405  1.00 11.98 ? 158 CYS A SG  1 
ATOM   786  N  N   . VAL A 1 111 ? 9.367   0.116   -3.985  1.00 12.50 ? 159 VAL A N   1 
ATOM   787  C  CA  . VAL A 1 111 ? 10.568  0.960   -4.108  1.00 12.61 ? 159 VAL A CA  1 
ATOM   788  C  C   . VAL A 1 111 ? 11.799  0.120   -3.865  1.00 13.97 ? 159 VAL A C   1 
ATOM   789  O  O   . VAL A 1 111 ? 12.794  0.260   -4.630  1.00 14.37 ? 159 VAL A O   1 
ATOM   790  C  CB  . VAL A 1 111 ? 10.502  2.140   -3.126  1.00 13.25 ? 159 VAL A CB  1 
ATOM   791  C  CG1 . VAL A 1 111 ? 11.873  2.756   -2.965  1.00 15.53 ? 159 VAL A CG1 1 
ATOM   792  C  CG2 . VAL A 1 111 ? 9.458   3.148   -3.559  1.00 14.07 ? 159 VAL A CG2 1 
ATOM   793  N  N   . GLU A 1 112 ? 11.826  -0.706  -2.823  1.00 13.43 ? 160 GLU A N   1 
ATOM   794  C  CA  . GLU A 1 112 ? 13.015  -1.536  -2.510  1.00 13.84 ? 160 GLU A CA  1 
ATOM   795  C  C   . GLU A 1 112 ? 13.289  -2.502  -3.660  1.00 16.84 ? 160 GLU A C   1 
ATOM   796  O  O   . GLU A 1 112 ? 14.448  -2.729  -3.996  1.00 19.17 ? 160 GLU A O   1 
ATOM   797  C  CB  . GLU A 1 112 ? 12.910  -2.211  -1.154  1.00 17.62 ? 160 GLU A CB  1 
ATOM   798  C  CG  . GLU A 1 112 ? 12.876  -1.176  0.007   1.00 24.66 ? 160 GLU A CG  1 
ATOM   799  C  CD  . GLU A 1 112 ? 14.067  -0.216  0.167   1.00 29.09 ? 160 GLU A CD  1 
ATOM   800  O  OE1 . GLU A 1 112 ? 13.843  0.957   0.592   1.00 29.93 ? 160 GLU A OE1 1 
ATOM   801  O  OE2 . GLU A 1 112 ? 15.211  -0.620  -0.182  1.00 33.68 ? 160 GLU A OE2 1 
ATOM   802  N  N   . SER A 1 113 ? 12.236  -3.029  -4.298  1.00 14.47 ? 161 SER A N   1 
ATOM   803  C  CA  . SER A 1 113 ? 12.399  -3.943  -5.396  1.00 16.27 ? 161 SER A CA  1 
ATOM   804  C  C   . SER A 1 113 ? 13.148  -3.238  -6.528  1.00 16.19 ? 161 SER A C   1 
ATOM   805  O  O   . SER A 1 113 ? 14.098  -3.836  -7.134  1.00 17.30 ? 161 SER A O   1 
ATOM   806  C  CB  . SER A 1 113 ? 11.062  -4.450  -5.885  1.00 16.36 ? 161 SER A CB  1 
ATOM   807  O  OG  . SER A 1 113 ? 10.459  -5.271  -4.900  1.00 19.45 ? 161 SER A OG  1 
ATOM   808  N  N   . VAL A 1 114 ? 12.759  -2.015  -6.843  1.00 15.13 ? 162 VAL A N   1 
ATOM   809  C  CA  . VAL A 1 114 ? 13.411  -1.288  -7.932  1.00 17.22 ? 162 VAL A CA  1 
ATOM   810  C  C   . VAL A 1 114 ? 14.837  -0.930  -7.525  1.00 20.36 ? 162 VAL A C   1 
ATOM   811  O  O   . VAL A 1 114 ? 15.807  -1.115  -8.353  1.00 21.17 ? 162 VAL A O   1 
ATOM   812  C  CB  . VAL A 1 114 ? 12.612  -0.061  -8.388  1.00 18.40 ? 162 VAL A CB  1 
ATOM   813  C  CG1 . VAL A 1 114 ? 13.372  0.711   -9.470  1.00 20.88 ? 162 VAL A CG1 1 
ATOM   814  C  CG2 . VAL A 1 114 ? 11.238  -0.412  -8.903  1.00 17.86 ? 162 VAL A CG2 1 
ATOM   815  N  N   . ASN A 1 115 ? 15.038  -0.551  -6.276  1.00 19.15 ? 163 ASN A N   1 
ATOM   816  C  CA  . ASN A 1 115 ? 16.389  -0.220  -5.790  1.00 22.08 ? 163 ASN A CA  1 
ATOM   817  C  C   . ASN A 1 115 ? 17.349  -1.416  -5.854  1.00 25.00 ? 163 ASN A C   1 
ATOM   818  O  O   . ASN A 1 115 ? 18.556  -1.193  -6.105  1.00 27.26 ? 163 ASN A O   1 
ATOM   819  C  CB  . ASN A 1 115 ? 16.375  0.311   -4.359  1.00 26.12 ? 163 ASN A CB  1 
ATOM   820  C  CG  . ASN A 1 115 ? 15.760  1.682   -4.190  1.00 29.14 ? 163 ASN A CG  1 
ATOM   821  O  OD1 . ASN A 1 115 ? 15.419  2.373   -5.158  1.00 32.78 ? 163 ASN A OD1 1 
ATOM   822  N  ND2 . ASN A 1 115 ? 15.507  2.035   -2.938  1.00 34.12 ? 163 ASN A ND2 1 
ATOM   823  N  N   . ARG A 1 116 ? 16.885  -2.646  -5.642  1.00 21.36 ? 164 ARG A N   1 
ATOM   824  C  CA  . ARG A 1 116 ? 17.698  -3.854  -5.548  1.00 25.54 ? 164 ARG A CA  1 
ATOM   825  C  C   . ARG A 1 116 ? 17.746  -4.595  -6.896  1.00 22.95 ? 164 ARG A C   1 
ATOM   826  O  O   . ARG A 1 116 ? 18.027  -5.793  -6.911  1.00 25.60 ? 164 ARG A O   1 
ATOM   827  C  CB  . ARG A 1 116 ? 17.157  -4.694  -4.387  1.00 31.86 ? 164 ARG A CB  1 
ATOM   828  C  CG  . ARG A 1 116 ? 17.301  -4.003  -3.035  1.00 35.69 ? 164 ARG A CG  1 
ATOM   829  C  CD  . ARG A 1 116 ? 16.344  -4.571  -2.009  1.00 44.41 ? 164 ARG A CD  1 
ATOM   830  N  NE  . ARG A 1 116 ? 16.242  -3.849  -0.728  1.00 51.39 ? 164 ARG A NE  1 
ATOM   831  C  CZ  . ARG A 1 116 ? 16.007  -4.462  0.433   1.00 58.81 ? 164 ARG A CZ  1 
ATOM   832  N  NH1 . ARG A 1 116 ? 16.208  -5.769  0.514   1.00 56.09 ? 164 ARG A NH1 1 
ATOM   833  N  NH2 . ARG A 1 116 ? 15.547  -3.795  1.483   1.00 63.68 ? 164 ARG A NH2 1 
ATOM   834  N  N   . GLU A 1 117 ? 17.385  -3.941  -7.995  1.00 20.92 ? 165 GLU A N   1 
ATOM   835  C  CA  . GLU A 1 117 ? 17.375  -4.465  -9.378  1.00 24.27 ? 165 GLU A CA  1 
ATOM   836  C  C   . GLU A 1 117 ? 16.513  -5.721  -9.485  1.00 24.40 ? 165 GLU A C   1 
ATOM   837  O  O   . GLU A 1 117 ? 16.847  -6.703  -10.165 1.00 25.58 ? 165 GLU A O   1 
ATOM   838  C  CB  . GLU A 1 117 ? 18.804  -4.714  -9.861  1.00 29.75 ? 165 GLU A CB  1 
ATOM   839  C  CG  . GLU A 1 117 ? 19.645  -3.455  -9.770  1.00 35.01 ? 165 GLU A CG  1 
ATOM   840  C  CD  . GLU A 1 117 ? 21.058  -3.572  -10.315 1.00 44.34 ? 165 GLU A CD  1 
ATOM   841  O  OE1 . GLU A 1 117 ? 21.950  -4.051  -9.579  1.00 49.34 ? 165 GLU A OE1 1 
ATOM   842  O  OE2 . GLU A 1 117 ? 21.250  -3.192  -11.475 1.00 51.90 ? 165 GLU A OE2 1 
ATOM   843  N  N   . MET A 1 118 ? 15.368  -5.664  -8.807  1.00 21.58 ? 166 MET A N   1 
ATOM   844  C  CA  . MET A 1 118 ? 14.325  -6.674  -8.849  1.00 19.81 ? 166 MET A CA  1 
ATOM   845  C  C   . MET A 1 118 ? 13.010  -6.008  -9.262  1.00 18.04 ? 166 MET A C   1 
ATOM   846  O  O   . MET A 1 118 ? 11.940  -6.364  -8.667  1.00 16.93 ? 166 MET A O   1 
ATOM   847  C  CB  . MET A 1 118 ? 14.167  -7.307  -7.462  1.00 24.03 ? 166 MET A CB  1 
ATOM   848  C  CG  . MET A 1 118 ? 15.250  -8.267  -7.074  1.00 26.73 ? 166 MET A CG  1 
ATOM   849  S  SD  . MET A 1 118 ? 15.066  -8.753  -5.385  1.00 27.90 ? 166 MET A SD  1 
ATOM   850  C  CE  . MET A 1 118 ? 16.746  -9.257  -5.008  1.00 31.90 ? 166 MET A CE  1 
ATOM   851  N  N   . SER A 1 119 ? 12.963  -5.129  -10.256 1.00 18.31 ? 167 SER A N   1 
ATOM   852  C  CA  . SER A 1 119 ? 11.767  -4.418  -10.643 1.00 18.04 ? 167 SER A CA  1 
ATOM   853  C  C   . SER A 1 119 ? 10.610  -5.350  -11.078 1.00 16.88 ? 167 SER A C   1 
ATOM   854  O  O   . SER A 1 119 ? 9.458   -4.944  -11.088 1.00 15.88 ? 167 SER A O   1 
ATOM   855  C  CB  . SER A 1 119 ? 12.038  -3.330  -11.648 1.00 22.66 ? 167 SER A CB  1 
ATOM   856  O  OG  . SER A 1 119 ? 12.474  -3.913  -12.844 1.00 26.37 ? 167 SER A OG  1 
ATOM   857  N  N   . VAL A 1 120 ? 10.957  -6.586  -11.486 1.00 18.10 ? 168 VAL A N   1 
ATOM   858  C  CA  . VAL A 1 120 ? 9.970   -7.581  -11.832 1.00 18.22 ? 168 VAL A CA  1 
ATOM   859  C  C   . VAL A 1 120 ? 8.961   -7.769  -10.699 1.00 16.48 ? 168 VAL A C   1 
ATOM   860  O  O   . VAL A 1 120 ? 7.832   -8.208  -10.959 1.00 17.10 ? 168 VAL A O   1 
ATOM   861  C  CB  . VAL A 1 120 ? 10.667  -8.898  -12.182 1.00 19.98 ? 168 VAL A CB  1 
ATOM   862  C  CG1 . VAL A 1 120 ? 11.405  -9.476  -11.012 1.00 19.70 ? 168 VAL A CG1 1 
ATOM   863  C  CG2 . VAL A 1 120 ? 9.685   -9.884  -12.773 1.00 21.88 ? 168 VAL A CG2 1 
ATOM   864  N  N   . LEU A 1 121 ? 9.383   -7.504  -9.467  1.00 14.07 ? 169 LEU A N   1 
ATOM   865  C  CA  . LEU A 1 121 ? 8.464   -7.682  -8.345  1.00 12.62 ? 169 LEU A CA  1 
ATOM   866  C  C   . LEU A 1 121 ? 7.355   -6.634  -8.283  1.00 12.10 ? 169 LEU A C   1 
ATOM   867  O  O   . LEU A 1 121 ? 6.322   -6.937  -7.663  1.00 10.86 ? 169 LEU A O   1 
ATOM   868  C  CB  . LEU A 1 121 ? 9.206   -7.727  -7.022  1.00 13.38 ? 169 LEU A CB  1 
ATOM   869  C  CG  . LEU A 1 121 ? 10.205  -8.860  -6.853  1.00 16.68 ? 169 LEU A CG  1 
ATOM   870  C  CD1 . LEU A 1 121 ? 10.829  -8.870  -5.465  1.00 15.77 ? 169 LEU A CD1 1 
ATOM   871  C  CD2 . LEU A 1 121 ? 9.526   -10.192 -7.227  1.00 21.37 ? 169 LEU A CD2 1 
ATOM   872  N  N   . VAL A 1 122 ? 7.533   -5.462  -8.860  1.00 11.44 ? 170 VAL A N   1 
ATOM   873  C  CA  . VAL A 1 122 ? 6.496   -4.397  -8.676  1.00 11.49 ? 170 VAL A CA  1 
ATOM   874  C  C   . VAL A 1 122 ? 5.114   -4.895  -9.115  1.00 11.93 ? 170 VAL A C   1 
ATOM   875  O  O   . VAL A 1 122 ? 4.110   -4.769  -8.366  1.00 11.99 ? 170 VAL A O   1 
ATOM   876  C  CB  . VAL A 1 122 ? 6.877   -3.093  -9.423  1.00 11.45 ? 170 VAL A CB  1 
ATOM   877  C  CG1 . VAL A 1 122 ? 5.760   -2.087  -9.369  1.00 12.56 ? 170 VAL A CG1 1 
ATOM   878  C  CG2 . VAL A 1 122 ? 8.153   -2.521  -8.851  1.00 11.42 ? 170 VAL A CG2 1 
ATOM   879  N  N   . ASP A 1 123 ? 4.988   -5.499  -10.311 1.00 11.40 ? 171 ASP A N   1 
ATOM   880  C  CA  . ASP A 1 123 ? 3.653   -5.900  -10.765 1.00 12.68 ? 171 ASP A CA  1 
ATOM   881  C  C   . ASP A 1 123 ? 3.074   -7.003  -9.858  1.00 11.61 ? 171 ASP A C   1 
ATOM   882  O  O   . ASP A 1 123 ? 1.881   -7.090  -9.666  1.00 11.75 ? 171 ASP A O   1 
ATOM   883  C  CB  . ASP A 1 123 ? 3.697   -6.414  -12.221 1.00 14.72 ? 171 ASP A CB  1 
ATOM   884  C  CG  . ASP A 1 123 ? 3.960   -5.366  -13.290 1.00 21.62 ? 171 ASP A CG  1 
ATOM   885  O  OD1 . ASP A 1 123 ? 3.791   -4.211  -13.028 1.00 24.39 ? 171 ASP A OD1 1 
ATOM   886  O  OD2 . ASP A 1 123 ? 4.264   -5.749  -14.436 1.00 27.60 ? 171 ASP A OD2 1 
ATOM   887  N  N   . ASN A 1 124 ? 3.961   -7.877  -9.363  1.00 10.43 ? 172 ASN A N   1 
ATOM   888  C  CA  . ASN A 1 124 ? 3.578   -8.933  -8.456  1.00 10.02 ? 172 ASN A CA  1 
ATOM   889  C  C   . ASN A 1 124 ? 3.033   -8.365  -7.136  1.00 10.12 ? 172 ASN A C   1 
ATOM   890  O  O   . ASN A 1 124 ? 1.945   -8.763  -6.692  1.00 10.33 ? 172 ASN A O   1 
ATOM   891  C  CB  . ASN A 1 124 ? 4.748   -9.913  -8.249  1.00 9.90  ? 172 ASN A CB  1 
ATOM   892  C  CG  . ASN A 1 124 ? 4.979   -10.812 -9.444  1.00 10.58 ? 172 ASN A CG  1 
ATOM   893  O  OD1 . ASN A 1 124 ? 4.163   -11.694 -9.691  1.00 12.50 ? 172 ASN A OD1 1 
ATOM   894  N  ND2 . ASN A 1 124 ? 5.948   -10.472 -10.295 1.00 12.39 ? 172 ASN A ND2 1 
ATOM   895  N  N   . ILE A 1 125 ? 3.778   -7.422  -6.543  1.00 10.10 ? 173 ILE A N   1 
ATOM   896  C  CA  . ILE A 1 125 ? 3.327   -6.760  -5.296  1.00 10.02 ? 173 ILE A CA  1 
ATOM   897  C  C   . ILE A 1 125 ? 1.991   -6.051  -5.530  1.00 10.77 ? 173 ILE A C   1 
ATOM   898  O  O   . ILE A 1 125 ? 1.107   -6.157  -4.633  1.00 10.22 ? 173 ILE A O   1 
ATOM   899  C  CB  . ILE A 1 125 ? 4.386   -5.804  -4.784  1.00 10.37 ? 173 ILE A CB  1 
ATOM   900  C  CG1 . ILE A 1 125 ? 5.669   -6.521  -4.430  1.00 10.95 ? 173 ILE A CG1 1 
ATOM   901  C  CG2 . ILE A 1 125 ? 3.840   -5.010  -3.573  1.00 11.02 ? 173 ILE A CG2 1 
ATOM   902  C  CD1 . ILE A 1 125 ? 6.905   -5.640  -4.502  1.00 11.83 ? 173 ILE A CD1 1 
ATOM   903  N  N   . ALA A 1 126 ? 1.815   -5.372  -6.652  1.00 9.91  ? 174 ALA A N   1 
ATOM   904  C  CA  . ALA A 1 126 ? 0.559   -4.722  -6.928  1.00 11.02 ? 174 ALA A CA  1 
ATOM   905  C  C   . ALA A 1 126 ? -0.588  -5.729  -6.930  1.00 11.18 ? 174 ALA A C   1 
ATOM   906  O  O   . ALA A 1 126 ? -1.681  -5.493  -6.367  1.00 12.00 ? 174 ALA A O   1 
ATOM   907  C  CB  . ALA A 1 126 ? 0.651   -3.972  -8.225  1.00 12.83 ? 174 ALA A CB  1 
ATOM   908  N  N   . ALA A 1 127 ? -0.361  -6.883  -7.567  1.00 9.99  ? 175 ALA A N   1 
ATOM   909  C  CA  . ALA A 1 127 ? -1.357  -7.946  -7.585  1.00 10.60 ? 175 ALA A CA  1 
ATOM   910  C  C   . ALA A 1 127 ? -1.659  -8.466  -6.179  1.00 11.37 ? 175 ALA A C   1 
ATOM   911  O  O   . ALA A 1 127 ? -2.836  -8.735  -5.818  1.00 11.59 ? 175 ALA A O   1 
ATOM   912  C  CB  . ALA A 1 127 ? -0.880  -9.109  -8.440  1.00 12.72 ? 175 ALA A CB  1 
ATOM   913  N  N   . TRP A 1 128 ? -0.621  -8.627  -5.359  1.00 9.94  ? 176 TRP A N   1 
ATOM   914  C  CA  . TRP A 1 128 ? -0.827  -9.088  -3.992  1.00 10.41 ? 176 TRP A CA  1 
ATOM   915  C  C   . TRP A 1 128 ? -1.718  -8.122  -3.218  1.00 11.11 ? 176 TRP A C   1 
ATOM   916  O  O   . TRP A 1 128 ? -2.547  -8.563  -2.436  1.00 10.68 ? 176 TRP A O   1 
ATOM   917  C  CB  . TRP A 1 128 ? 0.494   -9.294  -3.265  1.00 10.83 ? 176 TRP A CB  1 
ATOM   918  C  CG  . TRP A 1 128 ? 1.422   -10.280 -3.928  1.00 10.42 ? 176 TRP A CG  1 
ATOM   919  C  CD1 . TRP A 1 128 ? 1.052   -11.222 -4.829  1.00 12.24 ? 176 TRP A CD1 1 
ATOM   920  C  CD2 . TRP A 1 128 ? 2.850   -10.345 -3.824  1.00 9.94  ? 176 TRP A CD2 1 
ATOM   921  N  NE1 . TRP A 1 128 ? 2.149   -11.917 -5.259  1.00 11.48 ? 176 TRP A NE1 1 
ATOM   922  C  CE2 . TRP A 1 128 ? 3.267   -11.382 -4.709  1.00 10.07 ? 176 TRP A CE2 1 
ATOM   923  C  CE3 . TRP A 1 128 ? 3.815   -9.694  -3.068  1.00 11.06 ? 176 TRP A CE3 1 
ATOM   924  C  CZ2 . TRP A 1 128 ? 4.616   -11.713 -4.868  1.00 10.48 ? 176 TRP A CZ2 1 
ATOM   925  C  CZ3 . TRP A 1 128 ? 5.153   -10.014 -3.245  1.00 11.67 ? 176 TRP A CZ3 1 
ATOM   926  C  CH2 . TRP A 1 128 ? 5.536   -11.046 -4.100  1.00 11.69 ? 176 TRP A CH2 1 
ATOM   927  N  N   . MET A 1 129 ? -1.439  -6.848  -3.388  1.00 10.48 ? 177 MET A N   1 
ATOM   928  C  CA  . MET A 1 129 ? -2.215  -5.822  -2.704  1.00 10.02 ? 177 MET A CA  1 
ATOM   929  C  C   . MET A 1 129 ? -3.661  -5.780  -3.173  1.00 11.15 ? 177 MET A C   1 
ATOM   930  O  O   . MET A 1 129 ? -4.564  -5.811  -2.302  1.00 11.26 ? 177 MET A O   1 
ATOM   931  C  CB  . MET A 1 129 ? -1.576  -4.464  -2.910  1.00 10.08 ? 177 MET A CB  1 
ATOM   932  C  CG  . MET A 1 129 ? -0.248  -4.234  -2.266  1.00 10.00 ? 177 MET A CG  1 
ATOM   933  S  SD  . MET A 1 129 ? 0.581   -2.712  -2.782  1.00 10.22 ? 177 MET A SD  1 
ATOM   934  C  CE  . MET A 1 129 ? -0.434  -1.514  -1.911  1.00 12.49 ? 177 MET A CE  1 
ATOM   935  N  N   . ALA A 1 130 ? -3.847  -5.777  -4.468  1.00 11.79 ? 178 ALA A N   1 
ATOM   936  C  CA  . ALA A 1 130 ? -5.224  -5.791  -5.015  1.00 13.07 ? 178 ALA A CA  1 
ATOM   937  C  C   . ALA A 1 130 ? -5.953  -7.032  -4.554  1.00 13.98 ? 178 ALA A C   1 
ATOM   938  O  O   . ALA A 1 130 ? -7.133  -6.970  -4.154  1.00 15.04 ? 178 ALA A O   1 
ATOM   939  C  CB  . ALA A 1 130 ? -5.238  -5.648  -6.494  1.00 13.87 ? 178 ALA A CB  1 
ATOM   940  N  N   . THR A 1 131 ? -5.296  -8.196  -4.569  1.00 13.86 ? 179 THR A N   1 
ATOM   941  C  CA  . THR A 1 131 ? -5.942  -9.425  -4.203  1.00 15.14 ? 179 THR A CA  1 
ATOM   942  C  C   . THR A 1 131 ? -6.339  -9.387  -2.717  1.00 14.63 ? 179 THR A C   1 
ATOM   943  O  O   . THR A 1 131 ? -7.426  -9.833  -2.280  1.00 15.43 ? 179 THR A O   1 
ATOM   944  C  CB  . THR A 1 131 ? -5.120  -10.686 -4.583  1.00 17.02 ? 179 THR A CB  1 
ATOM   945  O  OG1 . THR A 1 131 ? -4.935  -10.673 -5.993  1.00 19.52 ? 179 THR A OG1 1 
ATOM   946  C  CG2 . THR A 1 131 ? -5.841  -11.942 -4.214  1.00 20.16 ? 179 THR A CG2 1 
ATOM   947  N  N   . TYR A 1 132 ? -5.481  -8.898  -1.795  1.00 13.18 ? 180 TYR A N   1 
ATOM   948  C  CA  . TYR A 1 132 ? -5.748  -8.824  -0.388  1.00 13.10 ? 180 TYR A CA  1 
ATOM   949  C  C   . TYR A 1 132 ? -6.933  -7.867  -0.134  1.00 14.25 ? 180 TYR A C   1 
ATOM   950  O  O   . TYR A 1 132 ? -7.841  -8.220  0.665   1.00 13.71 ? 180 TYR A O   1 
ATOM   951  C  CB  . TYR A 1 132 ? -4.510  -8.374  0.413   1.00 13.19 ? 180 TYR A CB  1 
ATOM   952  C  CG  . TYR A 1 132 ? -4.711  -8.595  1.869   1.00 14.41 ? 180 TYR A CG  1 
ATOM   953  C  CD1 . TYR A 1 132 ? -4.447  -9.804  2.507   1.00 15.70 ? 180 TYR A CD1 1 
ATOM   954  C  CD2 . TYR A 1 132 ? -5.124  -7.547  2.693   1.00 15.67 ? 180 TYR A CD2 1 
ATOM   955  C  CE1 . TYR A 1 132 ? -4.746  -9.996  3.837   1.00 16.56 ? 180 TYR A CE1 1 
ATOM   956  C  CE2 . TYR A 1 132 ? -5.362  -7.720  4.051   1.00 15.30 ? 180 TYR A CE2 1 
ATOM   957  C  CZ  . TYR A 1 132 ? -5.163  -8.953  4.639   1.00 18.19 ? 180 TYR A CZ  1 
ATOM   958  O  OH  . TYR A 1 132 ? -5.400  -9.107  5.996   1.00 21.35 ? 180 TYR A OH  1 
ATOM   959  N  N   . LEU A 1 133 ? -6.969  -6.737  -0.823  1.00 13.65 ? 181 LEU A N   1 
ATOM   960  C  CA  . LEU A 1 133 ? -8.126  -5.828  -0.699  1.00 14.51 ? 181 LEU A CA  1 
ATOM   961  C  C   . LEU A 1 133 ? -9.429  -6.549  -1.101  1.00 15.56 ? 181 LEU A C   1 
ATOM   962  O  O   . LEU A 1 133 ? -10.372 -6.557  -0.329  1.00 16.33 ? 181 LEU A O   1 
ATOM   963  C  CB  . LEU A 1 133 ? -7.900  -4.598  -1.537  1.00 13.53 ? 181 LEU A CB  1 
ATOM   964  C  CG  . LEU A 1 133 ? -6.952  -3.572  -0.920  1.00 13.69 ? 181 LEU A CG  1 
ATOM   965  C  CD1 . LEU A 1 133 ? -6.316  -2.749  -1.990  1.00 14.10 ? 181 LEU A CD1 1 
ATOM   966  C  CD2 . LEU A 1 133 ? -7.708  -2.654  0.034   1.00 14.49 ? 181 LEU A CD2 1 
ATOM   967  N  N   . ASN A 1 134 ? -9.369  -7.234  -2.248  1.00 14.92 ? 182 ASN A N   1 
ATOM   968  C  CA  . ASN A 1 134 ? -10.599 -7.843  -2.829  1.00 16.52 ? 182 ASN A CA  1 
ATOM   969  C  C   . ASN A 1 134 ? -11.024 -9.038  -2.000  1.00 16.79 ? 182 ASN A C   1 
ATOM   970  O  O   . ASN A 1 134 ? -12.277 -9.264  -1.814  1.00 19.99 ? 182 ASN A O   1 
ATOM   971  C  CB  . ASN A 1 134 ? -10.395 -8.114  -4.310  1.00 18.11 ? 182 ASN A CB  1 
ATOM   972  C  CG  . ASN A 1 134 ? -10.503 -6.855  -5.125  1.00 19.17 ? 182 ASN A CG  1 
ATOM   973  O  OD1 . ASN A 1 134 ? -11.139 -5.854  -4.689  1.00 27.10 ? 182 ASN A OD1 1 
ATOM   974  N  ND2 . ASN A 1 134 ? -9.860  -6.813  -6.257  1.00 22.02 ? 182 ASN A ND2 1 
ATOM   975  N  N   . ASP A 1 135 ? -10.090 -9.830  -1.509  1.00 18.94 ? 183 ASP A N   1 
ATOM   976  C  CA  . ASP A 1 135 ? -10.457 -11.116 -0.879  1.00 20.30 ? 183 ASP A CA  1 
ATOM   977  C  C   . ASP A 1 135 ? -10.561 -11.011 0.641   1.00 21.28 ? 183 ASP A C   1 
ATOM   978  O  O   . ASP A 1 135 ? -11.254 -11.846 1.270   1.00 22.45 ? 183 ASP A O   1 
ATOM   979  C  CB  . ASP A 1 135 ? -9.557  -12.256 -1.416  1.00 23.23 ? 183 ASP A CB  1 
ATOM   980  C  CG  . ASP A 1 135 ? -9.734  -12.496 -2.916  1.00 23.04 ? 183 ASP A CG  1 
ATOM   981  O  OD1 . ASP A 1 135 ? -10.686 -12.005 -3.514  1.00 32.08 ? 183 ASP A OD1 1 
ATOM   982  O  OD2 . ASP A 1 135 ? -8.823  -13.112 -3.546  1.00 30.20 ? 183 ASP A OD2 1 
ATOM   983  N  N   . HIS A 1 136 ? -9.880  -10.058 1.307   1.00 17.68 ? 184 HIS A N   1 
ATOM   984  C  CA  . HIS A 1 136 ? -9.785  -10.027 2.725   1.00 17.05 ? 184 HIS A CA  1 
ATOM   985  C  C   . HIS A 1 136 ? -10.274 -8.720  3.377   1.00 18.42 ? 184 HIS A C   1 
ATOM   986  O  O   . HIS A 1 136 ? -10.651 -8.751  4.549   1.00 22.05 ? 184 HIS A O   1 
ATOM   987  C  CB  . HIS A 1 136 ? -8.396  -10.381 3.232   1.00 19.38 ? 184 HIS A CB  1 
ATOM   988  C  CG  . HIS A 1 136 ? -7.998  -11.770 2.820   1.00 20.41 ? 184 HIS A CG  1 
ATOM   989  N  ND1 . HIS A 1 136 ? -8.588  -12.903 3.406   1.00 25.32 ? 184 HIS A ND1 1 
ATOM   990  C  CD2 . HIS A 1 136 ? -7.160  -12.211 1.865   1.00 23.79 ? 184 HIS A CD2 1 
ATOM   991  C  CE1 . HIS A 1 136 ? -8.073  -13.976 2.836   1.00 22.66 ? 184 HIS A CE1 1 
ATOM   992  N  NE2 . HIS A 1 136 ? -7.199  -13.590 1.896   1.00 24.23 ? 184 HIS A NE2 1 
ATOM   993  N  N   . LEU A 1 137 ? -10.199 -7.595  2.656   1.00 15.88 ? 185 LEU A N   1 
ATOM   994  C  CA  . LEU A 1 137 ? -10.613 -6.290  3.238   1.00 15.08 ? 185 LEU A CA  1 
ATOM   995  C  C   . LEU A 1 137 ? -11.931 -5.777  2.679   1.00 17.51 ? 185 LEU A C   1 
ATOM   996  O  O   . LEU A 1 137 ? -12.470 -4.814  3.222   1.00 15.48 ? 185 LEU A O   1 
ATOM   997  C  CB  . LEU A 1 137 ? -9.541  -5.215  3.063   1.00 13.34 ? 185 LEU A CB  1 
ATOM   998  C  CG  . LEU A 1 137 ? -8.207  -5.474  3.741   1.00 14.70 ? 185 LEU A CG  1 
ATOM   999  C  CD1 . LEU A 1 137 ? -7.192  -4.411  3.327   1.00 14.23 ? 185 LEU A CD1 1 
ATOM   1000 C  CD2 . LEU A 1 137 ? -8.349  -5.502  5.249   1.00 15.99 ? 185 LEU A CD2 1 
ATOM   1001 N  N   . HIS A 1 138 ? -12.497 -6.403  1.662   1.00 15.83 ? 186 HIS A N   1 
ATOM   1002 C  CA  . HIS A 1 138 ? -13.623 -5.981  0.944   1.00 16.03 ? 186 HIS A CA  1 
ATOM   1003 C  C   . HIS A 1 138 ? -14.852 -5.866  1.863   1.00 15.48 ? 186 HIS A C   1 
ATOM   1004 O  O   . HIS A 1 138 ? -15.547 -4.851  1.746   1.00 16.47 ? 186 HIS A O   1 
ATOM   1005 C  CB  . HIS A 1 138 ? -13.910 -6.909  -0.261  1.00 17.92 ? 186 HIS A CB  1 
ATOM   1006 C  CG  . HIS A 1 138 ? -14.827 -6.329  -1.271  1.00 20.38 ? 186 HIS A CG  1 
ATOM   1007 N  ND1 . HIS A 1 138 ? -16.203 -6.398  -1.150  1.00 24.11 ? 186 HIS A ND1 1 
ATOM   1008 C  CD2 . HIS A 1 138 ? -14.585 -5.745  -2.465  1.00 24.68 ? 186 HIS A CD2 1 
ATOM   1009 C  CE1 . HIS A 1 138 ? -16.761 -5.811  -2.176  1.00 23.00 ? 186 HIS A CE1 1 
ATOM   1010 N  NE2 . HIS A 1 138 ? -15.788 -5.390  -2.995  1.00 29.37 ? 186 HIS A NE2 1 
ATOM   1011 N  N   . THR A 1 139 ? -15.095 -6.898  2.674   1.00 16.78 ? 187 THR A N   1 
ATOM   1012 C  CA  . THR A 1 139 ? -16.292 -6.874  3.504   1.00 17.03 ? 187 THR A CA  1 
ATOM   1013 C  C   . THR A 1 139 ? -16.204 -5.731  4.521   1.00 17.04 ? 187 THR A C   1 
ATOM   1014 O  O   . THR A 1 139 ? -17.185 -4.924  4.734   1.00 16.35 ? 187 THR A O   1 
ATOM   1015 C  CB  . THR A 1 139 ? -16.530 -8.233  4.160   1.00 20.77 ? 187 THR A CB  1 
ATOM   1016 O  OG1 . THR A 1 139 ? -16.782 -9.118  3.062   1.00 22.79 ? 187 THR A OG1 1 
ATOM   1017 C  CG2 . THR A 1 139 ? -17.727 -8.204  5.072   1.00 21.13 ? 187 THR A CG2 1 
ATOM   1018 N  N   . TRP A 1 140 ? -15.032 -5.588  5.122   1.00 14.84 ? 188 TRP A N   1 
ATOM   1019 C  CA  . TRP A 1 140 ? -14.847 -4.548  6.145   1.00 13.88 ? 188 TRP A CA  1 
ATOM   1020 C  C   . TRP A 1 140 ? -15.028 -3.178  5.496   1.00 15.44 ? 188 TRP A C   1 
ATOM   1021 O  O   . TRP A 1 140 ? -15.670 -2.276  6.065   1.00 12.09 ? 188 TRP A O   1 
ATOM   1022 C  CB  . TRP A 1 140 ? -13.473 -4.624  6.816   1.00 14.00 ? 188 TRP A CB  1 
ATOM   1023 C  CG  . TRP A 1 140 ? -13.268 -3.578  7.878   1.00 13.59 ? 188 TRP A CG  1 
ATOM   1024 C  CD1 . TRP A 1 140 ? -13.509 -3.730  9.213   1.00 14.67 ? 188 TRP A CD1 1 
ATOM   1025 C  CD2 . TRP A 1 140 ? -12.879 -2.193  7.716   1.00 12.68 ? 188 TRP A CD2 1 
ATOM   1026 N  NE1 . TRP A 1 140 ? -13.253 -2.583  9.902   1.00 14.64 ? 188 TRP A NE1 1 
ATOM   1027 C  CE2 . TRP A 1 140 ? -12.824 -1.625  9.000   1.00 13.78 ? 188 TRP A CE2 1 
ATOM   1028 C  CE3 . TRP A 1 140 ? -12.535 -1.410  6.601   1.00 12.23 ? 188 TRP A CE3 1 
ATOM   1029 C  CZ2 . TRP A 1 140 ? -12.513 -0.293  9.226   1.00 13.57 ? 188 TRP A CZ2 1 
ATOM   1030 C  CZ3 . TRP A 1 140 ? -12.187 -0.080  6.836   1.00 11.30 ? 188 TRP A CZ3 1 
ATOM   1031 C  CH2 . TRP A 1 140 ? -12.229 0.468   8.107   1.00 12.17 ? 188 TRP A CH2 1 
ATOM   1032 N  N   . ILE A 1 141 ? -14.429 -2.944  4.314   1.00 13.16 ? 189 ILE A N   1 
ATOM   1033 C  CA  . ILE A 1 141 ? -14.569 -1.664  3.614   1.00 13.36 ? 189 ILE A CA  1 
ATOM   1034 C  C   . ILE A 1 141 ? -16.036 -1.356  3.301   1.00 14.87 ? 189 ILE A C   1 
ATOM   1035 O  O   . ILE A 1 141 ? -16.483 -0.249  3.661   1.00 14.69 ? 189 ILE A O   1 
ATOM   1036 C  CB  . ILE A 1 141 ? -13.671 -1.606  2.356   1.00 13.57 ? 189 ILE A CB  1 
ATOM   1037 C  CG1 . ILE A 1 141 ? -12.188 -1.621  2.771   1.00 13.75 ? 189 ILE A CG1 1 
ATOM   1038 C  CG2 . ILE A 1 141 ? -14.025 -0.433  1.472   1.00 13.74 ? 189 ILE A CG2 1 
ATOM   1039 C  CD1 . ILE A 1 141 ? -11.225 -1.755  1.600   1.00 14.65 ? 189 ILE A CD1 1 
ATOM   1040 N  N   . GLN A 1 142 ? -16.802 -2.329  2.803   1.00 14.96 ? 190 GLN A N   1 
ATOM   1041 C  CA  . GLN A 1 142 ? -18.208 -2.107  2.500   1.00 17.77 ? 190 GLN A CA  1 
ATOM   1042 C  C   . GLN A 1 142 ? -18.959 -1.787  3.809   1.00 15.64 ? 190 GLN A C   1 
ATOM   1043 O  O   . GLN A 1 142 ? -19.731 -0.800  3.856   1.00 16.28 ? 190 GLN A O   1 
ATOM   1044 C  CB  . GLN A 1 142 ? -18.770 -3.357  1.822   1.00 19.72 ? 190 GLN A CB  1 
ATOM   1045 C  CG  . GLN A 1 142 ? -20.224 -3.189  1.383   1.00 25.30 ? 190 GLN A CG  1 
ATOM   1046 C  CD  . GLN A 1 142 ? -20.654 -4.247  0.396   1.00 33.43 ? 190 GLN A CD  1 
ATOM   1047 O  OE1 . GLN A 1 142 ? -20.310 -4.193  -0.796  1.00 40.94 ? 190 GLN A OE1 1 
ATOM   1048 N  NE2 . GLN A 1 142 ? -21.399 -5.221  0.892   1.00 41.41 ? 190 GLN A NE2 1 
ATOM   1049 N  N   . ASP A 1 143 ? -18.691 -2.544  4.852   1.00 14.35 ? 191 ASP A N   1 
ATOM   1050 C  CA  . ASP A 1 143 ? -19.441 -2.429  6.136   1.00 14.22 ? 191 ASP A CA  1 
ATOM   1051 C  C   . ASP A 1 143 ? -19.119 -1.094  6.795   1.00 15.91 ? 191 ASP A C   1 
ATOM   1052 O  O   . ASP A 1 143 ? -19.895 -0.641  7.627   1.00 17.61 ? 191 ASP A O   1 
ATOM   1053 C  CB  . ASP A 1 143 ? -19.156 -3.603  7.049   1.00 15.08 ? 191 ASP A CB  1 
ATOM   1054 C  CG  . ASP A 1 143 ? -19.809 -4.923  6.640   1.00 18.19 ? 191 ASP A CG  1 
ATOM   1055 O  OD1 . ASP A 1 143 ? -20.622 -4.892  5.761   1.00 20.51 ? 191 ASP A OD1 1 
ATOM   1056 O  OD2 . ASP A 1 143 ? -19.368 -5.929  7.228   1.00 22.44 ? 191 ASP A OD2 1 
ATOM   1057 N  N   . ASN A 1 144 ? -17.949 -0.485  6.495   1.00 13.21 ? 192 ASN A N   1 
ATOM   1058 C  CA  . ASN A 1 144 ? -17.511 0.749   7.133   1.00 13.94 ? 192 ASN A CA  1 
ATOM   1059 C  C   . ASN A 1 144 ? -17.766 1.932   6.193   1.00 13.62 ? 192 ASN A C   1 
ATOM   1060 O  O   . ASN A 1 144 ? -17.274 3.046   6.471   1.00 15.19 ? 192 ASN A O   1 
ATOM   1061 C  CB  . ASN A 1 144 ? -16.069 0.611   7.606   1.00 13.36 ? 192 ASN A CB  1 
ATOM   1062 C  CG  . ASN A 1 144 ? -15.988 -0.139  8.907   1.00 12.23 ? 192 ASN A CG  1 
ATOM   1063 O  OD1 . ASN A 1 144 ? -15.879 0.458   9.973   1.00 13.67 ? 192 ASN A OD1 1 
ATOM   1064 N  ND2 . ASN A 1 144 ? -16.115 -1.474  8.831   1.00 13.97 ? 192 ASN A ND2 1 
ATOM   1065 N  N   . GLY A 1 145 ? -18.548 1.796   5.137   1.00 12.56 ? 193 GLY A N   1 
ATOM   1066 C  CA  . GLY A 1 145 ? -19.037 2.874   4.337   1.00 12.67 ? 193 GLY A CA  1 
ATOM   1067 C  C   . GLY A 1 145 ? -18.216 3.187   3.092   1.00 13.84 ? 193 GLY A C   1 
ATOM   1068 O  O   . GLY A 1 145 ? -18.470 4.221   2.437   1.00 14.52 ? 193 GLY A O   1 
ATOM   1069 N  N   . GLY A 1 146 ? -17.294 2.286   2.735   1.00 13.43 ? 194 GLY A N   1 
ATOM   1070 C  CA  . GLY A 1 146 ? -16.549 2.401   1.511   1.00 13.64 ? 194 GLY A CA  1 
ATOM   1071 C  C   . GLY A 1 146 ? -15.507 3.502   1.569   1.00 12.82 ? 194 GLY A C   1 
ATOM   1072 O  O   . GLY A 1 146 ? -15.289 4.149   2.578   1.00 12.42 ? 194 GLY A O   1 
ATOM   1073 N  N   . TRP A 1 147 ? -14.828 3.691   0.436   1.00 12.72 ? 195 TRP A N   1 
ATOM   1074 C  CA  . TRP A 1 147 ? -13.768 4.707   0.338   1.00 10.85 ? 195 TRP A CA  1 
ATOM   1075 C  C   . TRP A 1 147 ? -14.327 6.120   0.562   1.00 11.45 ? 195 TRP A C   1 
ATOM   1076 O  O   . TRP A 1 147 ? -13.571 7.002   0.987   1.00 11.71 ? 195 TRP A O   1 
ATOM   1077 C  CB  . TRP A 1 147 ? -12.982 4.567   -0.988  1.00 11.29 ? 195 TRP A CB  1 
ATOM   1078 C  CG  . TRP A 1 147 ? -12.112 3.352   -0.992  1.00 11.64 ? 195 TRP A CG  1 
ATOM   1079 C  CD1 . TRP A 1 147 ? -12.278 2.141   -1.586  1.00 13.88 ? 195 TRP A CD1 1 
ATOM   1080 C  CD2 . TRP A 1 147 ? -10.850 3.272   -0.313  1.00 11.56 ? 195 TRP A CD2 1 
ATOM   1081 N  NE1 . TRP A 1 147 ? -11.229 1.319   -1.310  1.00 13.93 ? 195 TRP A NE1 1 
ATOM   1082 C  CE2 . TRP A 1 147 ? -10.328 1.984   -0.525  1.00 13.13 ? 195 TRP A CE2 1 
ATOM   1083 C  CE3 . TRP A 1 147 ? -10.159 4.207   0.455   1.00 11.35 ? 195 TRP A CE3 1 
ATOM   1084 C  CZ2 . TRP A 1 147 ? -9.084  1.634   -0.008  1.00 12.82 ? 195 TRP A CZ2 1 
ATOM   1085 C  CZ3 . TRP A 1 147 ? -8.916  3.871   0.966   1.00 12.32 ? 195 TRP A CZ3 1 
ATOM   1086 C  CH2 . TRP A 1 147 ? -8.407  2.583   0.736   1.00 12.62 ? 195 TRP A CH2 1 
ATOM   1087 N  N   . ASP A 1 148 ? -15.614 6.344   0.323   1.00 11.63 ? 196 ASP A N   1 
ATOM   1088 C  CA  . ASP A 1 148 ? -16.174 7.655   0.612   1.00 12.22 ? 196 ASP A CA  1 
ATOM   1089 C  C   . ASP A 1 148 ? -16.079 7.923   2.112   1.00 11.00 ? 196 ASP A C   1 
ATOM   1090 O  O   . ASP A 1 148 ? -15.855 9.106   2.501   1.00 11.05 ? 196 ASP A O   1 
ATOM   1091 C  CB  . ASP A 1 148 ? -17.610 7.794   0.119   1.00 14.13 ? 196 ASP A CB  1 
ATOM   1092 C  CG  . ASP A 1 148 ? -17.759 7.890   -1.388  1.00 17.81 ? 196 ASP A CG  1 
ATOM   1093 O  OD1 . ASP A 1 148 ? -16.870 8.396   -2.023  1.00 21.27 ? 196 ASP A OD1 1 
ATOM   1094 O  OD2 . ASP A 1 148 ? -18.883 7.441   -1.845  1.00 25.15 ? 196 ASP A OD2 1 
ATOM   1095 N  N   . ALA A 1 149 ? -16.337 6.917   2.975   1.00 10.86 ? 197 ALA A N   1 
ATOM   1096 C  CA  . ALA A 1 149 ? -16.246 7.125   4.421   1.00 10.42 ? 197 ALA A CA  1 
ATOM   1097 C  C   . ALA A 1 149 ? -14.803 7.457   4.848   1.00 9.73  ? 197 ALA A C   1 
ATOM   1098 O  O   . ALA A 1 149 ? -14.580 8.299   5.726   1.00 10.05 ? 197 ALA A O   1 
ATOM   1099 C  CB  . ALA A 1 149 ? -16.772 5.926   5.172   1.00 10.52 ? 197 ALA A CB  1 
ATOM   1100 N  N   . PHE A 1 150 ? -13.821 6.801   4.219   1.00 9.58  ? 198 PHE A N   1 
ATOM   1101 C  CA  . PHE A 1 150 ? -12.402 7.144   4.451   1.00 8.83  ? 198 PHE A CA  1 
ATOM   1102 C  C   . PHE A 1 150 ? -12.153 8.635   4.236   1.00 9.32  ? 198 PHE A C   1 
ATOM   1103 O  O   . PHE A 1 150 ? -11.519 9.322   5.037   1.00 9.01  ? 198 PHE A O   1 
ATOM   1104 C  CB  . PHE A 1 150 ? -11.519 6.319   3.527   1.00 9.16  ? 198 PHE A CB  1 
ATOM   1105 C  CG  . PHE A 1 150 ? -10.066 6.716   3.518   1.00 9.45  ? 198 PHE A CG  1 
ATOM   1106 C  CD1 . PHE A 1 150 ? -9.267  6.521   4.631   1.00 9.40  ? 198 PHE A CD1 1 
ATOM   1107 C  CD2 . PHE A 1 150 ? -9.508  7.335   2.425   1.00 9.52  ? 198 PHE A CD2 1 
ATOM   1108 C  CE1 . PHE A 1 150 ? -7.949  6.894   4.654   1.00 9.67  ? 198 PHE A CE1 1 
ATOM   1109 C  CE2 . PHE A 1 150 ? -8.180  7.694   2.441   1.00 10.11 ? 198 PHE A CE2 1 
ATOM   1110 C  CZ  . PHE A 1 150 ? -7.394  7.446   3.554   1.00 9.97  ? 198 PHE A CZ  1 
ATOM   1111 N  N   . VAL A 1 151 ? -12.703 9.172   3.124   1.00 9.91  ? 199 VAL A N   1 
ATOM   1112 C  CA  . VAL A 1 151 ? -12.561 10.595  2.818   1.00 9.77  ? 199 VAL A CA  1 
ATOM   1113 C  C   . VAL A 1 151 ? -13.300 11.482  3.815   1.00 9.66  ? 199 VAL A C   1 
ATOM   1114 O  O   . VAL A 1 151 ? -12.814 12.524  4.233   1.00 10.87 ? 199 VAL A O   1 
ATOM   1115 C  CB  . VAL A 1 151 ? -12.978 10.900  1.381   1.00 9.95  ? 199 VAL A CB  1 
ATOM   1116 C  CG1 . VAL A 1 151 ? -12.901 12.390  1.094   1.00 9.73  ? 199 VAL A CG1 1 
ATOM   1117 C  CG2 . VAL A 1 151 ? -12.108 10.108  0.421   1.00 11.07 ? 199 VAL A CG2 1 
ATOM   1118 N  N   . GLU A 1 152 ? -14.503 11.065  4.196   1.00 9.47  ? 200 GLU A N   1 
ATOM   1119 C  CA  . GLU A 1 152 ? -15.279 11.843  5.217   1.00 10.56 ? 200 GLU A CA  1 
ATOM   1120 C  C   . GLU A 1 152 ? -14.476 12.029  6.492   1.00 10.98 ? 200 GLU A C   1 
ATOM   1121 O  O   . GLU A 1 152 ? -14.559 13.111  7.116   1.00 13.06 ? 200 GLU A O   1 
ATOM   1122 C  CB  . GLU A 1 152 ? -16.557 11.103  5.604   1.00 11.14 ? 200 GLU A CB  1 
ATOM   1123 C  CG  . GLU A 1 152 ? -17.630 11.064  4.519   1.00 12.42 ? 200 GLU A CG  1 
ATOM   1124 C  CD  . GLU A 1 152 ? -18.827 10.191  4.821   1.00 14.00 ? 200 GLU A CD  1 
ATOM   1125 O  OE1 . GLU A 1 152 ? -18.843 9.384   5.780   1.00 12.04 ? 200 GLU A OE1 1 
ATOM   1126 O  OE2 . GLU A 1 152 ? -19.822 10.231  3.994   1.00 15.61 ? 200 GLU A OE2 1 
ATOM   1127 N  N   . LEU A 1 153 ? -13.718 10.990  6.881   1.00 9.62  ? 201 LEU A N   1 
ATOM   1128 C  CA  . LEU A 1 153 ? -12.981 11.057  8.160   1.00 10.64 ? 201 LEU A CA  1 
ATOM   1129 C  C   . LEU A 1 153 ? -11.623 11.759  8.011   1.00 10.09 ? 201 LEU A C   1 
ATOM   1130 O  O   . LEU A 1 153 ? -11.229 12.558  8.845   1.00 11.55 ? 201 LEU A O   1 
ATOM   1131 C  CB  . LEU A 1 153 ? -12.736 9.637   8.683   1.00 10.64 ? 201 LEU A CB  1 
ATOM   1132 C  CG  . LEU A 1 153 ? -13.998 8.867   9.043   1.00 10.57 ? 201 LEU A CG  1 
ATOM   1133 C  CD1 . LEU A 1 153 ? -13.715 7.428   9.299   1.00 11.98 ? 201 LEU A CD1 1 
ATOM   1134 C  CD2 . LEU A 1 153 ? -14.752 9.479   10.252  1.00 11.29 ? 201 LEU A CD2 1 
ATOM   1135 N  N   . TYR A 1 154 ? -10.904 11.464  6.898   1.00 10.03 ? 202 TYR A N   1 
ATOM   1136 C  CA  . TYR A 1 154 ? -9.465  11.771  6.789   1.00 10.51 ? 202 TYR A CA  1 
ATOM   1137 C  C   . TYR A 1 154 ? -9.119  12.655  5.597   1.00 11.52 ? 202 TYR A C   1 
ATOM   1138 O  O   . TYR A 1 154 ? -7.891  12.888  5.388   1.00 12.34 ? 202 TYR A O   1 
ATOM   1139 C  CB  . TYR A 1 154 ? -8.645  10.462  6.829   1.00 9.80  ? 202 TYR A CB  1 
ATOM   1140 C  CG  . TYR A 1 154 ? -8.903  9.667   8.079   1.00 9.57  ? 202 TYR A CG  1 
ATOM   1141 C  CD1 . TYR A 1 154 ? -8.641  10.197  9.334   1.00 9.57  ? 202 TYR A CD1 1 
ATOM   1142 C  CD2 . TYR A 1 154 ? -9.484  8.427   7.981   1.00 8.78  ? 202 TYR A CD2 1 
ATOM   1143 C  CE1 . TYR A 1 154 ? -8.983  9.489   10.481  1.00 9.79  ? 202 TYR A CE1 1 
ATOM   1144 C  CE2 . TYR A 1 154 ? -9.845  7.725   9.119   1.00 8.60  ? 202 TYR A CE2 1 
ATOM   1145 C  CZ  . TYR A 1 154 ? -9.557  8.244   10.344  1.00 10.04 ? 202 TYR A CZ  1 
ATOM   1146 O  OH  . TYR A 1 154 ? -9.975  7.602   11.506  1.00 10.38 ? 202 TYR A OH  1 
ATOM   1147 N  N   . GLY A 1 155 ? -10.112 13.199  4.922   1.00 12.24 ? 203 GLY A N   1 
ATOM   1148 C  CA  . GLY A 1 155 ? -9.847  14.149  3.836   1.00 15.66 ? 203 GLY A CA  1 
ATOM   1149 C  C   . GLY A 1 155 ? -9.470  15.516  4.385   1.00 20.34 ? 203 GLY A C   1 
ATOM   1150 O  O   . GLY A 1 155 ? -10.122 15.966  5.295   1.00 20.89 ? 203 GLY A O   1 
HETATM 1151 C  C1  . J1H B 2 .   ? 3.433   -0.882  8.112   1.00 10.31 ? 401 J1H A C1  1 
HETATM 1152 C  C2  . J1H B 2 .   ? 3.937   -0.011  7.166   1.00 10.55 ? 401 J1H A C2  1 
HETATM 1153 C  C3  . J1H B 2 .   ? 5.199   0.555   7.305   1.00 10.87 ? 401 J1H A C3  1 
HETATM 1154 CL CL4 . J1H B 2 .   ? 5.841   1.670   6.089   1.00 12.49 ? 401 J1H A CL4 1 
HETATM 1155 C  C5  . J1H B 2 .   ? 5.979   0.243   8.415   1.00 11.06 ? 401 J1H A C5  1 
HETATM 1156 C  C6  . J1H B 2 .   ? 5.481   -0.622  9.355   1.00 11.17 ? 401 J1H A C6  1 
HETATM 1157 C  C7  . J1H B 2 .   ? 4.211   -1.199  9.231   1.00 11.35 ? 401 J1H A C7  1 
HETATM 1158 C  C8  . J1H B 2 .   ? 3.743   -2.123  10.281  1.00 11.96 ? 401 J1H A C8  1 
HETATM 1159 C  C9  . J1H B 2 .   ? 3.496   -3.443  9.783   1.00 12.34 ? 401 J1H A C9  1 
HETATM 1160 C  C10 . J1H B 2 .   ? 3.055   -4.452  10.600  1.00 14.17 ? 401 J1H A C10 1 
HETATM 1161 C  C11 . J1H B 2 .   ? 2.846   -4.177  11.938  1.00 14.16 ? 401 J1H A C11 1 
HETATM 1162 C  C12 . J1H B 2 .   ? 3.076   -2.910  12.449  1.00 14.56 ? 401 J1H A C12 1 
HETATM 1163 C  C13 . J1H B 2 .   ? 3.536   -1.855  11.603  1.00 13.13 ? 401 J1H A C13 1 
HETATM 1164 C  C14 . J1H B 2 .   ? 3.773   -0.517  12.166  1.00 13.26 ? 401 J1H A C14 1 
HETATM 1165 N  N15 . J1H B 2 .   ? 2.438   0.038   12.679  1.00 12.93 ? 401 J1H A N15 1 
HETATM 1166 C  C18 . J1H B 2 .   ? 1.411   0.092   11.566  1.00 12.18 ? 401 J1H A C18 1 
HETATM 1167 C  C19 . J1H B 2 .   ? 0.072   0.669   12.065  1.00 12.19 ? 401 J1H A C19 1 
HETATM 1168 C  C16 . J1H B 2 .   ? 2.675   1.414   13.142  1.00 13.47 ? 401 J1H A C16 1 
HETATM 1169 C  C17 . J1H B 2 .   ? 1.392   2.059   13.670  1.00 13.48 ? 401 J1H A C17 1 
HETATM 1170 N  N20 . J1H B 2 .   ? 0.271   1.926   12.719  1.00 11.62 ? 401 J1H A N20 1 
HETATM 1171 C  C21 . J1H B 2 .   ? -0.876  2.756   12.913  1.00 10.75 ? 401 J1H A C21 1 
HETATM 1172 C  C24 . J1H B 2 .   ? -0.775  3.950   13.610  1.00 12.15 ? 401 J1H A C24 1 
HETATM 1173 C  C25 . J1H B 2 .   ? -1.884  4.754   13.798  1.00 12.26 ? 401 J1H A C25 1 
HETATM 1174 C  C22 . J1H B 2 .   ? -2.094  2.391   12.416  1.00 11.35 ? 401 J1H A C22 1 
HETATM 1175 C  C23 . J1H B 2 .   ? -3.202  3.173   12.591  1.00 11.33 ? 401 J1H A C23 1 
HETATM 1176 C  C26 . J1H B 2 .   ? -3.104  4.360   13.284  1.00 10.66 ? 401 J1H A C26 1 
HETATM 1177 C  C27 . J1H B 2 .   ? -4.335  5.240   13.485  1.00 10.83 ? 401 J1H A C27 1 
HETATM 1178 O  O28 . J1H B 2 .   ? -4.189  6.418   14.006  1.00 12.74 ? 401 J1H A O28 1 
HETATM 1179 N  N29 . J1H B 2 .   ? -5.488  4.835   12.908  1.00 10.83 ? 401 J1H A N29 1 
HETATM 1180 S  S30 . J1H B 2 .   ? -6.762  5.751   12.747  1.00 10.65 ? 401 J1H A S30 1 
HETATM 1181 O  O31 . J1H B 2 .   ? -7.744  4.938   12.025  1.00 10.69 ? 401 J1H A O31 1 
HETATM 1182 O  O32 . J1H B 2 .   ? -7.238  6.303   14.040  1.00 12.01 ? 401 J1H A O32 1 
HETATM 1183 C  C33 . J1H B 2 .   ? -6.307  7.096   11.724  1.00 11.09 ? 401 J1H A C33 1 
HETATM 1184 C  C34 . J1H B 2 .   ? -6.318  6.909   10.355  1.00 11.25 ? 401 J1H A C34 1 
HETATM 1185 C  C35 . J1H B 2 .   ? -5.968  7.930   9.504   1.00 10.31 ? 401 J1H A C35 1 
HETATM 1186 N  N36 . J1H B 2 .   ? -6.020  7.608   8.081   1.00 12.01 ? 401 J1H A N36 1 
HETATM 1187 O  O38 . J1H B 2 .   ? -6.393  6.505   7.756   1.00 12.48 ? 401 J1H A O38 1 
HETATM 1188 O  O37 . J1H B 2 .   ? -5.682  8.474   7.200   1.00 14.94 ? 401 J1H A O37 1 
HETATM 1189 C  C39 . J1H B 2 .   ? -5.932  8.353   12.272  1.00 11.86 ? 401 J1H A C39 1 
HETATM 1190 C  C40 . J1H B 2 .   ? -5.576  9.393   11.397  1.00 13.15 ? 401 J1H A C40 1 
HETATM 1191 C  C41 . J1H B 2 .   ? -5.598  9.168   10.002  1.00 12.77 ? 401 J1H A C41 1 
HETATM 1192 N  N42 . J1H B 2 .   ? -5.246  10.192  9.074   1.00 15.25 ? 401 J1H A N42 1 
HETATM 1193 C  C43 . J1H B 2 .   ? -4.792  11.440  9.471   1.00 17.45 ? 401 J1H A C43 1 
HETATM 1194 C  C44 . J1H B 2 .   ? -4.817  12.345  8.174   1.00 19.10 ? 401 J1H A C44 1 
HETATM 1195 C  C45 . J1H B 2 .   ? -4.490  13.792  8.525   1.00 24.47 ? 401 J1H A C45 1 
HETATM 1196 N  N46 . J1H B 2 .   ? -4.670  14.732  7.349   1.00 26.42 ? 401 J1H A N46 1 
HETATM 1197 C  C47 . J1H B 2 .   ? -4.043  14.147  6.139   1.00 23.66 ? 401 J1H A C47 1 
HETATM 1198 C  C49 . J1H B 2 .   ? -4.026  16.029  7.662   1.00 25.85 ? 401 J1H A C49 1 
HETATM 1199 C  C48 . J1H B 2 .   ? -6.080  14.941  7.113   1.00 31.73 ? 401 J1H A C48 1 
HETATM 1200 C  C58 . J1H B 2 .   ? -6.742  15.161  8.467   1.00 40.58 ? 401 J1H A C58 1 
HETATM 1201 O  O60 . J1H B 2 .   ? -7.487  14.299  8.939   1.00 61.08 ? 401 J1H A O60 1 
HETATM 1202 O  O59 . J1H B 2 .   ? -6.531  16.204  9.096   1.00 53.70 ? 401 J1H A O59 1 
HETATM 1203 C  C50 . J1H B 2 .   ? -3.355  11.381  10.059  1.00 16.38 ? 401 J1H A C50 1 
HETATM 1204 S  S51 . J1H B 2 .   ? -2.086  10.635  8.947   1.00 17.18 ? 401 J1H A S51 1 
HETATM 1205 C  C52 . J1H B 2 .   ? -2.214  8.903   9.428   1.00 13.24 ? 401 J1H A C52 1 
HETATM 1206 C  C53 . J1H B 2 .   ? -2.011  8.511   10.721  1.00 11.98 ? 401 J1H A C53 1 
HETATM 1207 C  C54 . J1H B 2 .   ? -2.119  7.188   11.043  1.00 13.23 ? 401 J1H A C54 1 
HETATM 1208 C  C55 . J1H B 2 .   ? -2.431  6.252   10.058  1.00 12.42 ? 401 J1H A C55 1 
HETATM 1209 C  C56 . J1H B 2 .   ? -2.625  6.676   8.793   1.00 11.97 ? 401 J1H A C56 1 
HETATM 1210 C  C57 . J1H B 2 .   ? -2.520  7.963   8.479   1.00 12.72 ? 401 J1H A C57 1 
HETATM 1211 O  O   . HOH C 3 .   ? 6.064   10.059  3.600   1.00 22.59 ? 501 HOH A O   1 
HETATM 1212 O  O   . HOH C 3 .   ? 8.136   16.233  8.626   1.00 43.57 ? 502 HOH A O   1 
HETATM 1213 O  O   . HOH C 3 .   ? 14.731  3.709   -0.304  1.00 40.88 ? 503 HOH A O   1 
HETATM 1214 O  O   . HOH C 3 .   ? -14.590 7.302   -5.634  1.00 25.04 ? 504 HOH A O   1 
HETATM 1215 O  O   . HOH C 3 .   ? -0.995  13.860  8.316   1.00 33.18 ? 505 HOH A O   1 
HETATM 1216 O  O   . HOH C 3 .   ? -10.593 6.794   -11.897 1.00 38.23 ? 506 HOH A O   1 
HETATM 1217 O  O   . HOH C 3 .   ? 13.414  7.732   16.354  1.00 38.11 ? 507 HOH A O   1 
HETATM 1218 O  O   . HOH C 3 .   ? -19.840 6.577   -3.942  1.00 37.39 ? 508 HOH A O   1 
HETATM 1219 O  O   . HOH C 3 .   ? -10.728 -2.992  14.032  1.00 33.77 ? 509 HOH A O   1 
HETATM 1220 O  O   . HOH C 3 .   ? 0.223   14.574  3.131   1.00 26.88 ? 510 HOH A O   1 
HETATM 1221 O  O   . HOH C 3 .   ? -6.258  -14.341 -0.335  1.00 30.50 ? 511 HOH A O   1 
HETATM 1222 O  O   . HOH C 3 .   ? -16.980 -6.083  8.138   1.00 35.73 ? 512 HOH A O   1 
HETATM 1223 O  O   . HOH C 3 .   ? -22.068 9.174   4.632   1.00 23.25 ? 513 HOH A O   1 
HETATM 1224 O  O   . HOH C 3 .   ? -4.325  -7.667  -10.098 1.00 29.96 ? 514 HOH A O   1 
HETATM 1225 O  O   . HOH C 3 .   ? -1.416  -16.410 1.384   1.00 19.94 ? 515 HOH A O   1 
HETATM 1226 O  O   . HOH C 3 .   ? 4.733   2.204   16.249  1.00 34.63 ? 516 HOH A O   1 
HETATM 1227 O  O   . HOH C 3 .   ? -9.803  17.178  7.582   1.00 46.72 ? 517 HOH A O   1 
HETATM 1228 O  O   . HOH C 3 .   ? -4.832  7.812   16.140  1.00 32.97 ? 518 HOH A O   1 
HETATM 1229 O  O   . HOH C 3 .   ? -4.695  -11.226 7.389   1.00 32.49 ? 519 HOH A O   1 
HETATM 1230 O  O   . HOH C 3 .   ? -10.042 14.933  8.844   1.00 24.27 ? 520 HOH A O   1 
HETATM 1231 O  O   . HOH C 3 .   ? 15.059  -16.593 -2.776  1.00 33.08 ? 521 HOH A O   1 
HETATM 1232 O  O   . HOH C 3 .   ? -18.451 -2.380  -1.327  1.00 33.49 ? 522 HOH A O   1 
HETATM 1233 O  O   . HOH C 3 .   ? -20.657 0.808   1.961   1.00 31.12 ? 523 HOH A O   1 
HETATM 1234 O  O   . HOH C 3 .   ? 5.712   7.737   2.085   1.00 12.41 ? 524 HOH A O   1 
HETATM 1235 O  O   . HOH C 3 .   ? 6.670   -7.879  -13.366 1.00 28.09 ? 525 HOH A O   1 
HETATM 1236 O  O   . HOH C 3 .   ? -14.286 13.154  -9.039  1.00 14.88 ? 526 HOH A O   1 
HETATM 1237 O  O   . HOH C 3 .   ? 7.832   -14.767 -3.433  1.00 12.88 ? 527 HOH A O   1 
HETATM 1238 O  O   . HOH C 3 .   ? -7.659  -15.534 -3.281  1.00 34.98 ? 528 HOH A O   1 
HETATM 1239 O  O   . HOH C 3 .   ? 11.745  2.888   1.557   1.00 27.58 ? 529 HOH A O   1 
HETATM 1240 O  O   . HOH C 3 .   ? -16.179 8.901   -4.590  1.00 28.57 ? 530 HOH A O   1 
HETATM 1241 O  O   . HOH C 3 .   ? -4.352  9.630   -9.107  1.00 39.04 ? 531 HOH A O   1 
HETATM 1242 O  O   . HOH C 3 .   ? 1.177   14.596  0.521   1.00 23.23 ? 532 HOH A O   1 
HETATM 1243 O  O   . HOH C 3 .   ? 2.137   -13.398 -9.086  1.00 12.00 ? 533 HOH A O   1 
HETATM 1244 O  O   . HOH C 3 .   ? -10.330 4.934   11.129  1.00 11.77 ? 534 HOH A O   1 
HETATM 1245 O  O   . HOH C 3 .   ? -0.744  8.172   -9.304  1.00 25.53 ? 535 HOH A O   1 
HETATM 1246 O  O   . HOH C 3 .   ? -2.606  -11.212 -1.789  1.00 20.82 ? 536 HOH A O   1 
HETATM 1247 O  O   . HOH C 3 .   ? 6.249   11.086  1.438   1.00 20.20 ? 537 HOH A O   1 
HETATM 1248 O  O   . HOH C 3 .   ? 7.821   6.957   -2.442  1.00 13.88 ? 538 HOH A O   1 
HETATM 1249 O  O   . HOH C 3 .   ? 15.089  -4.349  -12.126 1.00 33.30 ? 539 HOH A O   1 
HETATM 1250 O  O   . HOH C 3 .   ? -14.810 -0.631  12.260  1.00 17.71 ? 540 HOH A O   1 
HETATM 1251 O  O   . HOH C 3 .   ? 5.861   11.750  14.684  1.00 33.74 ? 541 HOH A O   1 
HETATM 1252 O  O   . HOH C 3 .   ? 1.982   -1.022  15.185  1.00 30.96 ? 542 HOH A O   1 
HETATM 1253 O  O   . HOH C 3 .   ? 19.211  0.567   8.372   1.00 27.89 ? 543 HOH A O   1 
HETATM 1254 O  O   . HOH C 3 .   ? 5.860   6.109   -11.524 1.00 23.49 ? 544 HOH A O   1 
HETATM 1255 O  O   . HOH C 3 .   ? -4.940  5.403   -5.296  1.00 13.95 ? 545 HOH A O   1 
HETATM 1256 O  O   . HOH C 3 .   ? -4.384  -10.684 10.214  1.00 24.95 ? 546 HOH A O   1 
HETATM 1257 O  O   . HOH C 3 .   ? -2.158  8.280   14.344  1.00 29.53 ? 547 HOH A O   1 
HETATM 1258 O  O   . HOH C 3 .   ? -2.183  -0.759  14.892  1.00 36.05 ? 548 HOH A O   1 
HETATM 1259 O  O   . HOH C 3 .   ? -12.408 -3.885  -6.181  1.00 29.92 ? 549 HOH A O   1 
HETATM 1260 O  O   . HOH C 3 .   ? -12.116 -0.024  12.674  1.00 16.59 ? 550 HOH A O   1 
HETATM 1261 O  O   . HOH C 3 .   ? 1.455   8.174   -0.248  1.00 11.60 ? 551 HOH A O   1 
HETATM 1262 O  O   . HOH C 3 .   ? -14.080 -10.547 -0.116  1.00 29.02 ? 552 HOH A O   1 
HETATM 1263 O  O   . HOH C 3 .   ? -7.976  -9.124  10.293  1.00 40.32 ? 553 HOH A O   1 
HETATM 1264 O  O   . HOH C 3 .   ? -5.595  12.442  3.843   1.00 13.47 ? 554 HOH A O   1 
HETATM 1265 O  O   . HOH C 3 .   ? 11.791  -11.276 1.049   1.00 21.86 ? 555 HOH A O   1 
HETATM 1266 O  O   . HOH C 3 .   ? -3.795  -5.313  14.217  1.00 26.44 ? 556 HOH A O   1 
HETATM 1267 O  O   . HOH C 3 .   ? -13.174 -7.788  5.339   1.00 19.36 ? 557 HOH A O   1 
HETATM 1268 O  O   . HOH C 3 .   ? -1.582  -12.165 1.031   1.00 33.23 ? 558 HOH A O   1 
HETATM 1269 O  O   . HOH C 3 .   ? 12.096  8.279   20.941  1.00 40.09 ? 559 HOH A O   1 
HETATM 1270 O  O   . HOH C 3 .   ? -14.255 2.765   9.919   1.00 12.69 ? 560 HOH A O   1 
HETATM 1271 O  O   . HOH C 3 .   ? -0.272  -6.346  -11.349 1.00 21.30 ? 561 HOH A O   1 
HETATM 1272 O  O   . HOH C 3 .   ? 11.450  -19.590 -2.153  1.00 28.83 ? 562 HOH A O   1 
HETATM 1273 O  O   . HOH C 3 .   ? 2.770   13.421  9.374   1.00 32.17 ? 563 HOH A O   1 
HETATM 1274 O  O   . HOH C 3 .   ? -10.407 -4.301  -8.045  1.00 30.21 ? 564 HOH A O   1 
HETATM 1275 O  O   . HOH C 3 .   ? -6.278  14.760  2.492   1.00 22.97 ? 565 HOH A O   1 
HETATM 1276 O  O   . HOH C 3 .   ? -9.016  -13.605 -6.350  1.00 34.02 ? 566 HOH A O   1 
HETATM 1277 O  O   . HOH C 3 .   ? 6.982   -5.357  -12.454 1.00 20.51 ? 567 HOH A O   1 
HETATM 1278 O  O   . HOH C 3 .   ? 5.713   3.806   0.969   1.00 10.84 ? 568 HOH A O   1 
HETATM 1279 O  O   . HOH C 3 .   ? -17.356 4.689   -1.265  1.00 19.12 ? 569 HOH A O   1 
HETATM 1280 O  O   . HOH C 3 .   ? -2.411  8.873   -7.048  1.00 28.25 ? 570 HOH A O   1 
HETATM 1281 O  O   . HOH C 3 .   ? 2.573   -12.880 10.670  1.00 26.71 ? 571 HOH A O   1 
HETATM 1282 O  O   . HOH C 3 .   ? -1.394  -12.476 4.976   1.00 32.86 ? 572 HOH A O   1 
HETATM 1283 O  O   . HOH C 3 .   ? 5.818   8.368   16.191  1.00 38.46 ? 573 HOH A O   1 
HETATM 1284 O  O   . HOH C 3 .   ? -8.096  17.767  4.279   1.00 36.16 ? 574 HOH A O   1 
HETATM 1285 O  O   . HOH C 3 .   ? -11.891 12.362  -10.312 1.00 18.32 ? 575 HOH A O   1 
HETATM 1286 O  O   . HOH C 3 .   ? -0.266  -4.976  14.577  1.00 36.60 ? 576 HOH A O   1 
HETATM 1287 O  O   . HOH C 3 .   ? -8.716  8.734   14.649  1.00 11.73 ? 577 HOH A O   1 
HETATM 1288 O  O   . HOH C 3 .   ? -3.206  7.365   -4.766  1.00 18.91 ? 578 HOH A O   1 
HETATM 1289 O  O   . HOH C 3 .   ? -13.453 -9.328  2.418   1.00 24.56 ? 579 HOH A O   1 
HETATM 1290 O  O   . HOH C 3 .   ? 5.679   14.652  10.728  1.00 35.63 ? 580 HOH A O   1 
HETATM 1291 O  O   . HOH C 3 .   ? 2.993   15.424  7.181   1.00 40.46 ? 581 HOH A O   1 
HETATM 1292 O  O   . HOH C 3 .   ? 7.608   5.166   14.057  1.00 21.09 ? 582 HOH A O   1 
HETATM 1293 O  O   . HOH C 3 .   ? -20.450 6.906   5.804   1.00 27.17 ? 583 HOH A O   1 
HETATM 1294 O  O   . HOH C 3 .   ? -15.948 2.074   -1.785  1.00 20.47 ? 584 HOH A O   1 
HETATM 1295 O  O   . HOH C 3 .   ? -6.525  5.010   16.614  1.00 30.20 ? 585 HOH A O   1 
HETATM 1296 O  O   . HOH C 3 .   ? 8.737   7.767   14.316  1.00 31.30 ? 586 HOH A O   1 
HETATM 1297 O  O   . HOH C 3 .   ? -4.553  1.094   15.414  1.00 31.33 ? 587 HOH A O   1 
HETATM 1298 O  O   . HOH C 3 .   ? 7.917   5.048   -0.256  1.00 18.87 ? 588 HOH A O   1 
HETATM 1299 O  O   . HOH C 3 .   ? -9.048  -2.989  15.886  1.00 40.03 ? 589 HOH A O   1 
HETATM 1300 O  O   . HOH C 3 .   ? 8.342   -14.223 6.180   1.00 35.34 ? 590 HOH A O   1 
HETATM 1301 O  O   . HOH C 3 .   ? 5.333   13.998  -3.509  1.00 30.24 ? 591 HOH A O   1 
HETATM 1302 O  O   . HOH C 3 .   ? -5.782  3.044   15.314  1.00 47.10 ? 592 HOH A O   1 
HETATM 1303 O  O   . HOH C 3 .   ? 10.208  -14.098 3.984   1.00 34.46 ? 593 HOH A O   1 
HETATM 1304 O  O   . HOH C 3 .   ? 14.645  -15.935 -5.407  1.00 22.66 ? 594 HOH A O   1 
HETATM 1305 O  O   . HOH C 3 .   ? 0.663   -12.535 11.957  1.00 40.35 ? 595 HOH A O   1 
HETATM 1306 O  O   . HOH C 3 .   ? -7.837  -8.602  7.748   1.00 34.11 ? 596 HOH A O   1 
HETATM 1307 O  O   . HOH C 3 .   ? 13.862  -7.398  -12.241 1.00 28.94 ? 597 HOH A O   1 
HETATM 1308 O  O   . HOH C 3 .   ? -7.869  18.056  5.965   1.00 39.14 ? 598 HOH A O   1 
HETATM 1309 O  O   . HOH C 3 .   ? -10.361 -1.263  -10.218 1.00 27.36 ? 599 HOH A O   1 
HETATM 1310 O  O   . HOH C 3 .   ? 8.543   -1.493  11.324  1.00 31.09 ? 600 HOH A O   1 
HETATM 1311 O  O   . HOH C 3 .   ? -19.725 4.803   7.461   1.00 18.82 ? 601 HOH A O   1 
HETATM 1312 O  O   . HOH C 3 .   ? -11.904 -5.051  13.219  1.00 32.57 ? 602 HOH A O   1 
HETATM 1313 O  O   . HOH C 3 .   ? -1.060  15.462  9.964   1.00 39.14 ? 603 HOH A O   1 
HETATM 1314 O  O   . HOH C 3 .   ? -9.380  18.385  3.253   1.00 36.20 ? 604 HOH A O   1 
HETATM 1315 O  O   . HOH C 3 .   ? -11.754 2.585   11.036  1.00 13.27 ? 605 HOH A O   1 
HETATM 1316 O  O   . HOH C 3 .   ? 7.703   16.299  12.774  1.00 38.73 ? 606 HOH A O   1 
HETATM 1317 O  O   . HOH C 3 .   ? -21.313 2.427   7.128   1.00 27.27 ? 607 HOH A O   1 
HETATM 1318 O  O   . HOH C 3 .   ? 9.161   -18.163 0.978   1.00 17.86 ? 608 HOH A O   1 
HETATM 1319 O  O   . HOH C 3 .   ? -13.186 -11.293 4.240   1.00 37.26 ? 609 HOH A O   1 
HETATM 1320 O  O   . HOH C 3 .   ? -17.889 -0.061  -0.768  1.00 36.56 ? 610 HOH A O   1 
HETATM 1321 O  O   . HOH C 3 .   ? -0.466  -2.605  13.760  1.00 37.98 ? 611 HOH A O   1 
HETATM 1322 O  O   . HOH C 3 .   ? -4.694  11.744  14.052  1.00 28.62 ? 612 HOH A O   1 
HETATM 1323 O  O   . HOH C 3 .   ? -4.613  -12.208 -0.416  1.00 30.32 ? 613 HOH A O   1 
HETATM 1324 O  O   . HOH C 3 .   ? 8.294   9.073   15.965  1.00 38.36 ? 614 HOH A O   1 
HETATM 1325 O  O   . HOH C 3 .   ? -9.513  -16.309 -5.683  1.00 36.88 ? 615 HOH A O   1 
HETATM 1326 O  O   . HOH C 3 .   ? -2.421  -13.023 2.987   1.00 39.50 ? 616 HOH A O   1 
HETATM 1327 O  O   . HOH C 3 .   ? -19.964 1.301   -0.012  1.00 40.19 ? 617 HOH A O   1 
HETATM 1328 O  O   . HOH C 3 .   ? 10.371  -16.910 3.159   1.00 23.71 ? 618 HOH A O   1 
HETATM 1329 O  O   . HOH C 3 .   ? -6.743  17.936  3.238   1.00 37.95 ? 619 HOH A O   1 
HETATM 1330 O  O   . HOH C 3 .   ? 12.931  -17.687 3.990   1.00 38.71 ? 620 HOH A O   1 
# 
